data_9KO7
#
_entry.id   9KO7
#
_cell.length_a   169.983
_cell.length_b   92.781
_cell.length_c   152.709
_cell.angle_alpha   90.00
_cell.angle_beta   91.82
_cell.angle_gamma   90.00
#
_symmetry.space_group_name_H-M   'C 1 2 1'
#
loop_
_entity.id
_entity.type
_entity.pdbx_description
1 polymer 'Angiotensin-converting enzyme'
2 branched alpha-D-mannopyranose-(1-6)-beta-D-mannopyranose-(1-4)-2-acetamido-2-deoxy-beta-D-glucopyranose-(1-4)-2-acetamido-2-deoxy-beta-D-glucopyranose
3 branched 2-acetamido-2-deoxy-beta-D-glucopyranose-(1-4)-[alpha-L-fucopyranose-(1-6)]2-acetamido-2-deoxy-beta-D-glucopyranose
4 branched 2-acetamido-2-deoxy-beta-D-glucopyranose-(1-4)-2-acetamido-2-deoxy-beta-D-glucopyranose
5 non-polymer 2-acetamido-2-deoxy-beta-D-glucopyranose
6 non-polymer 1,2-ETHANEDIOL
#
_entity_poly.entity_id   1
_entity_poly.type   'polypeptide(L)'
_entity_poly.pdbx_seq_one_letter_code
;DVTQEAQTFLAEFNVRAEDISYENSLASWNYNTNITEETARKMSEAGAKWAAFYEEASRNASRFSLANIQDAVTRLQIQS
LQDRGSSVLSPEKYSRLNSVMNSMSTIYSTGVVCKATEPFDCLVLEPGLDDIMANSIDYHERLWAWEGWRADVGRMMRPL
YEEYVELKNEAARLNNYSDYGDYWRANYETDYPEEYKYSRDQLVQDVEKTFEQIKPLYQHLHAYVRHRLEQVYGSELINP
TGCLPAHLLGDMWGRFWTNLYNLTVPYPEKPNIDVTSAMAQKNWDAMKIFKTAEAFFASIGLYNMTEGFWTNSMLTEPTD
NRKVVCHPTAWDMGKNDYRIKMCTKVTMDDFLTAHHEMGHIEYDMAYSVQPFLLRNGANEGFHEAVGEIMSLSAATPQHL
KSLDLLEPTFQEDEETEINFLLKQALTIVGTMPFTYMLEKWRWMVFNGEITKQEWTKRWWKMKREIVGVVEPVPHDETYC
DPAALFHVANDYSFIRYYTRTIYQFQFQEALCKAANHTGPLHKCDITNSTAAGGNLRQLLELGKSKPWTQALESATGEKY
MNATPLLHYFEPLFNWLQKNNSGRSIGWNTDWTPYSD
;
_entity_poly.pdbx_strand_id   B,C,A
#
# COMPACT_ATOMS: atom_id res chain seq x y z
N VAL A 2 -37.46 -6.71 48.61
CA VAL A 2 -37.84 -7.23 47.30
C VAL A 2 -37.04 -6.52 46.21
N THR A 3 -37.23 -5.20 46.15
CA THR A 3 -36.33 -4.34 45.38
C THR A 3 -34.89 -4.37 45.93
N GLN A 4 -34.73 -4.52 47.24
CA GLN A 4 -33.37 -4.60 47.81
C GLN A 4 -32.62 -5.81 47.27
N GLU A 5 -33.28 -6.97 47.22
CA GLU A 5 -32.62 -8.17 46.71
C GLU A 5 -32.43 -8.12 45.22
N ALA A 6 -33.37 -7.51 44.49
CA ALA A 6 -33.23 -7.35 43.06
C ALA A 6 -31.99 -6.54 42.71
N GLN A 7 -31.77 -5.43 43.39
CA GLN A 7 -30.56 -4.66 43.18
C GLN A 7 -29.35 -5.43 43.67
N THR A 8 -29.49 -6.15 44.79
CA THR A 8 -28.40 -7.02 45.24
C THR A 8 -28.03 -8.02 44.15
N PHE A 9 -28.99 -8.86 43.73
CA PHE A 9 -28.70 -9.86 42.71
C PHE A 9 -28.13 -9.24 41.43
N LEU A 10 -28.75 -8.13 40.96
CA LEU A 10 -28.22 -7.43 39.78
C LEU A 10 -26.81 -6.92 40.00
N ALA A 11 -26.53 -6.41 41.20
CA ALA A 11 -25.18 -5.97 41.49
C ALA A 11 -24.18 -7.11 41.47
N GLU A 12 -24.61 -8.34 41.78
CA GLU A 12 -23.75 -9.50 41.66
C GLU A 12 -23.58 -9.91 40.20
N PHE A 13 -24.70 -10.17 39.53
CA PHE A 13 -24.67 -10.62 38.14
C PHE A 13 -23.71 -9.77 37.30
N ASN A 14 -24.05 -8.49 37.12
CA ASN A 14 -23.33 -7.56 36.26
C ASN A 14 -21.82 -7.68 36.42
N VAL A 15 -21.34 -7.94 37.63
CA VAL A 15 -19.89 -8.06 37.81
C VAL A 15 -19.34 -9.32 37.12
N ARG A 16 -19.83 -10.49 37.54
CA ARG A 16 -19.40 -11.74 36.90
C ARG A 16 -19.80 -11.80 35.44
N ALA A 17 -20.81 -11.03 35.04
CA ALA A 17 -21.30 -11.08 33.67
C ALA A 17 -20.35 -10.34 32.74
N GLU A 18 -20.10 -9.07 33.01
CA GLU A 18 -19.10 -8.33 32.24
C GLU A 18 -17.80 -9.14 32.10
N ASP A 19 -17.38 -9.76 33.20
CA ASP A 19 -16.11 -10.46 33.20
C ASP A 19 -16.19 -11.71 32.33
N ILE A 20 -17.33 -12.40 32.33
CA ILE A 20 -17.43 -13.67 31.62
C ILE A 20 -17.79 -13.47 30.16
N SER A 21 -18.65 -12.53 29.82
CA SER A 21 -18.77 -12.30 28.38
C SER A 21 -17.59 -11.49 27.83
N TYR A 22 -16.84 -10.73 28.64
CA TYR A 22 -15.60 -10.18 28.11
C TYR A 22 -14.70 -11.30 27.60
N GLU A 23 -14.55 -12.37 28.40
CA GLU A 23 -13.86 -13.57 27.94
C GLU A 23 -14.45 -14.08 26.64
N ASN A 24 -15.71 -13.76 26.36
CA ASN A 24 -16.34 -14.33 25.18
C ASN A 24 -16.15 -13.43 23.97
N SER A 25 -16.25 -12.11 24.15
CA SER A 25 -15.75 -11.21 23.12
C SER A 25 -14.30 -11.51 22.79
N LEU A 26 -13.50 -11.78 23.83
CA LEU A 26 -12.07 -12.02 23.62
C LEU A 26 -11.89 -13.24 22.75
N ALA A 27 -12.46 -14.36 23.19
CA ALA A 27 -12.31 -15.62 22.48
C ALA A 27 -12.84 -15.52 21.07
N SER A 28 -13.93 -14.77 20.88
CA SER A 28 -14.50 -14.59 19.56
C SER A 28 -13.58 -13.77 18.67
N TRP A 29 -13.07 -12.65 19.18
CA TRP A 29 -12.10 -11.89 18.41
C TRP A 29 -10.97 -12.77 17.94
N ASN A 30 -10.28 -13.40 18.88
CA ASN A 30 -9.17 -14.28 18.53
C ASN A 30 -9.58 -15.38 17.57
N TYR A 31 -10.87 -15.69 17.44
CA TYR A 31 -11.24 -16.61 16.37
C TYR A 31 -11.31 -15.88 15.03
N ASN A 32 -12.12 -14.82 14.96
CA ASN A 32 -12.42 -14.20 13.67
C ASN A 32 -11.15 -13.66 13.01
N THR A 33 -10.24 -13.09 13.80
CA THR A 33 -8.98 -12.55 13.28
C THR A 33 -7.91 -13.62 13.07
N ASN A 34 -7.98 -14.72 13.80
CA ASN A 34 -7.02 -15.83 13.67
C ASN A 34 -7.83 -17.11 13.59
N ILE A 35 -8.21 -17.49 12.37
CA ILE A 35 -9.07 -18.65 12.17
C ILE A 35 -8.16 -19.89 12.16
N THR A 36 -8.27 -20.70 13.21
CA THR A 36 -7.59 -21.99 13.38
C THR A 36 -8.54 -22.91 14.16
N GLU A 37 -8.03 -24.06 14.63
CA GLU A 37 -8.90 -24.95 15.39
C GLU A 37 -8.87 -24.75 16.91
N GLU A 38 -7.71 -24.40 17.47
CA GLU A 38 -7.72 -24.02 18.87
C GLU A 38 -8.66 -22.85 19.09
N THR A 39 -8.54 -21.83 18.23
CA THR A 39 -9.43 -20.68 18.33
C THR A 39 -10.86 -21.13 18.11
N ALA A 40 -11.05 -22.15 17.25
CA ALA A 40 -12.35 -22.77 17.15
C ALA A 40 -12.80 -23.33 18.49
N ARG A 41 -11.93 -24.11 19.15
CA ARG A 41 -12.25 -24.62 20.49
C ARG A 41 -12.44 -23.48 21.49
N LYS A 42 -11.42 -22.62 21.65
CA LYS A 42 -11.50 -21.61 22.69
C LYS A 42 -12.66 -20.66 22.51
N MET A 43 -13.27 -20.62 21.32
CA MET A 43 -14.46 -19.78 21.12
C MET A 43 -15.71 -20.46 21.67
N SER A 44 -15.90 -21.73 21.34
CA SER A 44 -17.03 -22.48 21.90
C SER A 44 -16.82 -22.80 23.38
N GLU A 45 -15.56 -22.87 23.83
CA GLU A 45 -15.31 -23.04 25.27
C GLU A 45 -15.73 -21.79 26.04
N ALA A 46 -15.56 -20.60 25.45
CA ALA A 46 -15.98 -19.38 26.13
C ALA A 46 -17.45 -19.10 25.91
N GLY A 47 -17.97 -19.39 24.72
CA GLY A 47 -19.40 -19.31 24.51
C GLY A 47 -20.18 -20.16 25.49
N ALA A 48 -19.71 -21.39 25.75
CA ALA A 48 -20.41 -22.30 26.65
C ALA A 48 -20.50 -21.71 28.04
N LYS A 49 -19.39 -21.15 28.52
CA LYS A 49 -19.37 -20.50 29.81
C LYS A 49 -20.39 -19.36 29.87
N TRP A 50 -20.48 -18.54 28.81
CA TRP A 50 -21.53 -17.53 28.75
C TRP A 50 -22.93 -18.14 28.78
N ALA A 51 -23.15 -19.25 28.06
CA ALA A 51 -24.49 -19.84 28.00
C ALA A 51 -24.95 -20.37 29.37
N ALA A 52 -24.09 -21.12 30.08
CA ALA A 52 -24.50 -21.72 31.36
C ALA A 52 -24.53 -20.70 32.49
N PHE A 53 -23.65 -19.70 32.47
CA PHE A 53 -23.84 -18.62 33.43
C PHE A 53 -25.08 -17.79 33.10
N TYR A 54 -25.35 -17.57 31.82
CA TYR A 54 -26.58 -16.84 31.51
C TYR A 54 -27.80 -17.72 31.78
N GLU A 55 -27.70 -19.03 31.52
CA GLU A 55 -28.80 -19.93 31.86
C GLU A 55 -29.20 -19.81 33.33
N GLU A 56 -28.26 -20.18 34.23
CA GLU A 56 -28.55 -20.24 35.66
C GLU A 56 -29.02 -18.89 36.20
N ALA A 57 -28.38 -17.81 35.75
CA ALA A 57 -28.67 -16.46 36.25
C ALA A 57 -30.05 -15.97 35.84
N SER A 58 -30.57 -16.48 34.72
CA SER A 58 -31.92 -16.16 34.30
C SER A 58 -32.97 -16.95 35.07
N ARG A 59 -32.59 -18.15 35.54
CA ARG A 59 -33.43 -18.90 36.45
C ARG A 59 -33.46 -18.21 37.81
N ASN A 60 -32.28 -17.88 38.34
CA ASN A 60 -32.24 -17.06 39.55
C ASN A 60 -33.11 -15.82 39.36
N ALA A 61 -32.91 -15.11 38.25
CA ALA A 61 -33.63 -13.85 38.05
C ALA A 61 -35.13 -14.08 38.03
N SER A 62 -35.56 -15.20 37.44
CA SER A 62 -36.99 -15.48 37.35
C SER A 62 -37.67 -15.44 38.71
N ARG A 63 -36.92 -15.66 39.80
CA ARG A 63 -37.50 -15.67 41.14
C ARG A 63 -38.16 -14.35 41.52
N PHE A 64 -37.84 -13.27 40.81
CA PHE A 64 -38.23 -11.92 41.20
C PHE A 64 -39.46 -11.48 40.43
N SER A 65 -40.49 -11.10 41.17
CA SER A 65 -41.76 -10.65 40.60
C SER A 65 -41.68 -9.17 40.23
N LEU A 66 -41.93 -8.87 38.95
CA LEU A 66 -41.83 -7.49 38.50
C LEU A 66 -42.88 -6.57 39.14
N ALA A 67 -43.94 -7.12 39.74
CA ALA A 67 -44.93 -6.26 40.37
C ALA A 67 -44.37 -5.63 41.63
N ASN A 68 -43.48 -6.35 42.34
CA ASN A 68 -42.88 -5.87 43.58
C ASN A 68 -41.48 -5.30 43.38
N ILE A 69 -41.23 -4.64 42.26
CA ILE A 69 -40.00 -3.88 42.07
C ILE A 69 -40.41 -2.43 41.95
N GLN A 70 -39.56 -1.54 42.46
CA GLN A 70 -39.95 -0.13 42.51
C GLN A 70 -39.27 0.73 41.46
N ASP A 71 -38.02 0.43 41.08
CA ASP A 71 -37.27 1.23 40.11
C ASP A 71 -37.70 0.90 38.70
N ALA A 72 -37.94 1.94 37.90
CA ALA A 72 -38.17 1.65 36.48
C ALA A 72 -36.98 0.92 35.87
N VAL A 73 -35.78 1.15 36.43
CA VAL A 73 -34.52 0.67 35.85
C VAL A 73 -34.19 -0.75 36.29
N THR A 74 -34.60 -1.11 37.50
CA THR A 74 -34.39 -2.52 37.93
C THR A 74 -35.41 -3.39 37.20
N ARG A 75 -36.69 -3.02 37.26
CA ARG A 75 -37.73 -3.77 36.51
C ARG A 75 -37.18 -4.14 35.13
N LEU A 76 -36.67 -3.17 34.38
CA LEU A 76 -36.18 -3.41 32.99
C LEU A 76 -35.00 -4.38 32.99
N GLN A 77 -34.03 -4.20 33.89
CA GLN A 77 -32.96 -5.17 33.98
C GLN A 77 -33.51 -6.52 34.33
N ILE A 78 -34.12 -6.63 35.52
CA ILE A 78 -34.59 -7.91 36.00
C ILE A 78 -35.54 -8.56 35.02
N GLN A 79 -36.33 -7.76 34.31
CA GLN A 79 -37.14 -8.31 33.23
C GLN A 79 -36.28 -9.01 32.18
N SER A 80 -35.36 -8.28 31.54
CA SER A 80 -34.68 -8.84 30.39
C SER A 80 -33.84 -10.05 30.76
N LEU A 81 -33.24 -10.04 31.96
CA LEU A 81 -32.47 -11.20 32.41
C LEU A 81 -33.37 -12.39 32.67
N GLN A 82 -34.66 -12.16 32.89
CA GLN A 82 -35.62 -13.21 33.19
C GLN A 82 -36.05 -14.01 31.98
N ASP A 83 -35.56 -13.68 30.79
CA ASP A 83 -35.90 -14.41 29.59
C ASP A 83 -34.98 -15.61 29.49
N ARG A 84 -35.47 -16.78 29.93
CA ARG A 84 -34.67 -18.00 29.70
C ARG A 84 -34.49 -18.24 28.21
N GLY A 85 -35.31 -17.61 27.36
CA GLY A 85 -35.10 -17.77 25.93
C GLY A 85 -35.23 -19.24 25.60
N SER A 86 -34.15 -19.98 25.21
CA SER A 86 -34.18 -21.49 24.96
C SER A 86 -33.67 -22.47 26.08
N SER A 87 -33.39 -21.93 27.25
CA SER A 87 -32.96 -22.92 28.25
C SER A 87 -34.19 -23.53 28.90
N VAL A 88 -35.38 -22.97 28.67
CA VAL A 88 -36.62 -23.43 29.36
C VAL A 88 -36.90 -24.89 29.02
N LEU A 89 -36.38 -25.36 27.90
CA LEU A 89 -36.65 -26.71 27.44
C LEU A 89 -35.65 -27.69 28.02
N SER A 90 -35.94 -28.98 27.81
CA SER A 90 -35.22 -30.03 28.51
C SER A 90 -33.82 -30.18 27.93
N PRO A 91 -32.87 -30.67 28.73
CA PRO A 91 -31.50 -30.84 28.24
C PRO A 91 -31.41 -31.74 27.01
N GLU A 92 -32.26 -32.77 26.90
CA GLU A 92 -32.23 -33.56 25.68
C GLU A 92 -32.81 -32.77 24.51
N LYS A 93 -34.04 -32.28 24.66
CA LYS A 93 -34.61 -31.41 23.64
C LYS A 93 -33.76 -30.17 23.38
N TYR A 94 -33.20 -29.55 24.42
CA TYR A 94 -32.44 -28.33 24.14
C TYR A 94 -31.16 -28.62 23.35
N SER A 95 -30.61 -29.84 23.46
CA SER A 95 -29.42 -30.15 22.68
C SER A 95 -29.76 -30.75 21.34
N ARG A 96 -30.98 -31.29 21.19
CA ARG A 96 -31.47 -31.63 19.87
C ARG A 96 -31.71 -30.38 19.03
N LEU A 97 -32.20 -29.31 19.66
CA LEU A 97 -32.29 -28.01 18.97
C LEU A 97 -30.90 -27.52 18.59
N ASN A 98 -29.92 -27.74 19.46
CA ASN A 98 -28.55 -27.35 19.16
C ASN A 98 -28.05 -28.07 17.93
N SER A 99 -28.00 -29.40 17.97
CA SER A 99 -27.43 -30.12 16.83
C SER A 99 -28.15 -29.76 15.53
N VAL A 100 -29.48 -29.61 15.58
CA VAL A 100 -30.27 -29.26 14.41
C VAL A 100 -29.90 -27.88 13.90
N MET A 101 -29.69 -26.95 14.83
CA MET A 101 -29.32 -25.60 14.45
C MET A 101 -27.90 -25.56 13.92
N ASN A 102 -27.01 -26.30 14.59
CA ASN A 102 -25.61 -26.38 14.21
C ASN A 102 -25.44 -27.04 12.84
N SER A 103 -26.19 -28.11 12.59
CA SER A 103 -26.12 -28.78 11.29
C SER A 103 -26.63 -27.88 10.18
N MET A 104 -27.75 -27.18 10.39
CA MET A 104 -28.20 -26.20 9.41
C MET A 104 -27.07 -25.23 9.10
N SER A 105 -26.30 -24.87 10.12
CA SER A 105 -25.29 -23.85 9.96
C SER A 105 -24.18 -24.36 9.05
N THR A 106 -23.58 -25.52 9.41
CA THR A 106 -22.43 -26.04 8.64
C THR A 106 -22.85 -26.54 7.28
N ILE A 107 -24.11 -26.93 7.10
CA ILE A 107 -24.64 -27.19 5.76
C ILE A 107 -24.54 -25.92 4.93
N TYR A 108 -25.06 -24.81 5.45
CA TYR A 108 -24.91 -23.53 4.75
C TYR A 108 -23.45 -23.22 4.46
N SER A 109 -22.60 -23.24 5.51
CA SER A 109 -21.23 -22.78 5.35
C SER A 109 -20.45 -23.59 4.31
N THR A 110 -20.65 -24.91 4.33
CA THR A 110 -19.87 -25.82 3.48
C THR A 110 -20.54 -26.16 2.16
N GLY A 111 -21.61 -25.48 1.79
CA GLY A 111 -22.35 -25.88 0.58
C GLY A 111 -21.51 -25.84 -0.69
N VAL A 112 -22.01 -26.49 -1.74
CA VAL A 112 -21.30 -26.45 -3.05
C VAL A 112 -22.23 -26.91 -4.18
N VAL A 113 -22.21 -26.24 -5.33
CA VAL A 113 -22.89 -26.71 -6.53
C VAL A 113 -21.86 -26.90 -7.64
N CYS A 114 -21.97 -28.02 -8.37
CA CYS A 114 -20.90 -28.50 -9.26
C CYS A 114 -21.33 -28.39 -10.71
N LYS A 115 -20.38 -27.98 -11.56
CA LYS A 115 -20.65 -27.82 -12.98
C LYS A 115 -20.98 -29.17 -13.63
N ALA A 116 -21.30 -29.14 -14.93
CA ALA A 116 -21.93 -30.28 -15.59
C ALA A 116 -21.02 -30.97 -16.61
N THR A 117 -19.76 -30.56 -16.75
CA THR A 117 -18.91 -31.08 -17.82
C THR A 117 -17.49 -31.25 -17.26
N GLU A 118 -16.54 -31.64 -18.13
CA GLU A 118 -15.09 -31.48 -17.91
C GLU A 118 -14.70 -32.07 -16.54
N PRO A 119 -13.68 -31.57 -15.80
CA PRO A 119 -13.75 -31.76 -14.34
C PRO A 119 -15.04 -31.20 -13.77
N PHE A 120 -15.74 -32.02 -13.02
CA PHE A 120 -17.06 -31.61 -12.52
C PHE A 120 -16.92 -30.64 -11.34
N ASP A 121 -16.32 -29.49 -11.65
CA ASP A 121 -15.87 -28.55 -10.63
C ASP A 121 -17.03 -28.16 -9.74
N CYS A 122 -16.79 -28.27 -8.44
CA CYS A 122 -17.79 -27.99 -7.43
C CYS A 122 -17.52 -26.61 -6.85
N LEU A 123 -18.52 -25.76 -6.82
CA LEU A 123 -18.35 -24.35 -6.46
C LEU A 123 -19.08 -23.97 -5.17
N VAL A 124 -18.43 -23.17 -4.33
CA VAL A 124 -18.98 -22.78 -3.00
C VAL A 124 -19.73 -21.44 -3.06
N LEU A 125 -20.75 -21.27 -2.21
CA LEU A 125 -21.53 -20.02 -2.18
C LEU A 125 -20.54 -18.88 -2.24
N GLU A 126 -19.68 -18.82 -1.23
CA GLU A 126 -18.74 -17.70 -1.12
C GLU A 126 -17.34 -18.12 -1.51
N PRO A 127 -16.75 -17.39 -2.48
CA PRO A 127 -17.47 -16.42 -3.32
C PRO A 127 -17.93 -16.89 -4.71
N GLY A 128 -17.62 -18.12 -5.12
CA GLY A 128 -17.96 -18.57 -6.44
C GLY A 128 -19.38 -18.22 -6.81
N LEU A 129 -20.33 -18.78 -6.08
CA LEU A 129 -21.72 -18.58 -6.44
C LEU A 129 -22.12 -17.12 -6.28
N ASP A 130 -21.64 -16.47 -5.20
CA ASP A 130 -21.90 -15.05 -5.01
C ASP A 130 -21.35 -14.22 -6.17
N ASP A 131 -20.26 -14.70 -6.79
CA ASP A 131 -19.66 -13.97 -7.90
C ASP A 131 -20.48 -14.09 -9.17
N ILE A 132 -21.05 -15.27 -9.42
CA ILE A 132 -21.88 -15.45 -10.60
C ILE A 132 -23.17 -14.64 -10.46
N MET A 133 -23.70 -14.55 -9.24
CA MET A 133 -24.97 -13.91 -9.06
C MET A 133 -24.86 -12.38 -9.02
N ALA A 134 -23.68 -11.85 -8.72
CA ALA A 134 -23.40 -10.41 -8.78
C ALA A 134 -23.14 -9.91 -10.21
N ASN A 135 -22.30 -10.62 -10.99
CA ASN A 135 -21.77 -10.10 -12.27
C ASN A 135 -22.24 -10.80 -13.55
N SER A 136 -22.89 -11.97 -13.46
CA SER A 136 -23.18 -12.72 -14.68
C SER A 136 -24.54 -12.34 -15.24
N ILE A 137 -24.62 -12.41 -16.57
CA ILE A 137 -25.86 -12.19 -17.29
C ILE A 137 -26.28 -13.43 -18.06
N ASP A 138 -25.49 -14.51 -17.99
CA ASP A 138 -25.95 -15.74 -18.61
C ASP A 138 -27.17 -16.21 -17.84
N TYR A 139 -28.35 -16.02 -18.46
CA TYR A 139 -29.57 -16.44 -17.79
C TYR A 139 -29.36 -17.82 -17.19
N HIS A 140 -28.89 -18.76 -18.02
CA HIS A 140 -28.84 -20.15 -17.61
C HIS A 140 -27.71 -20.46 -16.61
N GLU A 141 -26.64 -19.65 -16.57
CA GLU A 141 -25.64 -19.81 -15.52
C GLU A 141 -26.07 -19.15 -14.22
N ARG A 142 -26.77 -18.01 -14.29
CA ARG A 142 -27.36 -17.43 -13.09
C ARG A 142 -28.40 -18.35 -12.51
N LEU A 143 -29.16 -19.01 -13.37
CA LEU A 143 -30.05 -20.07 -12.92
C LEU A 143 -29.24 -21.23 -12.35
N TRP A 144 -28.22 -21.69 -13.08
CA TRP A 144 -27.42 -22.82 -12.61
C TRP A 144 -27.10 -22.67 -11.12
N ALA A 145 -26.45 -21.56 -10.76
CA ALA A 145 -26.02 -21.40 -9.38
C ALA A 145 -27.20 -21.42 -8.45
N TRP A 146 -28.27 -20.71 -8.83
CA TRP A 146 -29.43 -20.38 -7.99
C TRP A 146 -30.29 -21.59 -7.63
N GLU A 147 -30.58 -22.44 -8.61
CA GLU A 147 -31.32 -23.68 -8.41
C GLU A 147 -30.44 -24.81 -7.87
N GLY A 148 -29.13 -24.69 -7.98
CA GLY A 148 -28.28 -25.66 -7.32
C GLY A 148 -28.11 -25.38 -5.84
N TRP A 149 -27.92 -24.09 -5.50
CA TRP A 149 -27.94 -23.69 -4.11
C TRP A 149 -29.26 -24.04 -3.46
N ARG A 150 -30.34 -24.08 -4.23
CA ARG A 150 -31.64 -24.35 -3.63
C ARG A 150 -31.96 -25.83 -3.60
N ALA A 151 -31.58 -26.59 -4.63
CA ALA A 151 -31.92 -28.01 -4.69
C ALA A 151 -30.87 -28.93 -4.07
N ASP A 152 -29.79 -28.41 -3.52
CA ASP A 152 -28.76 -29.28 -2.96
C ASP A 152 -28.41 -28.94 -1.52
N VAL A 153 -28.36 -27.65 -1.18
CA VAL A 153 -28.27 -27.23 0.21
C VAL A 153 -29.67 -27.03 0.78
N GLY A 154 -30.45 -26.17 0.11
CA GLY A 154 -31.83 -25.97 0.51
C GLY A 154 -32.56 -27.29 0.77
N ARG A 155 -32.34 -28.29 -0.07
CA ARG A 155 -32.99 -29.58 0.17
C ARG A 155 -32.52 -30.17 1.49
N MET A 156 -31.24 -29.97 1.78
CA MET A 156 -30.63 -30.46 2.99
C MET A 156 -31.02 -29.63 4.17
N MET A 157 -31.97 -28.72 4.01
CA MET A 157 -32.37 -27.90 5.15
C MET A 157 -33.70 -28.31 5.72
N ARG A 158 -34.66 -28.65 4.84
CA ARG A 158 -36.09 -28.79 5.13
C ARG A 158 -36.40 -29.61 6.38
N PRO A 159 -36.05 -30.92 6.45
CA PRO A 159 -36.41 -31.67 7.67
C PRO A 159 -35.89 -31.02 8.92
N LEU A 160 -34.63 -30.56 8.87
CA LEU A 160 -34.05 -29.88 10.02
C LEU A 160 -34.90 -28.70 10.44
N TYR A 161 -35.22 -27.83 9.47
CA TYR A 161 -35.98 -26.64 9.75
C TYR A 161 -37.34 -26.97 10.35
N GLU A 162 -37.96 -28.08 9.95
CA GLU A 162 -39.25 -28.44 10.54
C GLU A 162 -39.11 -28.82 12.01
N GLU A 163 -37.98 -29.42 12.39
CA GLU A 163 -37.70 -29.65 13.82
C GLU A 163 -37.38 -28.34 14.51
N TYR A 164 -36.45 -27.57 13.94
CA TYR A 164 -36.12 -26.24 14.47
C TYR A 164 -37.39 -25.49 14.79
N VAL A 165 -38.34 -25.47 13.85
CA VAL A 165 -39.56 -24.71 14.07
C VAL A 165 -40.33 -25.30 15.23
N GLU A 166 -40.35 -26.61 15.35
CA GLU A 166 -41.04 -27.27 16.46
C GLU A 166 -40.43 -26.86 17.79
N LEU A 167 -39.14 -27.14 17.95
CA LEU A 167 -38.44 -26.92 19.22
C LEU A 167 -38.37 -25.44 19.59
N LYS A 168 -38.14 -24.58 18.60
CA LYS A 168 -38.14 -23.14 18.86
C LYS A 168 -39.54 -22.69 19.28
N ASN A 169 -40.56 -23.11 18.52
CA ASN A 169 -41.91 -22.76 18.92
C ASN A 169 -42.18 -23.28 20.31
N GLU A 170 -41.78 -24.54 20.60
CA GLU A 170 -42.04 -25.17 21.89
C GLU A 170 -41.49 -24.33 23.03
N ALA A 171 -40.16 -24.19 23.06
CA ALA A 171 -39.51 -23.34 24.06
C ALA A 171 -40.23 -22.00 24.19
N ALA A 172 -40.52 -21.36 23.05
CA ALA A 172 -41.15 -20.04 23.03
C ALA A 172 -42.40 -20.00 23.89
N ARG A 173 -43.34 -20.91 23.58
CA ARG A 173 -44.58 -21.00 24.33
C ARG A 173 -44.34 -21.07 25.83
N LEU A 174 -43.48 -21.99 26.28
CA LEU A 174 -43.11 -22.04 27.70
C LEU A 174 -42.80 -20.66 28.30
N ASN A 175 -42.32 -19.71 27.49
CA ASN A 175 -42.07 -18.37 27.98
C ASN A 175 -43.28 -17.42 27.88
N ASN A 176 -44.49 -17.96 27.76
CA ASN A 176 -45.69 -17.13 27.70
C ASN A 176 -45.66 -16.23 26.46
N TYR A 177 -45.09 -16.72 25.36
CA TYR A 177 -45.27 -16.15 24.03
C TYR A 177 -46.03 -17.14 23.18
N SER A 178 -46.55 -16.68 22.06
CA SER A 178 -47.49 -17.52 21.33
C SER A 178 -46.81 -18.37 20.26
N ASP A 179 -45.88 -17.78 19.51
CA ASP A 179 -44.97 -18.54 18.64
C ASP A 179 -43.59 -17.91 18.73
N TYR A 180 -42.64 -18.57 18.10
CA TYR A 180 -41.28 -18.04 18.06
C TYR A 180 -41.19 -16.75 17.25
N GLY A 181 -42.27 -16.36 16.58
CA GLY A 181 -42.35 -15.03 16.03
C GLY A 181 -42.82 -14.02 17.05
N ASP A 182 -43.69 -14.43 17.98
CA ASP A 182 -44.01 -13.57 19.11
C ASP A 182 -42.77 -13.32 19.95
N TYR A 183 -41.91 -14.35 20.10
CA TYR A 183 -40.65 -14.18 20.82
C TYR A 183 -39.81 -13.07 20.21
N TRP A 184 -39.72 -13.06 18.88
CA TRP A 184 -38.90 -12.06 18.21
C TRP A 184 -39.59 -10.70 18.21
N ARG A 185 -40.92 -10.67 18.08
CA ARG A 185 -41.57 -9.37 18.01
C ARG A 185 -41.35 -8.63 19.31
N ALA A 186 -41.23 -9.37 20.42
CA ALA A 186 -41.13 -8.76 21.74
C ALA A 186 -39.97 -7.78 21.84
N ASN A 187 -39.07 -7.75 20.83
CA ASN A 187 -37.96 -6.79 20.84
C ASN A 187 -38.51 -5.38 20.67
N TYR A 188 -39.69 -5.26 20.12
CA TYR A 188 -40.30 -3.96 19.89
C TYR A 188 -41.25 -3.54 21.01
N GLU A 189 -41.38 -4.38 22.04
CA GLU A 189 -42.37 -4.21 23.10
C GLU A 189 -41.86 -3.18 24.12
N THR A 190 -42.50 -2.01 24.15
CA THR A 190 -42.11 -0.93 25.10
C THR A 190 -43.19 -0.88 26.16
N ASP A 191 -43.79 -2.01 26.44
CA ASP A 191 -44.76 -1.96 27.55
C ASP A 191 -44.06 -1.44 28.78
N TYR A 192 -44.73 -0.61 29.58
CA TYR A 192 -44.22 -0.06 30.87
C TYR A 192 -44.77 1.36 30.94
N PRO A 193 -44.27 2.38 30.19
CA PRO A 193 -44.97 3.69 30.27
C PRO A 193 -46.20 3.76 29.36
N GLU A 194 -47.34 4.13 29.96
CA GLU A 194 -48.61 4.11 29.24
C GLU A 194 -48.58 5.03 28.03
N GLU A 195 -47.96 6.21 28.16
CA GLU A 195 -47.81 7.08 27.01
C GLU A 195 -46.96 6.44 25.92
N TYR A 196 -46.13 5.47 26.27
CA TYR A 196 -45.17 4.89 25.34
C TYR A 196 -45.39 3.40 25.14
N LYS A 197 -46.58 2.89 25.49
CA LYS A 197 -46.85 1.47 25.39
C LYS A 197 -47.02 1.01 23.94
N TYR A 198 -46.30 -0.04 23.58
CA TYR A 198 -46.30 -0.61 22.23
C TYR A 198 -46.24 -2.13 22.35
N SER A 199 -47.19 -2.81 21.73
CA SER A 199 -47.30 -4.25 21.83
C SER A 199 -46.59 -4.94 20.67
N ARG A 200 -46.45 -6.26 20.81
CA ARG A 200 -45.88 -7.08 19.74
C ARG A 200 -46.74 -7.07 18.49
N ASP A 201 -48.07 -7.18 18.65
CA ASP A 201 -49.04 -6.99 17.56
C ASP A 201 -48.73 -5.75 16.74
N GLN A 202 -48.80 -4.57 17.39
CA GLN A 202 -48.63 -3.27 16.74
C GLN A 202 -47.30 -3.16 15.97
N LEU A 203 -46.39 -4.13 16.16
CA LEU A 203 -45.23 -4.27 15.29
C LEU A 203 -45.59 -4.82 13.91
N VAL A 204 -46.29 -5.98 13.89
CA VAL A 204 -46.79 -6.53 12.62
C VAL A 204 -47.57 -5.49 11.85
N GLN A 205 -48.46 -4.77 12.54
CA GLN A 205 -49.32 -3.78 11.89
C GLN A 205 -48.49 -2.66 11.27
N ASP A 206 -47.67 -1.99 12.09
CA ASP A 206 -46.87 -0.90 11.56
C ASP A 206 -45.88 -1.36 10.49
N VAL A 207 -45.43 -2.61 10.55
CA VAL A 207 -44.57 -3.09 9.47
C VAL A 207 -45.32 -2.98 8.15
N GLU A 208 -46.41 -3.75 8.02
CA GLU A 208 -47.18 -3.77 6.77
C GLU A 208 -47.66 -2.36 6.42
N LYS A 209 -48.14 -1.59 7.42
CA LYS A 209 -48.69 -0.27 7.15
C LYS A 209 -47.70 0.60 6.41
N THR A 210 -46.46 0.67 6.90
CA THR A 210 -45.45 1.52 6.29
C THR A 210 -44.91 0.90 5.00
N PHE A 211 -44.86 -0.42 4.90
CA PHE A 211 -44.57 -1.04 3.61
C PHE A 211 -45.52 -0.53 2.55
N GLU A 212 -46.81 -0.51 2.88
CA GLU A 212 -47.82 0.01 1.96
C GLU A 212 -47.52 1.44 1.55
N GLN A 213 -47.16 2.29 2.53
CA GLN A 213 -46.69 3.64 2.19
C GLN A 213 -45.48 3.57 1.28
N ILE A 214 -44.73 2.47 1.35
CA ILE A 214 -43.49 2.36 0.54
C ILE A 214 -43.80 1.59 -0.75
N LYS A 215 -44.82 0.74 -0.75
CA LYS A 215 -45.13 -0.13 -1.92
C LYS A 215 -45.10 0.66 -3.23
N PRO A 216 -45.74 1.84 -3.35
CA PRO A 216 -45.78 2.51 -4.64
C PRO A 216 -44.40 2.78 -5.24
N LEU A 217 -43.52 3.39 -4.45
CA LEU A 217 -42.18 3.74 -4.96
C LEU A 217 -41.56 2.46 -5.52
N TYR A 218 -41.68 1.38 -4.75
CA TYR A 218 -41.00 0.15 -5.18
C TYR A 218 -41.60 -0.29 -6.50
N GLN A 219 -42.92 -0.16 -6.66
CA GLN A 219 -43.53 -0.69 -7.87
C GLN A 219 -43.10 0.08 -9.10
N HIS A 220 -42.67 1.33 -8.92
CA HIS A 220 -42.04 1.99 -10.04
C HIS A 220 -40.60 1.58 -10.20
N LEU A 221 -39.92 1.24 -9.10
CA LEU A 221 -38.56 0.71 -9.23
C LEU A 221 -38.61 -0.69 -9.85
N HIS A 222 -39.57 -1.50 -9.41
CA HIS A 222 -39.79 -2.82 -9.98
C HIS A 222 -40.13 -2.74 -11.47
N ALA A 223 -41.05 -1.84 -11.85
CA ALA A 223 -41.41 -1.70 -13.25
C ALA A 223 -40.26 -1.16 -14.10
N TYR A 224 -39.41 -0.31 -13.50
CA TYR A 224 -38.21 0.20 -14.18
C TYR A 224 -37.24 -0.92 -14.44
N VAL A 225 -36.81 -1.58 -13.36
CA VAL A 225 -35.79 -2.62 -13.48
C VAL A 225 -36.28 -3.71 -14.42
N ARG A 226 -37.56 -4.06 -14.31
CA ARG A 226 -38.14 -5.13 -15.12
C ARG A 226 -37.99 -4.84 -16.62
N HIS A 227 -38.01 -3.55 -16.99
CA HIS A 227 -37.94 -3.10 -18.38
C HIS A 227 -36.51 -3.14 -18.92
N ARG A 228 -35.55 -2.62 -18.18
CA ARG A 228 -34.16 -2.77 -18.61
C ARG A 228 -33.55 -4.08 -18.16
N LEU A 229 -34.32 -4.93 -17.50
CA LEU A 229 -33.98 -6.36 -17.48
C LEU A 229 -34.36 -7.04 -18.79
N GLU A 230 -35.40 -6.55 -19.50
CA GLU A 230 -35.72 -7.12 -20.81
C GLU A 230 -34.62 -6.85 -21.83
N GLN A 231 -34.07 -5.62 -21.80
CA GLN A 231 -33.05 -5.23 -22.79
C GLN A 231 -31.88 -6.18 -22.77
N VAL A 232 -31.60 -6.78 -21.61
CA VAL A 232 -30.46 -7.65 -21.46
C VAL A 232 -30.83 -9.12 -21.70
N TYR A 233 -31.97 -9.60 -21.19
CA TYR A 233 -32.30 -11.01 -21.36
C TYR A 233 -33.31 -11.31 -22.47
N GLY A 234 -33.92 -10.30 -23.06
CA GLY A 234 -34.82 -10.56 -24.15
C GLY A 234 -36.26 -10.75 -23.72
N SER A 235 -37.16 -10.53 -24.68
CA SER A 235 -38.59 -10.62 -24.45
C SER A 235 -39.03 -12.04 -24.11
N GLU A 236 -38.32 -13.04 -24.61
CA GLU A 236 -38.67 -14.41 -24.25
C GLU A 236 -38.51 -14.63 -22.75
N LEU A 237 -37.49 -14.03 -22.15
CA LEU A 237 -37.11 -14.34 -20.78
C LEU A 237 -37.71 -13.41 -19.72
N ILE A 238 -38.19 -12.21 -20.11
CA ILE A 238 -38.90 -11.31 -19.20
C ILE A 238 -40.27 -11.03 -19.78
N ASN A 239 -41.31 -11.52 -19.11
CA ASN A 239 -42.66 -11.02 -19.27
C ASN A 239 -42.76 -9.55 -18.92
N PRO A 240 -43.04 -8.68 -19.89
CA PRO A 240 -43.05 -7.24 -19.60
C PRO A 240 -43.83 -6.91 -18.36
N THR A 241 -44.85 -7.71 -18.06
CA THR A 241 -45.88 -7.33 -17.09
C THR A 241 -46.04 -8.32 -15.95
N GLY A 242 -45.12 -9.29 -15.80
CA GLY A 242 -45.20 -10.28 -14.74
C GLY A 242 -44.08 -10.12 -13.72
N CYS A 243 -44.08 -11.05 -12.76
CA CYS A 243 -43.05 -11.03 -11.74
C CYS A 243 -41.68 -11.30 -12.35
N LEU A 244 -40.62 -10.88 -11.62
CA LEU A 244 -39.22 -10.95 -12.06
C LEU A 244 -38.55 -12.20 -11.50
N PRO A 245 -37.77 -12.91 -12.30
CA PRO A 245 -37.13 -14.15 -11.81
C PRO A 245 -36.01 -13.88 -10.80
N ALA A 246 -36.03 -14.58 -9.67
CA ALA A 246 -35.06 -14.30 -8.59
C ALA A 246 -33.61 -14.43 -9.03
N HIS A 247 -33.30 -15.31 -9.97
CA HIS A 247 -31.88 -15.52 -10.30
C HIS A 247 -31.32 -14.25 -10.93
N LEU A 248 -32.17 -13.40 -11.46
CA LEU A 248 -31.75 -12.19 -12.20
C LEU A 248 -31.89 -10.94 -11.33
N LEU A 249 -31.59 -11.01 -10.03
CA LEU A 249 -31.84 -9.83 -9.21
C LEU A 249 -30.59 -9.14 -8.64
N GLY A 250 -29.39 -9.72 -8.83
CA GLY A 250 -28.13 -9.04 -8.51
C GLY A 250 -27.36 -9.62 -7.34
N ASP A 251 -27.85 -10.66 -6.68
CA ASP A 251 -27.06 -11.52 -5.80
C ASP A 251 -27.83 -12.85 -5.75
N MET A 252 -27.61 -13.67 -4.73
CA MET A 252 -28.15 -15.02 -4.81
C MET A 252 -29.64 -15.08 -4.58
N TRP A 253 -30.17 -14.13 -3.81
CA TRP A 253 -31.55 -14.19 -3.38
C TRP A 253 -32.39 -13.04 -3.89
N GLY A 254 -31.78 -11.97 -4.39
CA GLY A 254 -32.47 -10.73 -4.58
C GLY A 254 -32.75 -9.96 -3.31
N ARG A 255 -32.06 -10.31 -2.21
CA ARG A 255 -31.98 -9.47 -1.00
C ARG A 255 -31.77 -8.00 -1.34
N PHE A 256 -30.74 -7.73 -2.14
CA PHE A 256 -30.44 -6.40 -2.68
C PHE A 256 -30.37 -6.45 -4.20
N TRP A 257 -30.51 -5.27 -4.77
CA TRP A 257 -30.52 -5.11 -6.22
C TRP A 257 -29.35 -4.25 -6.70
N THR A 258 -28.31 -4.08 -5.87
CA THR A 258 -27.27 -3.09 -6.15
C THR A 258 -26.39 -3.50 -7.33
N ASN A 259 -26.38 -4.79 -7.63
CA ASN A 259 -25.45 -5.24 -8.67
C ASN A 259 -26.14 -5.08 -10.02
N LEU A 260 -27.42 -4.76 -10.02
CA LEU A 260 -28.14 -4.51 -11.28
C LEU A 260 -27.98 -3.03 -11.68
N TYR A 261 -27.02 -2.32 -11.08
CA TYR A 261 -26.88 -0.88 -11.39
C TYR A 261 -26.37 -0.78 -12.80
N ASN A 262 -25.28 -1.49 -13.07
CA ASN A 262 -24.72 -1.38 -14.40
C ASN A 262 -25.74 -1.69 -15.47
N LEU A 263 -26.68 -2.59 -15.21
CA LEU A 263 -27.74 -2.89 -16.17
C LEU A 263 -28.87 -1.86 -16.14
N THR A 264 -28.99 -1.06 -15.07
CA THR A 264 -30.13 -0.16 -14.88
C THR A 264 -29.67 1.23 -14.42
N VAL A 265 -28.64 1.76 -15.06
CA VAL A 265 -28.16 3.11 -14.76
C VAL A 265 -28.97 4.09 -15.60
N PRO A 266 -29.61 5.09 -14.98
CA PRO A 266 -30.49 6.01 -15.71
C PRO A 266 -29.81 6.71 -16.86
N TYR A 267 -28.78 7.49 -16.54
CA TYR A 267 -28.08 8.35 -17.47
C TYR A 267 -26.69 7.76 -17.58
N PRO A 268 -26.45 6.91 -18.59
CA PRO A 268 -25.18 6.18 -18.62
C PRO A 268 -24.04 7.05 -19.05
N GLU A 269 -24.30 8.04 -19.90
CA GLU A 269 -23.18 8.79 -20.43
C GLU A 269 -22.56 9.73 -19.39
N LYS A 270 -23.11 9.83 -18.12
CA LYS A 270 -22.58 10.69 -17.07
C LYS A 270 -21.58 9.94 -16.22
N PRO A 271 -20.70 10.65 -15.49
CA PRO A 271 -19.76 9.94 -14.61
C PRO A 271 -20.47 9.50 -13.34
N ASN A 272 -19.66 9.28 -12.30
CA ASN A 272 -20.22 8.84 -11.00
C ASN A 272 -19.61 9.71 -9.90
N ILE A 273 -19.85 9.37 -8.63
CA ILE A 273 -19.21 10.09 -7.49
C ILE A 273 -18.10 9.20 -6.91
N ASP A 274 -17.53 8.28 -7.72
CA ASP A 274 -16.53 7.31 -7.20
C ASP A 274 -15.26 8.07 -6.84
N VAL A 275 -14.93 8.10 -5.55
CA VAL A 275 -13.76 8.87 -5.07
C VAL A 275 -12.56 7.95 -4.98
N THR A 276 -12.77 6.63 -5.05
CA THR A 276 -11.65 5.68 -5.03
C THR A 276 -10.53 6.25 -5.89
N SER A 277 -10.88 6.82 -7.02
CA SER A 277 -9.89 7.44 -7.92
C SER A 277 -9.13 8.52 -7.17
N ALA A 278 -9.80 9.57 -6.71
CA ALA A 278 -9.12 10.70 -6.06
C ALA A 278 -8.52 10.25 -4.73
N MET A 279 -9.31 9.55 -3.95
CA MET A 279 -8.79 9.01 -2.68
C MET A 279 -7.37 8.51 -2.93
N ALA A 280 -7.20 7.61 -3.89
CA ALA A 280 -5.89 6.95 -4.12
C ALA A 280 -4.87 7.84 -4.83
N GLN A 281 -5.30 8.65 -5.78
CA GLN A 281 -4.31 9.48 -6.46
C GLN A 281 -3.43 10.01 -5.34
N LYS A 282 -4.09 10.46 -4.27
CA LYS A 282 -3.34 11.01 -3.11
C LYS A 282 -2.95 9.82 -2.25
N ASN A 283 -1.66 9.52 -2.14
CA ASN A 283 -1.30 8.31 -1.37
C ASN A 283 -2.22 8.28 -0.18
N TRP A 284 -3.20 7.40 -0.21
CA TRP A 284 -4.20 7.40 0.88
C TRP A 284 -4.21 6.01 1.49
N ASP A 285 -4.45 5.92 2.79
CA ASP A 285 -4.36 4.57 3.35
C ASP A 285 -5.63 4.30 4.16
N ALA A 286 -5.61 3.19 4.89
CA ALA A 286 -6.76 2.82 5.69
C ALA A 286 -6.99 3.81 6.84
N MET A 287 -5.98 4.03 7.69
CA MET A 287 -6.07 5.03 8.75
C MET A 287 -6.70 6.34 8.30
N LYS A 288 -6.28 6.87 7.15
CA LYS A 288 -6.83 8.16 6.74
C LYS A 288 -8.34 8.06 6.59
N ILE A 289 -8.83 6.93 6.08
CA ILE A 289 -10.28 6.69 6.00
C ILE A 289 -10.89 6.71 7.41
N PHE A 290 -10.25 6.02 8.35
CA PHE A 290 -10.77 6.01 9.70
C PHE A 290 -10.63 7.38 10.34
N LYS A 291 -9.45 8.00 10.19
CA LYS A 291 -9.22 9.27 10.84
C LYS A 291 -10.07 10.39 10.23
N THR A 292 -10.49 10.26 8.96
CA THR A 292 -11.50 11.21 8.48
C THR A 292 -12.88 10.85 9.03
N ALA A 293 -13.20 9.56 9.10
CA ALA A 293 -14.44 9.15 9.76
C ALA A 293 -14.49 9.70 11.20
N GLU A 294 -13.36 9.63 11.90
CA GLU A 294 -13.25 10.19 13.24
C GLU A 294 -13.56 11.68 13.25
N ALA A 295 -12.99 12.46 12.34
CA ALA A 295 -13.22 13.91 12.42
C ALA A 295 -14.66 14.25 12.02
N PHE A 296 -15.33 13.36 11.31
CA PHE A 296 -16.77 13.59 11.01
C PHE A 296 -17.47 13.64 12.35
N PHE A 297 -17.47 12.51 13.03
CA PHE A 297 -18.05 12.44 14.37
C PHE A 297 -17.43 13.54 15.22
N ALA A 298 -16.11 13.68 15.23
CA ALA A 298 -15.58 14.73 16.08
C ALA A 298 -16.14 16.09 15.69
N SER A 299 -16.49 16.28 14.42
CA SER A 299 -17.03 17.58 14.02
C SER A 299 -18.42 17.83 14.60
N ILE A 300 -19.17 16.75 14.90
CA ILE A 300 -20.58 16.77 15.32
C ILE A 300 -20.58 16.90 16.82
N GLY A 301 -19.39 17.07 17.39
CA GLY A 301 -19.25 16.84 18.80
C GLY A 301 -19.70 15.45 19.18
N LEU A 302 -19.11 14.42 18.55
CA LEU A 302 -19.24 13.05 19.00
C LEU A 302 -17.86 12.55 19.47
N TYR A 303 -17.80 11.28 19.86
CA TYR A 303 -16.66 10.78 20.61
C TYR A 303 -15.45 10.41 19.75
N ASN A 304 -14.28 10.93 20.11
CA ASN A 304 -13.11 10.43 19.42
C ASN A 304 -12.91 8.96 19.80
N MET A 305 -11.84 8.37 19.25
CA MET A 305 -11.60 6.93 19.30
C MET A 305 -10.59 6.59 20.39
N THR A 306 -10.93 5.58 21.20
CA THR A 306 -10.07 5.16 22.31
C THR A 306 -8.75 4.62 21.78
N GLU A 307 -7.73 4.65 22.64
CA GLU A 307 -6.46 4.13 22.17
C GLU A 307 -6.59 2.64 21.91
N GLY A 308 -7.32 1.93 22.76
CA GLY A 308 -7.60 0.54 22.49
C GLY A 308 -8.21 0.36 21.12
N PHE A 309 -8.96 1.37 20.67
CA PHE A 309 -9.56 1.25 19.36
C PHE A 309 -8.47 1.18 18.29
N TRP A 310 -7.54 2.14 18.32
CA TRP A 310 -6.50 2.20 17.30
C TRP A 310 -5.45 1.11 17.45
N THR A 311 -5.40 0.38 18.56
CA THR A 311 -4.52 -0.78 18.59
C THR A 311 -5.31 -2.06 18.31
N ASN A 312 -6.29 -2.40 19.16
CA ASN A 312 -6.95 -3.70 19.11
C ASN A 312 -7.95 -3.86 17.99
N SER A 313 -8.12 -2.90 17.10
CA SER A 313 -8.94 -3.18 15.95
C SER A 313 -8.10 -3.86 14.89
N MET A 314 -8.75 -4.72 14.11
CA MET A 314 -8.22 -5.11 12.81
C MET A 314 -8.92 -4.23 11.78
N LEU A 315 -8.25 -3.13 11.39
CA LEU A 315 -8.80 -2.28 10.36
C LEU A 315 -8.42 -2.72 8.95
N THR A 316 -7.29 -3.44 8.77
CA THR A 316 -6.87 -3.91 7.45
C THR A 316 -6.68 -5.43 7.47
N GLU A 317 -6.70 -6.02 6.29
CA GLU A 317 -6.43 -7.45 6.21
C GLU A 317 -5.02 -7.76 6.72
N PRO A 318 -4.84 -8.84 7.59
CA PRO A 318 -3.61 -9.02 8.36
C PRO A 318 -2.41 -9.50 7.53
N THR A 319 -2.17 -8.83 6.41
CA THR A 319 -1.15 -9.21 5.43
C THR A 319 -1.28 -10.70 5.14
N ASP A 320 -0.28 -11.50 5.48
CA ASP A 320 -0.33 -12.91 5.01
C ASP A 320 -0.27 -13.97 6.12
N ASN A 321 -0.80 -15.16 5.82
CA ASN A 321 -0.71 -16.31 6.75
C ASN A 321 -1.74 -16.24 7.89
N ARG A 322 -2.72 -15.33 7.82
CA ARG A 322 -3.75 -15.34 8.89
C ARG A 322 -5.12 -15.14 8.25
N LYS A 323 -6.05 -16.07 8.47
CA LYS A 323 -7.38 -15.99 7.79
C LYS A 323 -8.29 -15.09 8.63
N VAL A 324 -9.25 -14.42 7.97
CA VAL A 324 -10.09 -13.41 8.65
C VAL A 324 -11.51 -13.35 8.08
N VAL A 325 -12.51 -13.22 8.96
CA VAL A 325 -13.92 -13.01 8.52
C VAL A 325 -14.01 -11.53 8.19
N CYS A 326 -13.64 -11.15 6.97
CA CYS A 326 -13.53 -9.71 6.59
C CYS A 326 -14.86 -8.95 6.61
N HIS A 327 -15.99 -9.62 6.53
CA HIS A 327 -17.23 -8.85 6.70
C HIS A 327 -17.04 -7.74 7.74
N PRO A 328 -17.34 -6.47 7.41
CA PRO A 328 -17.19 -5.39 8.40
C PRO A 328 -18.07 -5.63 9.61
N THR A 329 -17.48 -5.43 10.80
CA THR A 329 -18.21 -5.62 12.05
C THR A 329 -17.65 -4.69 13.13
N ALA A 330 -18.55 -4.22 13.99
CA ALA A 330 -18.21 -3.41 15.16
C ALA A 330 -18.51 -4.21 16.41
N TRP A 331 -17.52 -4.29 17.30
CA TRP A 331 -17.58 -5.09 18.53
C TRP A 331 -17.63 -4.17 19.74
N ASP A 332 -18.75 -4.20 20.45
CA ASP A 332 -18.78 -3.63 21.79
C ASP A 332 -18.27 -4.70 22.76
N MET A 333 -17.02 -5.14 22.52
CA MET A 333 -16.34 -6.17 23.30
C MET A 333 -16.67 -6.08 24.78
N GLY A 334 -16.61 -4.88 25.33
CA GLY A 334 -16.99 -4.64 26.70
C GLY A 334 -15.78 -4.41 27.60
N LYS A 335 -16.09 -3.99 28.83
CA LYS A 335 -15.09 -3.41 29.70
C LYS A 335 -14.33 -2.32 28.95
N ASN A 336 -15.06 -1.51 28.18
CA ASN A 336 -14.47 -0.34 27.52
C ASN A 336 -13.52 -0.75 26.40
N ASP A 337 -13.96 -1.71 25.59
CA ASP A 337 -13.13 -2.27 24.55
C ASP A 337 -13.86 -2.13 23.21
N TYR A 338 -13.69 -1.00 22.56
CA TYR A 338 -14.30 -0.76 21.27
C TYR A 338 -13.29 -1.05 20.15
N ARG A 339 -13.68 -1.92 19.21
CA ARG A 339 -12.87 -2.47 18.12
C ARG A 339 -13.74 -2.63 16.87
N ILE A 340 -13.12 -2.53 15.71
CA ILE A 340 -13.80 -2.76 14.45
C ILE A 340 -13.04 -3.81 13.67
N LYS A 341 -13.75 -4.76 13.08
CA LYS A 341 -13.16 -5.77 12.20
C LYS A 341 -13.48 -5.43 10.76
N MET A 342 -12.44 -5.27 9.95
CA MET A 342 -12.70 -4.96 8.55
C MET A 342 -11.43 -5.15 7.76
N CYS A 343 -11.50 -5.93 6.68
CA CYS A 343 -10.43 -5.95 5.67
C CYS A 343 -10.58 -4.73 4.77
N THR A 344 -10.22 -3.56 5.32
CA THR A 344 -10.44 -2.30 4.63
C THR A 344 -9.66 -2.23 3.34
N LYS A 345 -10.26 -1.63 2.34
CA LYS A 345 -9.59 -1.29 1.11
C LYS A 345 -9.74 0.22 0.87
N VAL A 346 -9.00 0.73 -0.10
CA VAL A 346 -8.96 2.17 -0.37
C VAL A 346 -10.03 2.50 -1.41
N THR A 347 -11.28 2.23 -1.09
CA THR A 347 -12.39 2.39 -2.02
C THR A 347 -13.49 3.25 -1.40
N MET A 348 -14.33 3.82 -2.27
CA MET A 348 -15.44 4.63 -1.79
C MET A 348 -16.42 3.82 -0.95
N ASP A 349 -16.72 2.59 -1.39
CA ASP A 349 -17.55 1.70 -0.58
C ASP A 349 -17.02 1.61 0.86
N ASP A 350 -15.71 1.33 0.99
CA ASP A 350 -15.11 1.15 2.31
C ASP A 350 -15.13 2.43 3.13
N PHE A 351 -14.87 3.56 2.45
CA PHE A 351 -14.92 4.88 3.09
C PHE A 351 -16.25 5.11 3.81
N LEU A 352 -17.36 4.83 3.12
CA LEU A 352 -18.69 4.93 3.70
C LEU A 352 -18.92 3.81 4.70
N THR A 353 -18.45 2.59 4.37
CA THR A 353 -18.54 1.49 5.32
C THR A 353 -17.80 1.84 6.62
N ALA A 354 -16.66 2.52 6.50
CA ALA A 354 -15.92 2.94 7.70
C ALA A 354 -16.75 3.89 8.55
N HIS A 355 -17.33 4.94 7.95
CA HIS A 355 -18.26 5.79 8.68
C HIS A 355 -19.27 4.91 9.39
N HIS A 356 -19.90 4.01 8.64
CA HIS A 356 -20.99 3.24 9.20
C HIS A 356 -20.52 2.50 10.45
N GLU A 357 -19.41 1.78 10.34
CA GLU A 357 -18.93 0.99 11.48
C GLU A 357 -18.45 1.86 12.63
N MET A 358 -17.81 2.99 12.35
CA MET A 358 -17.44 3.84 13.47
C MET A 358 -18.67 4.39 14.15
N GLY A 359 -19.81 4.44 13.45
CA GLY A 359 -21.04 4.89 14.10
C GLY A 359 -21.48 3.94 15.20
N HIS A 360 -21.50 2.65 14.89
CA HIS A 360 -21.83 1.62 15.86
C HIS A 360 -20.99 1.75 17.13
N ILE A 361 -19.72 2.11 16.99
CA ILE A 361 -18.88 2.27 18.16
C ILE A 361 -19.39 3.43 18.99
N GLU A 362 -19.55 4.58 18.35
CA GLU A 362 -20.06 5.75 19.05
C GLU A 362 -21.25 5.36 19.91
N TYR A 363 -22.27 4.80 19.27
CA TYR A 363 -23.42 4.25 19.99
C TYR A 363 -22.97 3.40 21.18
N ASP A 364 -21.96 2.54 20.97
CA ASP A 364 -21.49 1.68 22.07
C ASP A 364 -20.80 2.50 23.15
N MET A 365 -20.00 3.52 22.77
CA MET A 365 -19.40 4.41 23.76
C MET A 365 -20.45 5.28 24.45
N ALA A 366 -21.32 5.92 23.68
CA ALA A 366 -22.37 6.74 24.24
C ALA A 366 -23.10 6.03 25.38
N TYR A 367 -23.70 4.86 25.08
CA TYR A 367 -24.53 4.20 26.10
C TYR A 367 -23.70 3.39 27.06
N SER A 368 -22.37 3.47 26.96
CA SER A 368 -21.49 2.84 27.94
C SER A 368 -21.88 3.20 29.37
N VAL A 369 -22.58 4.33 29.54
CA VAL A 369 -22.96 4.83 30.85
C VAL A 369 -24.06 4.01 31.49
N GLN A 370 -24.98 3.45 30.70
CA GLN A 370 -26.09 2.75 31.29
C GLN A 370 -25.59 1.42 31.88
N PRO A 371 -26.34 0.83 32.81
CA PRO A 371 -25.87 -0.41 33.44
C PRO A 371 -25.85 -1.57 32.45
N PHE A 372 -25.02 -2.57 32.78
CA PHE A 372 -24.55 -3.55 31.80
C PHE A 372 -25.67 -4.14 30.96
N LEU A 373 -26.82 -4.44 31.56
CA LEU A 373 -27.96 -5.06 30.86
C LEU A 373 -28.71 -4.10 29.93
N LEU A 374 -28.47 -2.80 30.03
CA LEU A 374 -29.15 -1.81 29.22
C LEU A 374 -28.27 -1.26 28.09
N ARG A 375 -27.07 -1.78 27.93
CA ARG A 375 -26.12 -1.25 26.95
C ARG A 375 -26.32 -1.94 25.58
N ASN A 376 -27.47 -1.60 24.95
CA ASN A 376 -27.75 -2.00 23.58
C ASN A 376 -28.74 -0.99 22.99
N GLY A 377 -28.93 -1.05 21.68
CA GLY A 377 -29.77 -0.07 21.02
C GLY A 377 -31.20 -0.11 21.52
N ALA A 378 -31.93 0.99 21.31
CA ALA A 378 -33.29 1.12 21.85
C ALA A 378 -34.14 -0.08 21.45
N ASN A 379 -34.12 -0.43 20.16
CA ASN A 379 -34.57 -1.73 19.70
C ASN A 379 -33.62 -2.17 18.61
N GLU A 380 -33.86 -3.36 18.03
CA GLU A 380 -32.87 -3.98 17.14
C GLU A 380 -32.51 -3.08 15.93
N GLY A 381 -33.53 -2.53 15.25
CA GLY A 381 -33.26 -1.67 14.12
C GLY A 381 -32.72 -0.28 14.40
N PHE A 382 -32.39 0.05 15.65
CA PHE A 382 -31.82 1.36 15.98
C PHE A 382 -30.32 1.41 15.69
N HIS A 383 -29.57 0.41 16.18
CA HIS A 383 -28.15 0.33 15.87
C HIS A 383 -27.89 0.53 14.40
N GLU A 384 -28.62 -0.19 13.55
CA GLU A 384 -28.38 -0.10 12.11
C GLU A 384 -28.73 1.28 11.58
N ALA A 385 -29.84 1.86 12.03
CA ALA A 385 -30.17 3.19 11.53
C ALA A 385 -29.12 4.20 11.93
N VAL A 386 -28.64 4.10 13.17
CA VAL A 386 -27.64 5.05 13.65
C VAL A 386 -26.42 4.97 12.77
N GLY A 387 -25.94 3.75 12.51
CA GLY A 387 -24.88 3.51 11.57
C GLY A 387 -25.08 4.16 10.22
N GLU A 388 -26.20 3.88 9.53
CA GLU A 388 -26.27 4.26 8.12
C GLU A 388 -26.40 5.77 7.91
N ILE A 389 -27.05 6.49 8.83
CA ILE A 389 -27.26 7.92 8.58
C ILE A 389 -25.92 8.60 8.42
N MET A 390 -24.87 8.07 9.08
CA MET A 390 -23.53 8.56 8.85
C MET A 390 -23.12 8.39 7.39
N SER A 391 -23.39 7.22 6.79
CA SER A 391 -23.10 7.05 5.37
C SER A 391 -23.92 7.99 4.51
N LEU A 392 -25.11 8.35 4.98
CA LEU A 392 -25.95 9.25 4.19
C LEU A 392 -25.27 10.61 4.05
N SER A 393 -24.79 11.14 5.18
CA SER A 393 -24.12 12.44 5.20
C SER A 393 -22.76 12.39 4.51
N ALA A 394 -21.99 11.32 4.75
CA ALA A 394 -20.65 11.26 4.23
C ALA A 394 -20.62 11.16 2.71
N ALA A 395 -21.61 10.47 2.13
CA ALA A 395 -21.62 10.17 0.69
C ALA A 395 -22.00 11.37 -0.18
N THR A 396 -22.52 12.44 0.42
CA THR A 396 -23.00 13.61 -0.31
C THR A 396 -21.86 14.25 -1.12
N PRO A 397 -22.18 15.13 -2.06
CA PRO A 397 -21.10 15.71 -2.86
C PRO A 397 -20.49 16.90 -2.14
N GLN A 398 -21.29 17.60 -1.33
CA GLN A 398 -20.72 18.75 -0.64
C GLN A 398 -19.78 18.32 0.48
N HIS A 399 -20.05 17.19 1.12
CA HIS A 399 -19.09 16.61 2.07
C HIS A 399 -17.88 16.06 1.34
N LEU A 400 -18.08 15.43 0.19
CA LEU A 400 -16.92 14.98 -0.57
C LEU A 400 -16.16 16.14 -1.21
N LYS A 401 -16.78 17.30 -1.37
CA LYS A 401 -16.00 18.46 -1.80
C LYS A 401 -15.27 19.07 -0.61
N SER A 402 -15.85 18.94 0.58
CA SER A 402 -15.15 19.33 1.80
C SER A 402 -13.83 18.61 1.96
N LEU A 403 -13.84 17.28 1.79
CA LEU A 403 -12.65 16.48 2.08
C LEU A 403 -11.64 16.47 0.92
N ASP A 404 -11.84 17.34 -0.08
CA ASP A 404 -11.03 17.49 -1.29
C ASP A 404 -11.06 16.27 -2.20
N LEU A 405 -11.94 15.32 -1.92
CA LEU A 405 -12.08 14.11 -2.70
C LEU A 405 -12.86 14.33 -3.99
N LEU A 406 -13.19 15.58 -4.26
CA LEU A 406 -13.91 15.92 -5.50
C LEU A 406 -13.65 17.38 -5.82
N GLU A 407 -13.46 17.69 -7.11
CA GLU A 407 -13.13 19.08 -7.51
C GLU A 407 -14.42 19.87 -7.64
N PRO A 408 -14.39 21.20 -7.57
CA PRO A 408 -15.61 21.98 -7.63
C PRO A 408 -16.04 21.99 -9.10
N THR A 409 -15.91 20.84 -9.75
CA THR A 409 -16.25 20.71 -11.19
C THR A 409 -17.44 19.78 -11.28
N PHE A 410 -17.56 18.90 -10.30
CA PHE A 410 -18.73 18.03 -10.23
C PHE A 410 -20.00 18.86 -10.28
N GLN A 411 -20.75 18.74 -11.37
CA GLN A 411 -22.01 19.49 -11.53
C GLN A 411 -23.12 18.70 -10.84
N GLU A 412 -24.04 19.36 -10.14
CA GLU A 412 -25.20 18.62 -9.61
C GLU A 412 -26.19 18.46 -10.75
N ASP A 413 -25.80 17.69 -11.78
CA ASP A 413 -26.64 17.50 -12.99
C ASP A 413 -27.80 16.59 -12.60
N GLU A 414 -29.03 17.00 -12.90
CA GLU A 414 -30.11 16.10 -12.49
C GLU A 414 -29.85 14.68 -12.94
N GLU A 415 -28.96 14.49 -13.90
CA GLU A 415 -28.59 13.14 -14.32
C GLU A 415 -27.87 12.39 -13.20
N THR A 416 -26.68 12.85 -12.79
CA THR A 416 -25.98 12.15 -11.72
C THR A 416 -26.77 12.14 -10.41
N GLU A 417 -27.71 13.09 -10.23
CA GLU A 417 -28.60 13.01 -9.06
C GLU A 417 -29.54 11.81 -9.18
N ILE A 418 -30.09 11.57 -10.37
CA ILE A 418 -30.94 10.40 -10.55
C ILE A 418 -30.09 9.13 -10.63
N ASN A 419 -28.84 9.23 -11.10
CA ASN A 419 -27.94 8.07 -11.01
C ASN A 419 -27.68 7.69 -9.56
N PHE A 420 -27.28 8.67 -8.74
CA PHE A 420 -27.02 8.39 -7.33
C PHE A 420 -28.26 7.87 -6.65
N LEU A 421 -29.41 8.52 -6.86
CA LEU A 421 -30.60 8.10 -6.11
C LEU A 421 -31.04 6.70 -6.51
N LEU A 422 -30.82 6.32 -7.76
CA LEU A 422 -31.25 4.99 -8.21
C LEU A 422 -30.42 3.92 -7.54
N LYS A 423 -29.08 3.98 -7.68
CA LYS A 423 -28.21 3.02 -6.99
C LYS A 423 -28.60 2.89 -5.52
N GLN A 424 -29.00 4.01 -4.87
CA GLN A 424 -29.51 3.95 -3.49
C GLN A 424 -30.78 3.13 -3.37
N ALA A 425 -31.77 3.40 -4.22
CA ALA A 425 -33.06 2.72 -4.08
C ALA A 425 -32.93 1.24 -4.38
N LEU A 426 -32.24 0.88 -5.48
CA LEU A 426 -31.91 -0.52 -5.76
C LEU A 426 -31.50 -1.23 -4.48
N THR A 427 -30.58 -0.61 -3.74
CA THR A 427 -30.10 -1.18 -2.48
C THR A 427 -31.16 -1.09 -1.41
N ILE A 428 -31.67 0.11 -1.21
CA ILE A 428 -32.37 0.48 0.01
C ILE A 428 -33.87 0.31 -0.14
N VAL A 429 -34.38 0.56 -1.33
CA VAL A 429 -35.79 0.28 -1.51
C VAL A 429 -35.98 -1.20 -1.85
N GLY A 430 -35.20 -1.70 -2.81
CA GLY A 430 -35.48 -3.03 -3.32
C GLY A 430 -35.51 -4.11 -2.25
N THR A 431 -34.92 -3.85 -1.08
CA THR A 431 -34.87 -4.87 -0.03
C THR A 431 -36.10 -4.84 0.87
N MET A 432 -36.92 -3.81 0.77
CA MET A 432 -37.96 -3.66 1.76
C MET A 432 -39.16 -4.60 1.51
N PRO A 433 -39.58 -4.87 0.25
CA PRO A 433 -40.51 -5.98 0.08
C PRO A 433 -39.83 -7.29 0.44
N PHE A 434 -38.59 -7.51 -0.06
CA PHE A 434 -37.87 -8.76 0.18
C PHE A 434 -37.77 -9.08 1.67
N THR A 435 -37.34 -8.09 2.46
CA THR A 435 -37.14 -8.31 3.89
C THR A 435 -38.47 -8.43 4.61
N TYR A 436 -39.49 -7.70 4.15
CA TYR A 436 -40.80 -7.83 4.77
C TYR A 436 -41.39 -9.21 4.51
N MET A 437 -41.41 -9.64 3.25
CA MET A 437 -42.00 -10.94 2.93
C MET A 437 -41.25 -12.08 3.60
N LEU A 438 -39.92 -12.01 3.64
CA LEU A 438 -39.13 -13.09 4.24
C LEU A 438 -39.55 -13.29 5.69
N GLU A 439 -39.44 -12.24 6.50
CA GLU A 439 -39.79 -12.37 7.90
C GLU A 439 -41.30 -12.57 8.11
N LYS A 440 -42.15 -12.12 7.19
CA LYS A 440 -43.56 -12.45 7.26
C LYS A 440 -43.76 -13.97 7.24
N TRP A 441 -43.37 -14.61 6.12
CA TRP A 441 -43.39 -16.06 5.97
C TRP A 441 -42.97 -16.74 7.27
N ARG A 442 -41.79 -16.36 7.78
CA ARG A 442 -41.32 -16.93 9.04
C ARG A 442 -42.31 -16.69 10.16
N TRP A 443 -42.90 -15.48 10.24
CA TRP A 443 -43.94 -15.29 11.25
C TRP A 443 -45.07 -16.26 11.02
N MET A 444 -45.55 -16.35 9.77
CA MET A 444 -46.75 -17.13 9.50
C MET A 444 -46.52 -18.61 9.62
N VAL A 445 -45.26 -19.04 9.56
CA VAL A 445 -44.94 -20.44 9.84
C VAL A 445 -44.90 -20.70 11.34
N PHE A 446 -44.28 -19.81 12.11
CA PHE A 446 -44.41 -19.94 13.54
C PHE A 446 -45.88 -19.80 13.95
N ASN A 447 -46.62 -18.90 13.28
CA ASN A 447 -48.07 -18.80 13.47
C ASN A 447 -48.76 -20.13 13.27
N GLY A 448 -48.31 -20.89 12.29
CA GLY A 448 -49.09 -22.01 11.83
C GLY A 448 -50.09 -21.65 10.77
N GLU A 449 -50.17 -20.37 10.37
CA GLU A 449 -51.06 -20.02 9.27
C GLU A 449 -50.62 -20.69 8.00
N ILE A 450 -49.31 -20.79 7.81
CA ILE A 450 -48.70 -21.65 6.80
C ILE A 450 -48.36 -22.97 7.45
N THR A 451 -49.26 -23.94 7.32
CA THR A 451 -49.04 -25.29 7.79
C THR A 451 -47.82 -25.90 7.11
N LYS A 452 -47.32 -27.01 7.64
CA LYS A 452 -46.07 -27.55 7.11
C LYS A 452 -46.18 -28.03 5.66
N GLN A 453 -47.39 -28.06 5.09
CA GLN A 453 -47.59 -28.62 3.76
C GLN A 453 -47.98 -27.55 2.75
N GLU A 454 -47.64 -26.29 3.05
CA GLU A 454 -47.91 -25.16 2.19
C GLU A 454 -46.69 -24.24 2.21
N TRP A 455 -45.54 -24.78 2.67
CA TRP A 455 -44.33 -24.00 2.90
C TRP A 455 -43.75 -23.47 1.60
N THR A 456 -43.41 -24.38 0.70
CA THR A 456 -42.86 -23.95 -0.57
C THR A 456 -43.89 -23.33 -1.46
N LYS A 457 -45.20 -23.57 -1.17
CA LYS A 457 -46.32 -22.97 -1.89
C LYS A 457 -46.60 -21.56 -1.41
N ARG A 458 -46.75 -21.38 -0.10
CA ARG A 458 -47.05 -20.06 0.42
C ARG A 458 -45.83 -19.15 0.44
N TRP A 459 -44.62 -19.70 0.41
CA TRP A 459 -43.41 -18.90 0.19
C TRP A 459 -43.39 -18.26 -1.19
N TRP A 460 -43.46 -19.10 -2.24
CA TRP A 460 -43.31 -18.56 -3.58
C TRP A 460 -44.55 -17.79 -4.00
N LYS A 461 -45.71 -18.15 -3.44
CA LYS A 461 -46.87 -17.28 -3.62
C LYS A 461 -46.60 -15.94 -3.01
N MET A 462 -46.20 -15.90 -1.74
CA MET A 462 -45.90 -14.61 -1.10
C MET A 462 -44.76 -13.88 -1.80
N LYS A 463 -43.83 -14.60 -2.41
CA LYS A 463 -42.84 -13.93 -3.23
C LYS A 463 -43.52 -13.21 -4.39
N ARG A 464 -44.39 -13.91 -5.12
CA ARG A 464 -45.01 -13.30 -6.28
C ARG A 464 -45.93 -12.14 -5.89
N GLU A 465 -46.76 -12.33 -4.86
CA GLU A 465 -47.73 -11.29 -4.56
C GLU A 465 -47.10 -10.08 -3.89
N ILE A 466 -46.18 -10.30 -2.95
CA ILE A 466 -45.61 -9.18 -2.19
C ILE A 466 -44.41 -8.60 -2.91
N VAL A 467 -43.46 -9.43 -3.34
CA VAL A 467 -42.16 -8.90 -3.73
C VAL A 467 -42.04 -8.62 -5.23
N GLY A 468 -42.89 -9.19 -6.07
CA GLY A 468 -42.78 -8.96 -7.49
C GLY A 468 -41.83 -9.93 -8.15
N VAL A 469 -41.68 -11.11 -7.58
CA VAL A 469 -40.55 -12.00 -7.86
C VAL A 469 -41.06 -13.43 -7.98
N VAL A 470 -40.76 -14.07 -9.13
CA VAL A 470 -41.26 -15.40 -9.46
C VAL A 470 -40.10 -16.39 -9.59
N GLU A 471 -40.40 -17.64 -9.30
CA GLU A 471 -39.44 -18.73 -9.41
C GLU A 471 -39.25 -19.09 -10.89
N PRO A 472 -38.03 -19.29 -11.38
CA PRO A 472 -37.85 -19.70 -12.79
C PRO A 472 -38.00 -21.19 -13.03
N VAL A 473 -38.02 -21.97 -11.97
CA VAL A 473 -38.22 -23.42 -12.00
C VAL A 473 -39.08 -23.80 -10.81
N PRO A 474 -40.11 -24.65 -10.97
CA PRO A 474 -40.95 -25.01 -9.83
C PRO A 474 -40.18 -25.76 -8.75
N HIS A 475 -40.72 -25.64 -7.52
CA HIS A 475 -40.15 -26.25 -6.33
C HIS A 475 -41.27 -26.95 -5.60
N ASP A 476 -41.01 -28.17 -5.15
CA ASP A 476 -42.01 -28.82 -4.33
C ASP A 476 -41.64 -28.68 -2.83
N GLU A 477 -42.14 -29.56 -1.97
CA GLU A 477 -41.83 -29.43 -0.55
C GLU A 477 -40.64 -30.28 -0.11
N THR A 478 -39.76 -30.65 -1.04
CA THR A 478 -38.40 -31.11 -0.73
C THR A 478 -37.39 -29.98 -0.65
N TYR A 479 -37.79 -28.75 -0.97
CA TYR A 479 -37.00 -27.54 -0.84
C TYR A 479 -37.37 -26.74 0.40
N CYS A 480 -36.41 -25.95 0.87
CA CYS A 480 -36.64 -25.05 1.97
C CYS A 480 -36.01 -23.73 1.56
N ASP A 481 -36.68 -23.06 0.62
CA ASP A 481 -36.09 -21.88 0.01
C ASP A 481 -35.74 -20.78 0.99
N PRO A 482 -36.53 -20.54 2.05
CA PRO A 482 -36.06 -19.57 3.06
C PRO A 482 -34.73 -19.92 3.70
N ALA A 483 -34.48 -21.19 4.02
CA ALA A 483 -33.20 -21.60 4.63
C ALA A 483 -32.05 -21.66 3.60
N ALA A 484 -32.31 -21.22 2.35
CA ALA A 484 -31.25 -20.90 1.41
C ALA A 484 -30.41 -19.69 1.81
N LEU A 485 -30.85 -18.92 2.80
CA LEU A 485 -30.26 -17.63 3.17
C LEU A 485 -29.69 -17.70 4.57
N PHE A 486 -28.51 -17.10 4.75
CA PHE A 486 -27.75 -17.26 5.98
C PHE A 486 -28.62 -17.09 7.24
N HIS A 487 -29.38 -15.99 7.30
CA HIS A 487 -30.05 -15.62 8.56
C HIS A 487 -31.14 -16.62 8.95
N VAL A 488 -31.88 -17.10 7.97
CA VAL A 488 -32.92 -18.08 8.25
C VAL A 488 -32.33 -19.33 8.90
N ALA A 489 -31.14 -19.73 8.47
CA ALA A 489 -30.53 -20.99 8.90
C ALA A 489 -29.58 -20.80 10.05
N ASN A 490 -29.32 -19.56 10.45
CA ASN A 490 -28.46 -19.28 11.59
C ASN A 490 -29.23 -18.69 12.77
N ASP A 491 -30.57 -18.80 12.77
CA ASP A 491 -31.35 -18.33 13.92
C ASP A 491 -31.19 -16.83 14.09
N TYR A 492 -31.37 -16.10 13.01
CA TYR A 492 -31.31 -14.65 13.06
C TYR A 492 -32.60 -14.02 12.58
N SER A 493 -33.09 -13.06 13.36
CA SER A 493 -34.19 -12.20 12.92
C SER A 493 -33.76 -11.40 11.70
N PHE A 494 -34.77 -10.95 10.95
CA PHE A 494 -34.52 -10.28 9.68
C PHE A 494 -35.32 -8.98 9.54
N ILE A 495 -36.43 -8.82 10.28
CA ILE A 495 -37.25 -7.61 10.23
C ILE A 495 -36.44 -6.35 10.54
N ARG A 496 -35.42 -6.47 11.41
CA ARG A 496 -34.52 -5.36 11.74
C ARG A 496 -34.05 -4.55 10.53
N TYR A 497 -33.84 -5.21 9.38
CA TYR A 497 -33.25 -4.54 8.22
C TYR A 497 -34.27 -3.68 7.54
N TYR A 498 -35.54 -4.10 7.67
CA TYR A 498 -36.69 -3.24 7.44
C TYR A 498 -36.70 -2.06 8.41
N THR A 499 -36.71 -2.34 9.71
CA THR A 499 -36.88 -1.25 10.66
C THR A 499 -35.64 -0.36 10.76
N ARG A 500 -34.45 -0.88 10.43
CA ARG A 500 -33.32 0.02 10.18
C ARG A 500 -33.70 1.09 9.16
N THR A 501 -34.25 0.65 8.03
CA THR A 501 -34.42 1.53 6.90
C THR A 501 -35.35 2.68 7.26
N ILE A 502 -36.53 2.36 7.82
CA ILE A 502 -37.49 3.41 8.17
C ILE A 502 -36.91 4.34 9.21
N TYR A 503 -36.32 3.80 10.28
CA TYR A 503 -35.74 4.64 11.33
C TYR A 503 -34.63 5.55 10.80
N GLN A 504 -33.80 5.08 9.87
CA GLN A 504 -32.66 5.92 9.54
C GLN A 504 -33.10 7.18 8.80
N PHE A 505 -34.29 7.19 8.22
CA PHE A 505 -34.71 8.41 7.57
C PHE A 505 -35.54 9.31 8.48
N GLN A 506 -36.21 8.73 9.49
CA GLN A 506 -36.74 9.51 10.59
C GLN A 506 -35.61 10.25 11.30
N PHE A 507 -34.49 9.56 11.53
CA PHE A 507 -33.29 10.17 12.09
C PHE A 507 -32.78 11.26 11.14
N GLN A 508 -32.39 10.87 9.91
CA GLN A 508 -31.71 11.81 9.02
C GLN A 508 -32.49 13.11 8.87
N GLU A 509 -33.83 13.07 8.93
CA GLU A 509 -34.67 14.26 8.75
C GLU A 509 -34.77 15.12 10.01
N ALA A 510 -34.94 14.48 11.17
CA ALA A 510 -34.79 15.19 12.45
C ALA A 510 -33.40 15.81 12.60
N LEU A 511 -32.37 15.16 12.06
CA LEU A 511 -31.04 15.74 12.19
C LEU A 511 -30.80 16.84 11.15
N CYS A 512 -31.28 16.66 9.93
CA CYS A 512 -31.07 17.73 8.95
C CYS A 512 -32.05 18.90 9.15
N LYS A 513 -33.13 18.72 9.93
CA LYS A 513 -33.90 19.88 10.42
C LYS A 513 -33.10 20.64 11.47
N ALA A 514 -32.39 19.93 12.33
CA ALA A 514 -31.71 20.63 13.40
C ALA A 514 -30.63 21.58 12.86
N ALA A 515 -30.16 21.38 11.62
CA ALA A 515 -29.10 22.19 11.04
C ALA A 515 -29.57 23.04 9.85
N ASN A 516 -30.75 23.66 9.98
CA ASN A 516 -31.34 24.57 8.99
C ASN A 516 -31.31 24.05 7.57
N HIS A 517 -31.42 22.74 7.35
CA HIS A 517 -31.17 22.26 5.99
C HIS A 517 -32.22 22.79 5.03
N THR A 518 -31.75 23.39 3.95
CA THR A 518 -32.58 24.05 2.94
C THR A 518 -32.65 23.19 1.68
N GLY A 519 -33.56 22.22 1.68
CA GLY A 519 -33.91 21.54 0.45
C GLY A 519 -33.76 20.03 0.42
N PRO A 520 -33.24 19.49 -0.69
CA PRO A 520 -33.32 18.04 -0.94
C PRO A 520 -32.64 17.23 0.15
N LEU A 521 -33.39 16.30 0.75
CA LEU A 521 -32.84 15.46 1.80
C LEU A 521 -31.57 14.77 1.34
N HIS A 522 -31.63 14.16 0.16
CA HIS A 522 -30.47 13.45 -0.38
C HIS A 522 -29.22 14.32 -0.45
N LYS A 523 -29.35 15.64 -0.50
CA LYS A 523 -28.22 16.54 -0.30
C LYS A 523 -28.23 17.10 1.11
N CYS A 524 -28.09 16.20 2.09
CA CYS A 524 -27.88 16.65 3.46
C CYS A 524 -26.63 16.04 4.07
N ASP A 525 -25.84 16.92 4.68
CA ASP A 525 -24.70 16.54 5.51
C ASP A 525 -24.80 17.20 6.87
N ILE A 526 -24.69 16.37 7.91
CA ILE A 526 -24.93 16.76 9.29
C ILE A 526 -23.67 17.27 9.96
N THR A 527 -22.55 17.34 9.23
CA THR A 527 -21.22 17.60 9.78
C THR A 527 -21.13 19.01 10.34
N ASN A 528 -20.34 19.16 11.40
CA ASN A 528 -20.15 20.42 12.11
C ASN A 528 -21.42 20.86 12.83
N SER A 529 -22.45 20.01 12.82
CA SER A 529 -23.75 20.40 13.41
C SER A 529 -23.58 20.73 14.88
N THR A 530 -23.04 19.79 15.67
CA THR A 530 -22.94 19.98 17.14
C THR A 530 -24.36 19.96 17.68
N ALA A 531 -25.25 20.74 17.08
CA ALA A 531 -26.67 20.75 17.50
C ALA A 531 -27.30 19.41 17.13
N ALA A 532 -27.22 19.00 15.87
CA ALA A 532 -27.76 17.67 15.54
C ALA A 532 -27.09 16.64 16.44
N GLY A 533 -25.76 16.64 16.45
CA GLY A 533 -25.00 15.70 17.28
C GLY A 533 -25.52 15.71 18.70
N GLY A 534 -26.00 16.86 19.15
CA GLY A 534 -26.63 16.89 20.48
C GLY A 534 -27.75 15.88 20.54
N ASN A 535 -28.83 16.13 19.81
CA ASN A 535 -29.97 15.19 19.79
C ASN A 535 -29.40 13.78 19.58
N LEU A 536 -28.44 13.65 18.68
CA LEU A 536 -27.85 12.33 18.42
C LEU A 536 -27.18 11.76 19.67
N ARG A 537 -26.50 12.59 20.45
CA ARG A 537 -25.90 12.04 21.66
C ARG A 537 -26.96 11.67 22.68
N GLN A 538 -28.02 12.49 22.80
CA GLN A 538 -29.07 12.25 23.79
C GLN A 538 -29.74 10.90 23.60
N LEU A 539 -29.93 10.46 22.35
CA LEU A 539 -30.46 9.11 22.15
C LEU A 539 -29.42 8.06 22.42
N LEU A 540 -28.25 8.21 21.80
CA LEU A 540 -27.31 7.11 21.81
C LEU A 540 -26.86 6.80 23.23
N GLU A 541 -26.73 7.81 24.08
CA GLU A 541 -26.36 7.49 25.46
C GLU A 541 -27.45 6.78 26.23
N LEU A 542 -28.62 6.55 25.63
CA LEU A 542 -29.73 5.88 26.31
C LEU A 542 -29.68 4.36 26.22
N GLY A 543 -28.97 3.82 25.23
CA GLY A 543 -29.13 2.39 24.96
C GLY A 543 -30.59 2.00 25.04
N LYS A 544 -30.91 0.96 25.82
CA LYS A 544 -32.29 0.55 26.03
C LYS A 544 -32.87 1.08 27.34
N SER A 545 -32.29 2.16 27.88
CA SER A 545 -32.77 2.65 29.17
C SER A 545 -34.24 3.06 29.10
N LYS A 546 -34.74 3.46 27.94
CA LYS A 546 -36.10 3.96 27.81
C LYS A 546 -36.70 3.38 26.55
N PRO A 547 -38.03 3.38 26.45
CA PRO A 547 -38.69 2.72 25.33
C PRO A 547 -38.26 3.29 24.00
N TRP A 548 -38.25 2.43 22.97
CA TRP A 548 -37.83 2.90 21.65
C TRP A 548 -38.74 4.02 21.17
N THR A 549 -40.01 3.98 21.57
CA THR A 549 -40.95 5.04 21.21
C THR A 549 -40.47 6.39 21.74
N GLN A 550 -40.12 6.46 23.03
CA GLN A 550 -39.69 7.72 23.62
C GLN A 550 -38.47 8.31 22.91
N ALA A 551 -37.46 7.49 22.61
CA ALA A 551 -36.26 8.06 22.00
C ALA A 551 -36.50 8.42 20.54
N LEU A 552 -37.40 7.73 19.85
CA LEU A 552 -37.70 8.15 18.49
C LEU A 552 -38.38 9.52 18.50
N GLU A 553 -39.23 9.78 19.50
CA GLU A 553 -39.92 11.06 19.60
C GLU A 553 -38.97 12.17 20.05
N SER A 554 -38.16 11.90 21.08
CA SER A 554 -37.31 12.96 21.62
C SER A 554 -36.31 13.46 20.57
N ALA A 555 -35.79 12.55 19.72
CA ALA A 555 -34.83 12.89 18.68
C ALA A 555 -35.50 13.38 17.39
N THR A 556 -36.65 12.80 17.03
CA THR A 556 -37.31 13.13 15.78
C THR A 556 -38.63 13.87 15.93
N GLY A 557 -39.37 13.68 17.02
CA GLY A 557 -40.67 14.27 17.21
C GLY A 557 -41.84 13.31 17.09
N GLU A 558 -41.60 12.04 16.80
CA GLU A 558 -42.64 11.08 16.53
C GLU A 558 -42.41 9.80 17.31
N LYS A 559 -43.46 9.30 17.94
CA LYS A 559 -43.37 8.12 18.79
C LYS A 559 -43.37 6.82 18.00
N TYR A 560 -43.52 6.87 16.68
CA TYR A 560 -43.81 5.64 15.95
C TYR A 560 -43.13 5.62 14.59
N MET A 561 -42.90 4.38 14.13
CA MET A 561 -42.31 4.09 12.82
C MET A 561 -43.07 4.81 11.72
N ASN A 562 -42.37 5.65 10.97
CA ASN A 562 -43.01 6.49 9.96
C ASN A 562 -42.16 6.44 8.69
N ALA A 563 -42.72 5.88 7.62
CA ALA A 563 -41.99 5.74 6.37
C ALA A 563 -42.02 7.00 5.54
N THR A 564 -42.68 8.05 6.01
CA THR A 564 -42.73 9.27 5.21
C THR A 564 -41.34 9.85 4.99
N PRO A 565 -40.52 10.09 6.02
CA PRO A 565 -39.18 10.65 5.77
C PRO A 565 -38.40 9.88 4.70
N LEU A 566 -38.41 8.54 4.74
CA LEU A 566 -37.87 7.74 3.65
C LEU A 566 -38.41 8.23 2.30
N LEU A 567 -39.72 8.42 2.22
CA LEU A 567 -40.31 8.83 0.94
C LEU A 567 -39.83 10.20 0.52
N HIS A 568 -39.56 11.09 1.47
CA HIS A 568 -38.86 12.33 1.13
C HIS A 568 -37.53 12.04 0.48
N TYR A 569 -36.69 11.28 1.16
CA TYR A 569 -35.33 11.03 0.68
C TYR A 569 -35.32 10.55 -0.76
N PHE A 570 -36.46 10.05 -1.26
CA PHE A 570 -36.49 9.50 -2.60
C PHE A 570 -37.43 10.23 -3.56
N GLU A 571 -38.18 11.25 -3.13
CA GLU A 571 -39.13 11.91 -4.04
C GLU A 571 -38.56 12.20 -5.43
N PRO A 572 -37.41 12.88 -5.60
CA PRO A 572 -36.94 13.16 -6.98
C PRO A 572 -36.91 11.94 -7.87
N LEU A 573 -36.47 10.81 -7.31
CA LEU A 573 -36.47 9.56 -8.04
C LEU A 573 -37.89 9.04 -8.26
N PHE A 574 -38.74 9.07 -7.22
CA PHE A 574 -40.15 8.74 -7.43
C PHE A 574 -40.70 9.48 -8.63
N ASN A 575 -40.57 10.81 -8.64
CA ASN A 575 -41.04 11.57 -9.78
C ASN A 575 -40.39 11.05 -11.06
N TRP A 576 -39.14 10.62 -10.99
CA TRP A 576 -38.47 10.19 -12.22
C TRP A 576 -39.01 8.86 -12.75
N LEU A 577 -39.33 7.93 -11.87
CA LEU A 577 -39.80 6.63 -12.34
C LEU A 577 -41.22 6.73 -12.90
N GLN A 578 -42.07 7.53 -12.27
CA GLN A 578 -43.38 7.84 -12.85
C GLN A 578 -43.25 8.34 -14.29
N LYS A 579 -42.26 9.21 -14.55
CA LYS A 579 -42.11 9.87 -15.85
C LYS A 579 -41.40 8.97 -16.84
N ASN A 580 -40.49 8.13 -16.37
CA ASN A 580 -39.87 7.18 -17.33
C ASN A 580 -40.89 6.09 -17.66
N ASN A 581 -41.52 5.49 -16.65
CA ASN A 581 -42.40 4.31 -16.88
C ASN A 581 -43.79 4.74 -17.34
N SER A 582 -43.86 5.57 -18.39
CA SER A 582 -45.16 6.12 -18.85
C SER A 582 -46.01 5.08 -19.56
N GLY A 583 -45.39 4.21 -20.33
CA GLY A 583 -46.12 3.26 -21.16
C GLY A 583 -46.18 1.85 -20.59
N ARG A 584 -45.40 1.61 -19.55
CA ARG A 584 -45.46 0.36 -18.81
C ARG A 584 -46.58 0.39 -17.78
N SER A 585 -47.13 -0.79 -17.48
CA SER A 585 -47.97 -0.90 -16.31
C SER A 585 -47.10 -0.86 -15.06
N ILE A 586 -47.62 -0.28 -13.99
CA ILE A 586 -46.80 -0.20 -12.77
C ILE A 586 -47.30 -1.21 -11.75
N GLY A 587 -47.00 -2.49 -12.02
CA GLY A 587 -47.42 -3.59 -11.17
C GLY A 587 -46.94 -4.90 -11.77
N TRP A 588 -47.43 -6.02 -11.22
CA TRP A 588 -47.01 -7.33 -11.71
C TRP A 588 -48.17 -8.33 -11.76
N ASN A 589 -48.01 -9.31 -12.67
CA ASN A 589 -48.94 -10.45 -12.77
C ASN A 589 -48.50 -11.45 -11.72
N THR A 590 -49.37 -12.38 -11.39
CA THR A 590 -49.06 -13.39 -10.36
C THR A 590 -49.40 -14.73 -11.00
N ASP A 591 -49.48 -14.73 -12.33
CA ASP A 591 -49.88 -15.96 -13.05
C ASP A 591 -48.78 -16.32 -14.05
N TRP A 592 -47.98 -15.34 -14.48
CA TRP A 592 -46.89 -15.72 -15.36
C TRP A 592 -45.69 -16.18 -14.56
N THR A 593 -45.11 -17.29 -14.99
CA THR A 593 -43.82 -17.79 -14.56
C THR A 593 -43.02 -18.14 -15.81
N PRO A 594 -41.66 -18.22 -15.73
CA PRO A 594 -40.87 -18.60 -16.88
C PRO A 594 -41.51 -19.88 -17.42
N TYR A 595 -41.79 -20.83 -16.53
CA TYR A 595 -42.31 -22.13 -17.01
C TYR A 595 -43.56 -21.91 -17.86
N SER A 596 -44.48 -21.07 -17.38
CA SER A 596 -45.76 -20.87 -18.12
C SER A 596 -45.53 -20.09 -19.41
N ASP A 597 -44.42 -19.36 -19.55
CA ASP A 597 -44.26 -18.47 -20.73
C ASP A 597 -44.70 -19.07 -22.07
N VAL B 2 39.86 32.30 -11.31
CA VAL B 2 38.51 32.03 -10.84
C VAL B 2 38.41 32.20 -9.29
N THR B 3 39.56 32.15 -8.60
CA THR B 3 39.57 32.61 -7.22
C THR B 3 39.04 34.03 -7.12
N GLN B 4 39.62 34.95 -7.91
CA GLN B 4 39.19 36.35 -7.92
C GLN B 4 37.68 36.47 -8.10
N GLU B 5 37.12 35.81 -9.10
CA GLU B 5 35.67 35.98 -9.39
C GLU B 5 34.83 35.38 -8.26
N ALA B 6 35.04 34.10 -7.96
CA ALA B 6 34.35 33.46 -6.83
C ALA B 6 34.33 34.44 -5.68
N GLN B 7 35.47 35.06 -5.42
CA GLN B 7 35.57 36.01 -4.31
C GLN B 7 34.60 37.16 -4.57
N THR B 8 34.59 37.68 -5.79
CA THR B 8 33.68 38.78 -6.09
C THR B 8 32.22 38.33 -5.95
N PHE B 9 31.96 37.04 -6.15
CA PHE B 9 30.59 36.55 -6.06
C PHE B 9 30.21 36.32 -4.62
N LEU B 10 31.12 35.78 -3.80
CA LEU B 10 30.86 35.75 -2.37
C LEU B 10 30.72 37.16 -1.81
N ALA B 11 31.45 38.12 -2.37
CA ALA B 11 31.29 39.52 -1.97
C ALA B 11 29.83 39.95 -2.07
N GLU B 12 29.22 39.77 -3.25
CA GLU B 12 27.81 40.10 -3.45
C GLU B 12 26.92 39.30 -2.51
N PHE B 13 27.18 37.99 -2.39
CA PHE B 13 26.27 37.15 -1.63
C PHE B 13 26.30 37.49 -0.16
N ASN B 14 27.50 37.58 0.43
CA ASN B 14 27.62 37.73 1.89
C ASN B 14 26.82 38.90 2.39
N VAL B 15 26.77 39.96 1.60
CA VAL B 15 26.03 41.16 1.95
C VAL B 15 24.53 40.97 1.76
N ARG B 16 24.12 40.43 0.60
CA ARG B 16 22.70 40.22 0.34
C ARG B 16 22.13 39.18 1.30
N ALA B 17 22.83 38.05 1.41
CA ALA B 17 22.41 36.96 2.28
C ALA B 17 22.18 37.44 3.70
N GLU B 18 23.25 37.88 4.35
CA GLU B 18 23.21 38.34 5.74
C GLU B 18 21.98 39.20 5.99
N ASP B 19 21.74 40.14 5.08
CA ASP B 19 20.63 41.06 5.25
C ASP B 19 19.29 40.34 5.24
N ILE B 20 19.16 39.30 4.41
CA ILE B 20 17.86 38.64 4.24
C ILE B 20 17.59 37.64 5.37
N SER B 21 18.55 36.77 5.70
CA SER B 21 18.30 35.85 6.80
C SER B 21 18.24 36.60 8.14
N TYR B 22 18.79 37.81 8.23
CA TYR B 22 18.51 38.58 9.43
C TYR B 22 17.02 38.92 9.53
N GLU B 23 16.41 39.30 8.42
CA GLU B 23 14.97 39.53 8.44
C GLU B 23 14.24 38.26 8.85
N ASN B 24 14.78 37.10 8.47
CA ASN B 24 14.19 35.81 8.87
C ASN B 24 14.28 35.60 10.36
N SER B 25 15.51 35.62 10.88
CA SER B 25 15.74 35.56 12.32
C SER B 25 14.77 36.48 13.08
N LEU B 26 14.66 37.71 12.58
CA LEU B 26 13.66 38.65 13.06
C LEU B 26 12.26 38.03 13.02
N ALA B 27 11.84 37.56 11.85
CA ALA B 27 10.48 37.06 11.70
C ALA B 27 10.25 35.85 12.61
N SER B 28 11.17 34.90 12.56
CA SER B 28 11.04 33.68 13.35
C SER B 28 11.03 33.97 14.84
N TRP B 29 11.98 34.80 15.31
CA TRP B 29 11.97 35.25 16.72
C TRP B 29 10.63 35.84 17.10
N ASN B 30 10.16 36.78 16.28
CA ASN B 30 8.88 37.43 16.49
C ASN B 30 7.76 36.41 16.64
N TYR B 31 7.87 35.29 15.91
CA TYR B 31 6.90 34.22 16.09
C TYR B 31 7.09 33.55 17.44
N ASN B 32 8.33 33.41 17.89
CA ASN B 32 8.49 32.63 19.11
C ASN B 32 8.25 33.48 20.36
N THR B 33 8.50 34.81 20.30
CA THR B 33 8.13 35.69 21.43
C THR B 33 6.67 36.09 21.41
N ASN B 34 5.97 35.84 20.30
CA ASN B 34 4.57 36.23 20.13
C ASN B 34 3.93 35.26 19.15
N ILE B 35 3.14 34.33 19.66
CA ILE B 35 2.53 33.28 18.85
C ILE B 35 1.11 33.74 18.54
N THR B 36 0.95 34.40 17.39
CA THR B 36 -0.36 34.80 16.87
C THR B 36 -0.38 34.44 15.37
N GLU B 37 -1.45 34.81 14.66
CA GLU B 37 -1.50 34.49 13.24
C GLU B 37 -0.52 35.36 12.45
N GLU B 38 -0.53 36.67 12.68
CA GLU B 38 0.29 37.57 11.89
C GLU B 38 1.77 37.25 12.01
N THR B 39 2.21 36.73 13.16
CA THR B 39 3.63 36.45 13.31
C THR B 39 4.02 35.18 12.53
N ALA B 40 3.22 34.11 12.63
CA ALA B 40 3.51 32.89 11.86
C ALA B 40 3.53 33.15 10.35
N ARG B 41 2.54 33.89 9.84
CA ARG B 41 2.54 34.29 8.43
C ARG B 41 3.81 35.01 8.04
N LYS B 42 4.16 36.10 8.76
CA LYS B 42 5.35 36.89 8.43
C LYS B 42 6.59 36.02 8.54
N MET B 43 6.59 35.15 9.55
CA MET B 43 7.66 34.18 9.67
C MET B 43 7.78 33.36 8.39
N SER B 44 6.65 32.91 7.85
CA SER B 44 6.69 32.09 6.64
C SER B 44 7.05 32.91 5.41
N GLU B 45 6.58 34.16 5.33
CA GLU B 45 6.99 35.00 4.22
C GLU B 45 8.48 35.24 4.23
N ALA B 46 9.04 35.51 5.41
CA ALA B 46 10.50 35.66 5.50
C ALA B 46 11.20 34.40 5.03
N GLY B 47 10.80 33.23 5.55
CA GLY B 47 11.40 31.97 5.14
C GLY B 47 11.34 31.75 3.63
N ALA B 48 10.35 32.34 2.98
CA ALA B 48 10.31 32.30 1.52
C ALA B 48 11.52 33.03 0.94
N LYS B 49 11.62 34.35 1.19
CA LYS B 49 12.70 35.12 0.58
C LYS B 49 14.06 34.52 0.89
N TRP B 50 14.26 34.04 2.12
CA TRP B 50 15.49 33.35 2.40
C TRP B 50 15.63 32.14 1.49
N ALA B 51 14.57 31.35 1.37
CA ALA B 51 14.68 30.08 0.66
C ALA B 51 14.94 30.31 -0.83
N ALA B 52 14.27 31.31 -1.42
CA ALA B 52 14.50 31.61 -2.83
C ALA B 52 15.91 32.15 -3.03
N PHE B 53 16.30 33.14 -2.22
CA PHE B 53 17.60 33.76 -2.36
C PHE B 53 18.72 32.74 -2.28
N TYR B 54 18.65 31.80 -1.31
CA TYR B 54 19.71 30.79 -1.21
C TYR B 54 19.68 29.80 -2.38
N GLU B 55 18.56 29.64 -3.09
CA GLU B 55 18.57 28.75 -4.26
C GLU B 55 19.37 29.35 -5.41
N GLU B 56 18.98 30.55 -5.87
CA GLU B 56 19.72 31.22 -6.91
C GLU B 56 21.20 31.34 -6.53
N ALA B 57 21.47 31.76 -5.28
CA ALA B 57 22.84 31.81 -4.78
C ALA B 57 23.51 30.46 -4.94
N SER B 58 22.91 29.44 -4.32
CA SER B 58 23.38 28.07 -4.48
C SER B 58 23.61 27.73 -5.95
N ARG B 59 22.71 28.17 -6.81
CA ARG B 59 22.85 27.85 -8.22
C ARG B 59 24.07 28.54 -8.82
N ASN B 60 24.30 29.81 -8.47
CA ASN B 60 25.46 30.54 -9.01
C ASN B 60 26.77 29.97 -8.51
N ALA B 61 26.84 29.57 -7.22
CA ALA B 61 28.04 28.91 -6.70
C ALA B 61 28.25 27.56 -7.37
N SER B 62 27.18 26.87 -7.73
CA SER B 62 27.34 25.64 -8.49
C SER B 62 28.14 25.89 -9.76
N ARG B 63 27.99 27.08 -10.35
CA ARG B 63 28.77 27.42 -11.54
C ARG B 63 30.28 27.23 -11.30
N PHE B 64 30.75 27.56 -10.10
CA PHE B 64 32.17 27.52 -9.79
C PHE B 64 32.68 26.09 -9.62
N SER B 65 33.97 26.00 -9.32
CA SER B 65 34.73 24.76 -9.50
C SER B 65 35.78 24.72 -8.40
N LEU B 66 35.56 23.86 -7.40
CA LEU B 66 36.25 24.05 -6.13
C LEU B 66 37.76 23.94 -6.30
N ALA B 67 38.22 23.00 -7.13
CA ALA B 67 39.66 22.75 -7.31
C ALA B 67 40.37 23.80 -8.15
N ASN B 68 39.63 24.73 -8.76
CA ASN B 68 40.25 25.91 -9.35
C ASN B 68 40.21 27.10 -8.42
N ILE B 69 39.93 26.86 -7.14
CA ILE B 69 39.95 27.90 -6.11
C ILE B 69 41.11 27.57 -5.16
N GLN B 70 42.08 28.48 -5.06
CA GLN B 70 43.27 28.21 -4.21
C GLN B 70 42.91 28.35 -2.73
N ASP B 71 42.28 29.46 -2.33
CA ASP B 71 42.05 29.72 -0.90
C ASP B 71 41.14 28.67 -0.28
N ALA B 72 41.67 27.88 0.66
CA ALA B 72 40.81 26.93 1.39
C ALA B 72 39.63 27.72 1.91
N VAL B 73 39.88 28.96 2.29
CA VAL B 73 38.77 29.70 2.89
C VAL B 73 37.68 29.94 1.87
N THR B 74 38.04 30.54 0.72
CA THR B 74 37.00 30.79 -0.27
C THR B 74 36.56 29.49 -0.95
N ARG B 75 37.46 28.52 -1.11
CA ARG B 75 37.03 27.15 -1.40
C ARG B 75 35.89 26.69 -0.50
N LEU B 76 36.17 26.60 0.81
CA LEU B 76 35.20 26.26 1.87
C LEU B 76 33.87 26.95 1.71
N GLN B 77 33.91 28.24 1.36
CA GLN B 77 32.69 29.03 1.36
C GLN B 77 31.89 28.78 0.11
N ILE B 78 32.54 28.81 -1.05
CA ILE B 78 31.88 28.46 -2.29
C ILE B 78 31.58 26.97 -2.36
N GLN B 79 32.03 26.19 -1.36
CA GLN B 79 31.57 24.81 -1.21
C GLN B 79 30.21 24.74 -0.54
N SER B 80 30.14 25.09 0.76
CA SER B 80 28.89 25.00 1.50
C SER B 80 27.78 25.76 0.81
N LEU B 81 28.12 26.77 0.02
CA LEU B 81 27.13 27.44 -0.80
C LEU B 81 26.74 26.62 -2.03
N GLN B 82 27.53 25.62 -2.45
CA GLN B 82 27.14 24.83 -3.60
C GLN B 82 26.15 23.71 -3.24
N ASP B 83 25.81 23.61 -1.95
CA ASP B 83 24.83 22.58 -1.51
C ASP B 83 23.43 23.19 -1.40
N ARG B 84 22.42 22.51 -1.96
CA ARG B 84 21.00 22.96 -1.85
C ARG B 84 20.16 21.94 -1.07
N GLY B 85 19.73 20.88 -1.75
CA GLY B 85 18.87 19.86 -1.13
C GLY B 85 17.44 20.32 -1.27
N SER B 86 16.51 19.41 -1.56
CA SER B 86 15.07 19.77 -1.60
C SER B 86 14.80 20.84 -2.65
N SER B 87 15.84 21.53 -3.12
CA SER B 87 15.70 22.58 -4.15
C SER B 87 16.06 21.96 -5.49
N VAL B 88 17.11 21.14 -5.50
CA VAL B 88 17.51 20.44 -6.75
C VAL B 88 16.30 19.71 -7.33
N LEU B 89 15.32 19.40 -6.48
CA LEU B 89 14.16 18.66 -6.94
C LEU B 89 13.26 19.54 -7.81
N SER B 90 12.65 18.90 -8.80
CA SER B 90 11.76 19.54 -9.76
C SER B 90 10.81 20.49 -9.07
N PRO B 91 10.35 21.54 -9.75
CA PRO B 91 9.37 22.43 -9.12
C PRO B 91 8.13 21.70 -8.58
N GLU B 92 7.66 20.63 -9.23
CA GLU B 92 6.50 19.89 -8.72
C GLU B 92 6.86 19.02 -7.52
N LYS B 93 7.99 18.32 -7.56
CA LYS B 93 8.35 17.46 -6.45
C LYS B 93 8.76 18.23 -5.21
N TYR B 94 9.18 19.49 -5.36
CA TYR B 94 9.52 20.29 -4.19
C TYR B 94 8.28 20.47 -3.31
N SER B 95 7.14 20.83 -3.93
CA SER B 95 5.91 20.95 -3.17
C SER B 95 5.52 19.62 -2.54
N ARG B 96 5.62 18.51 -3.30
CA ARG B 96 5.26 17.20 -2.74
C ARG B 96 6.06 16.92 -1.48
N LEU B 97 7.33 17.32 -1.45
CA LEU B 97 8.13 17.13 -0.25
C LEU B 97 7.75 18.10 0.86
N ASN B 98 7.41 19.36 0.52
CA ASN B 98 7.00 20.31 1.55
C ASN B 98 5.69 19.88 2.21
N SER B 99 4.69 19.56 1.40
CA SER B 99 3.44 19.07 1.97
C SER B 99 3.65 17.81 2.80
N VAL B 100 4.36 16.81 2.25
CA VAL B 100 4.66 15.58 2.99
C VAL B 100 5.17 15.92 4.39
N MET B 101 6.23 16.73 4.48
CA MET B 101 6.75 17.14 5.78
C MET B 101 5.79 18.09 6.50
N ASN B 102 5.10 18.97 5.77
CA ASN B 102 4.28 19.95 6.44
C ASN B 102 3.11 19.27 7.16
N SER B 103 2.60 18.17 6.58
CA SER B 103 1.59 17.39 7.30
C SER B 103 2.22 16.49 8.37
N MET B 104 3.37 15.86 8.09
CA MET B 104 4.08 15.10 9.15
C MET B 104 4.26 15.95 10.40
N SER B 105 4.69 17.19 10.23
CA SER B 105 5.09 18.01 11.37
C SER B 105 3.87 18.54 12.09
N THR B 106 2.83 18.90 11.35
CA THR B 106 1.60 19.28 12.02
C THR B 106 0.83 18.07 12.53
N ILE B 107 1.21 16.85 12.13
CA ILE B 107 0.57 15.66 12.70
C ILE B 107 1.10 15.42 14.09
N TYR B 108 2.40 15.61 14.24
CA TYR B 108 3.04 15.40 15.52
C TYR B 108 2.64 16.48 16.52
N SER B 109 2.42 17.72 16.06
CA SER B 109 2.09 18.77 17.03
C SER B 109 0.67 18.63 17.55
N THR B 110 -0.27 18.27 16.68
CA THR B 110 -1.69 18.11 17.01
C THR B 110 -2.02 16.76 17.62
N GLY B 111 -1.05 15.86 17.76
CA GLY B 111 -1.31 14.51 18.23
C GLY B 111 -1.93 14.40 19.61
N VAL B 112 -3.03 13.64 19.72
CA VAL B 112 -3.67 13.30 20.99
C VAL B 112 -3.75 11.78 21.16
N VAL B 113 -4.09 11.33 22.37
CA VAL B 113 -4.62 9.98 22.59
C VAL B 113 -5.72 10.02 23.67
N CYS B 114 -6.78 9.25 23.44
CA CYS B 114 -8.06 9.35 24.12
C CYS B 114 -8.37 8.08 24.88
N LYS B 115 -8.90 8.23 26.11
CA LYS B 115 -9.11 7.06 26.95
C LYS B 115 -10.49 6.47 26.64
N ALA B 116 -10.97 5.57 27.50
CA ALA B 116 -12.33 5.01 27.38
C ALA B 116 -13.01 5.11 28.74
N THR B 117 -12.24 5.40 29.79
CA THR B 117 -12.79 5.35 31.18
C THR B 117 -14.15 6.02 31.28
N GLU B 118 -14.40 7.14 30.58
CA GLU B 118 -15.78 7.72 30.58
C GLU B 118 -15.82 8.94 29.66
N PRO B 119 -15.92 10.22 30.10
CA PRO B 119 -15.95 11.29 29.13
C PRO B 119 -14.63 10.97 28.41
N PHE B 120 -14.73 10.49 27.17
CA PHE B 120 -13.50 10.11 26.41
C PHE B 120 -12.63 11.35 26.34
N ASP B 121 -11.52 11.33 27.08
CA ASP B 121 -10.71 12.57 27.17
C ASP B 121 -9.45 12.44 26.34
N CYS B 122 -9.31 13.38 25.41
CA CYS B 122 -8.17 13.35 24.48
C CYS B 122 -7.02 14.20 25.06
N LEU B 123 -5.81 13.68 25.05
CA LEU B 123 -4.63 14.28 25.68
C LEU B 123 -3.50 14.50 24.68
N VAL B 124 -3.03 15.74 24.56
CA VAL B 124 -1.88 16.01 23.66
C VAL B 124 -0.62 15.52 24.36
N LEU B 125 0.49 15.54 23.61
CA LEU B 125 1.77 15.03 24.09
C LEU B 125 2.60 16.24 24.46
N GLU B 126 1.99 17.42 24.48
CA GLU B 126 2.80 18.63 24.68
C GLU B 126 2.97 18.82 26.17
N PRO B 127 1.88 18.85 26.97
CA PRO B 127 2.01 18.93 28.40
C PRO B 127 1.43 17.72 29.13
N GLY B 128 0.95 16.71 28.40
CA GLY B 128 0.23 15.61 29.05
C GLY B 128 0.83 14.25 28.81
N LEU B 129 0.53 13.61 27.69
CA LEU B 129 1.04 12.24 27.50
C LEU B 129 2.46 12.23 28.04
N ASP B 130 3.19 13.31 27.80
CA ASP B 130 4.55 13.45 28.35
C ASP B 130 4.48 13.23 29.85
N ASP B 131 3.83 14.12 30.62
CA ASP B 131 3.84 13.98 32.10
C ASP B 131 3.59 12.52 32.46
N ILE B 132 2.79 11.84 31.66
CA ILE B 132 2.42 10.45 32.02
C ILE B 132 3.68 9.61 31.84
N MET B 133 4.61 10.05 30.99
CA MET B 133 5.75 9.15 30.82
C MET B 133 6.89 9.50 31.77
N ALA B 134 7.03 10.78 32.12
CA ALA B 134 8.06 11.14 33.06
C ALA B 134 7.69 10.71 34.47
N ASN B 135 6.46 11.03 34.92
CA ASN B 135 5.99 10.70 36.28
C ASN B 135 4.98 9.57 36.21
N SER B 136 5.42 8.33 36.09
CA SER B 136 4.43 7.28 36.24
C SER B 136 5.06 5.96 36.63
N ILE B 137 4.21 5.10 37.16
CA ILE B 137 4.60 3.83 37.72
C ILE B 137 3.50 2.86 37.31
N ASP B 138 2.42 3.35 36.69
CA ASP B 138 1.40 2.43 36.18
C ASP B 138 1.78 1.87 34.81
N TYR B 139 2.34 0.64 34.81
CA TYR B 139 2.63 -0.10 33.59
C TYR B 139 1.54 0.10 32.54
N HIS B 140 0.30 -0.08 32.96
CA HIS B 140 -0.84 -0.01 32.04
C HIS B 140 -1.04 1.40 31.50
N GLU B 141 -0.87 2.42 32.33
CA GLU B 141 -1.14 3.75 31.78
C GLU B 141 0.00 4.18 30.87
N ARG B 142 1.23 3.82 31.26
CA ARG B 142 2.41 4.08 30.43
C ARG B 142 2.34 3.29 29.12
N LEU B 143 1.81 2.07 29.18
CA LEU B 143 1.37 1.42 27.96
C LEU B 143 0.26 2.21 27.27
N TRP B 144 -0.72 2.74 28.04
CA TRP B 144 -1.84 3.42 27.42
C TRP B 144 -1.36 4.52 26.50
N ALA B 145 -0.42 5.35 27.00
CA ALA B 145 0.08 6.47 26.21
C ALA B 145 1.09 6.03 25.17
N TRP B 146 2.00 5.10 25.53
CA TRP B 146 3.03 4.66 24.58
C TRP B 146 2.39 4.06 23.35
N GLU B 147 1.72 2.91 23.52
CA GLU B 147 1.06 2.22 22.41
C GLU B 147 0.13 3.13 21.63
N GLY B 148 -0.60 4.00 22.35
CA GLY B 148 -1.60 4.84 21.72
C GLY B 148 -0.97 5.93 20.90
N TRP B 149 0.09 6.56 21.46
CA TRP B 149 0.89 7.53 20.72
C TRP B 149 1.38 6.94 19.41
N ARG B 150 1.72 5.66 19.42
CA ARG B 150 2.24 5.00 18.24
C ARG B 150 1.13 4.62 17.25
N ALA B 151 -0.01 4.11 17.74
CA ALA B 151 -1.10 3.64 16.89
C ALA B 151 -2.11 4.72 16.51
N ASP B 152 -1.88 5.98 16.87
CA ASP B 152 -2.58 7.10 16.26
C ASP B 152 -1.70 7.89 15.33
N VAL B 153 -0.45 8.07 15.70
CA VAL B 153 0.46 9.02 15.08
C VAL B 153 1.53 8.31 14.26
N GLY B 154 2.30 7.42 14.92
CA GLY B 154 3.23 6.53 14.29
C GLY B 154 2.69 5.88 13.02
N ARG B 155 1.46 5.36 13.11
CA ARG B 155 0.75 4.91 11.91
C ARG B 155 0.42 6.08 10.99
N MET B 156 -0.06 7.18 11.56
CA MET B 156 -0.44 8.34 10.73
C MET B 156 0.74 8.98 10.07
N MET B 157 1.96 8.61 10.47
CA MET B 157 3.12 9.07 9.74
C MET B 157 3.52 8.14 8.61
N ARG B 158 3.13 6.84 8.67
CA ARG B 158 3.83 5.81 7.87
C ARG B 158 3.81 6.02 6.36
N PRO B 159 2.68 6.28 5.72
CA PRO B 159 2.71 6.64 4.29
C PRO B 159 3.30 8.01 4.00
N LEU B 160 3.61 8.81 5.00
CA LEU B 160 4.25 10.10 4.75
C LEU B 160 5.76 10.03 4.90
N TYR B 161 6.27 9.16 5.78
CA TYR B 161 7.70 8.92 5.85
C TYR B 161 8.19 8.25 4.57
N GLU B 162 7.42 7.31 4.04
CA GLU B 162 7.87 6.59 2.86
C GLU B 162 7.99 7.52 1.67
N GLU B 163 7.16 8.56 1.60
CA GLU B 163 7.28 9.49 0.48
C GLU B 163 8.48 10.40 0.67
N TYR B 164 8.52 11.09 1.81
CA TYR B 164 9.70 11.86 2.22
C TYR B 164 10.97 11.10 1.95
N VAL B 165 11.03 9.83 2.36
CA VAL B 165 12.26 9.08 2.15
C VAL B 165 12.55 8.95 0.66
N GLU B 166 11.52 8.71 -0.16
CA GLU B 166 11.77 8.59 -1.59
C GLU B 166 12.21 9.91 -2.18
N LEU B 167 11.48 10.98 -1.90
CA LEU B 167 11.82 12.27 -2.50
C LEU B 167 13.11 12.85 -1.94
N LYS B 168 13.50 12.48 -0.73
CA LYS B 168 14.69 13.08 -0.12
C LYS B 168 15.95 12.39 -0.64
N ASN B 169 15.89 11.07 -0.79
CA ASN B 169 16.97 10.32 -1.40
C ASN B 169 17.22 10.82 -2.83
N GLU B 170 16.16 11.22 -3.53
CA GLU B 170 16.33 11.74 -4.89
C GLU B 170 17.06 13.05 -4.89
N ALA B 171 16.79 13.91 -3.89
CA ALA B 171 17.54 15.15 -3.77
C ALA B 171 19.00 14.88 -3.40
N ALA B 172 19.24 14.11 -2.34
CA ALA B 172 20.61 13.75 -1.99
C ALA B 172 21.34 13.19 -3.20
N ARG B 173 20.66 12.38 -4.00
CA ARG B 173 21.35 11.81 -5.14
C ARG B 173 21.54 12.84 -6.25
N LEU B 174 20.57 13.74 -6.44
CA LEU B 174 20.80 14.85 -7.37
C LEU B 174 21.96 15.70 -6.91
N ASN B 175 22.20 15.77 -5.60
CA ASN B 175 23.34 16.49 -5.07
C ASN B 175 24.62 15.66 -5.04
N ASN B 176 24.71 14.61 -5.87
CA ASN B 176 25.84 13.67 -5.88
C ASN B 176 26.19 13.17 -4.47
N TYR B 177 25.18 12.65 -3.77
CA TYR B 177 25.35 11.87 -2.55
C TYR B 177 24.53 10.59 -2.69
N SER B 178 25.07 9.46 -2.23
CA SER B 178 24.44 8.16 -2.53
C SER B 178 22.99 8.10 -2.04
N ASP B 179 22.69 8.80 -0.97
CA ASP B 179 21.38 8.73 -0.34
C ASP B 179 21.36 9.85 0.68
N TYR B 180 20.19 10.03 1.30
CA TYR B 180 20.00 11.12 2.26
C TYR B 180 20.78 10.91 3.55
N GLY B 181 21.17 9.66 3.85
CA GLY B 181 22.12 9.46 4.92
C GLY B 181 23.49 10.01 4.57
N ASP B 182 23.98 9.67 3.37
CA ASP B 182 25.23 10.24 2.87
C ASP B 182 25.20 11.76 2.91
N TYR B 183 24.12 12.35 2.40
CA TYR B 183 23.96 13.78 2.48
C TYR B 183 24.31 14.26 3.88
N TRP B 184 23.55 13.75 4.87
CA TRP B 184 23.61 14.23 6.24
C TRP B 184 25.00 14.07 6.84
N ARG B 185 25.72 13.03 6.46
CA ARG B 185 27.05 12.88 7.00
C ARG B 185 28.06 13.73 6.25
N ALA B 186 27.58 14.70 5.47
CA ALA B 186 28.49 15.60 4.76
C ALA B 186 29.09 16.61 5.72
N ASN B 187 28.36 16.89 6.80
CA ASN B 187 28.89 17.70 7.88
C ASN B 187 30.33 17.29 8.22
N TYR B 188 30.52 16.02 8.60
CA TYR B 188 31.77 15.61 9.17
C TYR B 188 32.90 15.56 8.17
N GLU B 189 32.60 15.78 6.89
CA GLU B 189 33.64 15.64 5.86
C GLU B 189 34.67 16.77 5.92
N THR B 190 35.83 16.50 6.50
CA THR B 190 36.92 17.51 6.44
C THR B 190 37.89 16.99 5.39
N ASP B 191 37.39 16.60 4.22
CA ASP B 191 38.26 15.97 3.19
C ASP B 191 39.09 17.00 2.44
N TYR B 192 38.96 18.28 2.71
CA TYR B 192 39.68 19.26 1.87
C TYR B 192 41.14 19.43 2.31
N PRO B 193 41.43 19.96 3.53
CA PRO B 193 42.80 20.20 3.93
C PRO B 193 43.40 18.82 4.16
N GLU B 194 44.68 18.64 3.88
CA GLU B 194 45.19 17.28 3.98
C GLU B 194 45.59 17.03 5.43
N GLU B 195 45.95 15.78 5.73
CA GLU B 195 46.38 15.38 7.07
C GLU B 195 45.23 15.40 8.06
N TYR B 196 44.13 15.95 7.61
CA TYR B 196 42.94 16.16 8.40
C TYR B 196 41.71 15.72 7.63
N LYS B 197 41.91 14.94 6.57
CA LYS B 197 40.81 14.42 5.79
C LYS B 197 40.02 13.44 6.63
N TYR B 198 38.73 13.71 6.77
CA TYR B 198 37.77 12.79 7.36
C TYR B 198 36.73 12.45 6.31
N SER B 199 36.57 11.18 6.00
CA SER B 199 35.59 10.81 5.00
C SER B 199 34.26 10.48 5.67
N ARG B 200 33.18 10.62 4.90
CA ARG B 200 31.85 10.51 5.51
C ARG B 200 31.64 9.13 6.11
N ASP B 201 32.05 8.09 5.38
CA ASP B 201 31.81 6.73 5.86
C ASP B 201 32.64 6.46 7.11
N GLN B 202 33.69 7.26 7.31
CA GLN B 202 34.53 7.13 8.51
C GLN B 202 33.74 7.44 9.77
N LEU B 203 32.85 8.45 9.69
CA LEU B 203 31.94 8.76 10.79
C LEU B 203 31.12 7.53 11.20
N VAL B 204 30.59 6.82 10.20
CA VAL B 204 29.87 5.58 10.47
C VAL B 204 30.72 4.61 11.27
N GLN B 205 31.94 4.33 10.79
CA GLN B 205 32.79 3.37 11.49
C GLN B 205 33.11 3.85 12.91
N ASP B 206 33.53 5.12 13.04
CA ASP B 206 34.03 5.61 14.31
C ASP B 206 32.92 5.84 15.32
N VAL B 207 31.71 6.16 14.86
CA VAL B 207 30.57 6.16 15.76
C VAL B 207 30.38 4.77 16.38
N GLU B 208 30.43 3.74 15.54
CA GLU B 208 30.34 2.37 16.02
C GLU B 208 31.51 2.02 16.93
N LYS B 209 32.73 2.40 16.52
CA LYS B 209 33.93 2.03 17.27
C LYS B 209 33.98 2.69 18.64
N THR B 210 33.57 3.96 18.72
CA THR B 210 33.38 4.57 20.05
C THR B 210 32.16 4.01 20.78
N PHE B 211 31.11 3.61 20.06
CA PHE B 211 29.98 2.96 20.73
C PHE B 211 30.44 1.77 21.54
N GLU B 212 31.25 0.91 20.94
CA GLU B 212 31.64 -0.32 21.62
C GLU B 212 32.36 -0.01 22.91
N GLN B 213 33.20 1.03 22.92
CA GLN B 213 33.87 1.39 24.16
C GLN B 213 32.84 1.63 25.28
N ILE B 214 31.64 2.11 24.92
CA ILE B 214 30.62 2.49 25.89
C ILE B 214 29.66 1.37 26.24
N LYS B 215 29.47 0.38 25.36
CA LYS B 215 28.71 -0.85 25.68
C LYS B 215 28.93 -1.36 27.09
N PRO B 216 30.17 -1.49 27.61
CA PRO B 216 30.31 -2.06 28.97
C PRO B 216 29.77 -1.16 30.07
N LEU B 217 29.87 0.16 29.89
CA LEU B 217 29.21 1.06 30.83
C LEU B 217 27.71 1.11 30.57
N TYR B 218 27.28 1.11 29.31
CA TYR B 218 25.84 1.09 29.06
C TYR B 218 25.18 -0.16 29.64
N GLN B 219 25.81 -1.32 29.47
CA GLN B 219 25.18 -2.60 29.84
C GLN B 219 25.04 -2.77 31.35
N HIS B 220 26.00 -2.27 32.13
CA HIS B 220 25.89 -2.30 33.59
C HIS B 220 24.86 -1.30 34.09
N LEU B 221 24.92 -0.10 33.57
CA LEU B 221 23.84 0.84 33.83
C LEU B 221 22.50 0.22 33.43
N HIS B 222 22.46 -0.47 32.28
CA HIS B 222 21.23 -1.14 31.86
C HIS B 222 20.80 -2.17 32.91
N ALA B 223 21.75 -3.00 33.36
CA ALA B 223 21.43 -4.17 34.18
C ALA B 223 21.14 -3.81 35.62
N TYR B 224 21.49 -2.59 36.02
CA TYR B 224 21.18 -2.03 37.34
C TYR B 224 19.75 -1.51 37.38
N VAL B 225 19.40 -0.56 36.48
CA VAL B 225 18.03 -0.06 36.40
C VAL B 225 17.05 -1.20 36.22
N ARG B 226 17.39 -2.17 35.37
CA ARG B 226 16.58 -3.37 35.18
C ARG B 226 16.19 -3.95 36.52
N HIS B 227 17.14 -4.00 37.45
CA HIS B 227 16.86 -4.51 38.77
C HIS B 227 16.07 -3.50 39.59
N ARG B 228 16.33 -2.21 39.39
CA ARG B 228 15.54 -1.20 40.06
C ARG B 228 14.10 -1.20 39.55
N LEU B 229 13.90 -1.59 38.29
CA LEU B 229 12.57 -1.69 37.73
C LEU B 229 11.86 -2.99 38.14
N GLU B 230 12.59 -4.04 38.49
CA GLU B 230 11.88 -5.21 38.98
C GLU B 230 11.28 -4.97 40.35
N GLN B 231 11.84 -4.03 41.11
CA GLN B 231 11.35 -3.75 42.45
C GLN B 231 10.18 -2.77 42.44
N VAL B 232 9.97 -2.07 41.34
CA VAL B 232 8.81 -1.21 41.12
C VAL B 232 7.65 -1.94 40.45
N TYR B 233 7.89 -2.51 39.26
CA TYR B 233 6.84 -3.16 38.49
C TYR B 233 6.71 -4.66 38.76
N GLY B 234 7.78 -5.34 39.18
CA GLY B 234 7.67 -6.72 39.64
C GLY B 234 8.01 -7.76 38.59
N SER B 235 8.40 -8.95 39.07
CA SER B 235 9.13 -9.93 38.26
C SER B 235 8.34 -10.45 37.05
N GLU B 236 7.01 -10.37 37.06
CA GLU B 236 6.24 -10.83 35.91
C GLU B 236 5.97 -9.71 34.91
N LEU B 237 6.60 -8.56 35.11
CA LEU B 237 6.60 -7.49 34.15
C LEU B 237 7.98 -7.07 33.67
N ILE B 238 9.06 -7.53 34.30
CA ILE B 238 10.44 -7.25 33.91
C ILE B 238 11.19 -8.55 33.84
N ASN B 239 11.75 -8.87 32.68
CA ASN B 239 12.51 -10.10 32.59
C ASN B 239 13.92 -9.86 33.11
N PRO B 240 14.33 -10.49 34.23
CA PRO B 240 15.62 -10.14 34.84
C PRO B 240 16.83 -10.41 33.97
N THR B 241 16.65 -11.05 32.81
CA THR B 241 17.73 -11.40 31.91
C THR B 241 17.52 -10.92 30.47
N GLY B 242 16.40 -10.23 30.19
CA GLY B 242 15.94 -9.77 28.90
C GLY B 242 15.81 -8.26 28.76
N CYS B 243 15.36 -7.76 27.60
CA CYS B 243 15.39 -6.32 27.34
C CYS B 243 14.50 -5.57 28.30
N LEU B 244 14.48 -4.24 28.19
CA LEU B 244 13.58 -3.45 29.03
C LEU B 244 12.45 -2.89 28.19
N PRO B 245 11.16 -3.08 28.62
CA PRO B 245 10.01 -2.63 27.85
C PRO B 245 10.11 -1.13 27.55
N ALA B 246 9.96 -0.75 26.29
CA ALA B 246 10.18 0.65 25.88
C ALA B 246 9.36 1.67 26.65
N HIS B 247 8.31 1.27 27.35
CA HIS B 247 7.39 2.29 27.92
C HIS B 247 7.67 2.56 29.39
N LEU B 248 8.65 1.88 29.96
CA LEU B 248 8.80 2.07 31.38
C LEU B 248 9.97 2.96 31.71
N LEU B 249 10.44 3.70 30.69
CA LEU B 249 11.79 4.24 30.71
C LEU B 249 11.86 5.71 31.06
N GLY B 250 10.75 6.43 31.11
CA GLY B 250 10.78 7.70 31.78
C GLY B 250 10.69 8.90 30.88
N ASP B 251 10.61 8.71 29.59
CA ASP B 251 10.01 9.72 28.76
C ASP B 251 9.21 8.96 27.72
N MET B 252 8.74 9.68 26.70
CA MET B 252 7.91 9.03 25.71
C MET B 252 8.68 7.96 24.93
N TRP B 253 9.94 8.21 24.60
CA TRP B 253 10.71 7.30 23.75
C TRP B 253 11.74 6.44 24.47
N GLY B 254 11.91 6.61 25.78
CA GLY B 254 13.07 6.02 26.40
C GLY B 254 14.37 6.70 26.03
N ARG B 255 14.33 7.79 25.26
CA ARG B 255 15.53 8.56 24.95
C ARG B 255 16.49 8.83 26.12
N PHE B 256 16.03 9.62 27.13
CA PHE B 256 16.76 9.90 28.37
C PHE B 256 16.14 9.06 29.48
N TRP B 257 16.96 8.47 30.35
CA TRP B 257 16.43 7.75 31.50
C TRP B 257 16.32 8.63 32.76
N THR B 258 16.27 9.95 32.60
CA THR B 258 16.43 10.84 33.74
C THR B 258 15.27 10.73 34.73
N ASN B 259 14.04 10.72 34.22
CA ASN B 259 12.94 10.65 35.16
C ASN B 259 12.87 9.31 35.88
N LEU B 260 13.85 8.45 35.65
CA LEU B 260 13.87 7.11 36.31
C LEU B 260 14.77 7.15 37.55
N TYR B 261 15.41 8.28 37.81
CA TYR B 261 16.29 8.42 39.00
C TYR B 261 15.52 8.03 40.25
N ASN B 262 14.38 8.66 40.46
CA ASN B 262 13.58 8.41 41.68
C ASN B 262 13.42 6.91 41.87
N LEU B 263 13.27 6.16 40.79
CA LEU B 263 13.27 4.72 40.96
C LEU B 263 14.66 4.16 41.18
N THR B 264 15.68 4.74 40.58
CA THR B 264 16.96 4.06 40.47
C THR B 264 18.04 4.61 41.39
N VAL B 265 17.74 5.60 42.21
CA VAL B 265 18.79 6.34 42.93
C VAL B 265 19.54 5.41 43.88
N PRO B 266 20.87 5.41 43.89
CA PRO B 266 21.60 4.42 44.69
C PRO B 266 21.45 4.60 46.20
N TYR B 267 21.55 5.84 46.68
CA TYR B 267 21.45 6.14 48.10
C TYR B 267 20.29 7.11 48.31
N PRO B 268 19.07 6.58 48.42
CA PRO B 268 17.90 7.45 48.57
C PRO B 268 17.78 8.04 49.95
N GLU B 269 18.58 7.59 50.91
CA GLU B 269 18.55 8.21 52.22
C GLU B 269 19.46 9.42 52.33
N LYS B 270 20.41 9.61 51.43
CA LYS B 270 21.32 10.75 51.48
C LYS B 270 20.65 11.99 50.89
N PRO B 271 21.35 13.17 50.89
CA PRO B 271 20.72 14.36 50.34
C PRO B 271 21.21 14.74 48.96
N ASN B 272 20.34 15.40 48.22
CA ASN B 272 20.64 15.89 46.89
C ASN B 272 21.06 17.35 46.94
N ILE B 273 21.65 17.81 45.85
CA ILE B 273 22.04 19.20 45.73
C ILE B 273 20.80 20.07 45.56
N ASP B 274 20.39 20.74 46.63
CA ASP B 274 19.19 21.57 46.58
C ASP B 274 19.57 23.05 46.62
N VAL B 275 20.28 23.55 45.59
CA VAL B 275 20.46 25.00 45.51
C VAL B 275 19.18 25.69 45.08
N THR B 276 18.18 24.94 44.66
CA THR B 276 16.91 25.55 44.28
C THR B 276 16.37 26.37 45.45
N SER B 277 16.08 25.70 46.57
CA SER B 277 15.58 26.42 47.73
C SER B 277 16.65 27.35 48.31
N ALA B 278 17.92 27.07 48.04
CA ALA B 278 18.96 28.03 48.40
C ALA B 278 18.87 29.26 47.52
N MET B 279 18.58 29.09 46.23
CA MET B 279 18.31 30.22 45.36
C MET B 279 16.99 30.86 45.73
N ALA B 280 16.06 30.08 46.28
CA ALA B 280 14.77 30.62 46.68
C ALA B 280 14.94 31.63 47.80
N GLN B 281 15.60 31.24 48.89
CA GLN B 281 15.71 32.16 49.99
C GLN B 281 16.84 33.16 49.82
N LYS B 282 17.62 33.05 48.74
CA LYS B 282 18.58 34.08 48.40
C LYS B 282 17.96 35.15 47.50
N ASN B 283 16.63 35.17 47.39
CA ASN B 283 15.89 36.18 46.63
C ASN B 283 16.33 36.25 45.17
N TRP B 284 16.77 35.11 44.64
CA TRP B 284 17.34 35.07 43.30
C TRP B 284 16.26 35.29 42.25
N ASP B 285 16.67 35.81 41.11
CA ASP B 285 15.76 35.95 39.98
C ASP B 285 16.51 35.57 38.71
N ALA B 286 15.74 35.49 37.61
CA ALA B 286 16.31 35.08 36.34
C ALA B 286 17.55 35.91 36.00
N MET B 287 17.48 37.22 36.20
CA MET B 287 18.63 38.07 35.92
C MET B 287 19.85 37.62 36.71
N LYS B 288 19.69 37.41 38.03
CA LYS B 288 20.83 37.01 38.83
C LYS B 288 21.43 35.70 38.34
N ILE B 289 20.61 34.85 37.73
CA ILE B 289 21.14 33.63 37.14
C ILE B 289 21.97 33.95 35.90
N PHE B 290 21.40 34.71 34.96
CA PHE B 290 22.12 35.07 33.75
C PHE B 290 23.27 35.99 34.04
N LYS B 291 23.24 36.68 35.17
CA LYS B 291 24.41 37.46 35.53
C LYS B 291 25.52 36.59 36.13
N THR B 292 25.20 35.65 37.01
CA THR B 292 26.26 34.76 37.46
C THR B 292 26.81 33.90 36.34
N ALA B 293 26.08 33.78 35.24
CA ALA B 293 26.58 32.98 34.11
C ALA B 293 27.65 33.76 33.33
N GLU B 294 27.34 35.01 32.92
CA GLU B 294 28.39 35.83 32.30
C GLU B 294 29.59 35.99 33.22
N ALA B 295 29.36 36.09 34.53
CA ALA B 295 30.46 36.20 35.47
C ALA B 295 31.28 34.94 35.46
N PHE B 296 30.64 33.81 35.18
CA PHE B 296 31.39 32.59 34.83
C PHE B 296 32.24 32.79 33.58
N PHE B 297 31.58 33.09 32.45
CA PHE B 297 32.22 33.22 31.16
C PHE B 297 33.34 34.26 31.13
N ALA B 298 33.43 35.15 32.13
CA ALA B 298 34.56 36.08 32.15
C ALA B 298 35.67 35.70 33.14
N SER B 299 35.49 34.57 33.86
CA SER B 299 36.58 34.02 34.70
C SER B 299 37.27 32.93 33.89
N ILE B 300 36.76 32.62 32.72
CA ILE B 300 37.43 31.68 31.80
C ILE B 300 38.12 32.64 30.85
N GLY B 301 38.28 33.85 31.36
CA GLY B 301 39.01 34.85 30.57
C GLY B 301 38.28 35.28 29.31
N LEU B 302 36.99 34.93 29.08
CA LEU B 302 36.25 35.24 27.80
C LEU B 302 35.46 36.57 27.86
N TYR B 303 34.30 36.68 27.21
CA TYR B 303 33.60 38.00 27.12
C TYR B 303 32.29 38.05 27.88
N ASN B 304 31.88 39.25 28.34
CA ASN B 304 30.59 39.36 29.04
C ASN B 304 29.55 39.46 27.94
N MET B 305 28.30 39.78 28.25
CA MET B 305 27.24 39.77 27.22
C MET B 305 27.08 41.15 26.61
N THR B 306 26.46 41.23 25.45
CA THR B 306 26.33 42.50 24.72
C THR B 306 25.14 43.30 25.26
N GLU B 307 24.98 44.52 24.80
CA GLU B 307 23.75 45.21 25.22
C GLU B 307 22.53 44.62 24.51
N GLY B 308 22.67 44.20 23.25
CA GLY B 308 21.60 43.49 22.59
C GLY B 308 21.15 42.22 23.29
N PHE B 309 22.09 41.51 23.93
CA PHE B 309 21.65 40.33 24.66
C PHE B 309 20.67 40.70 25.75
N TRP B 310 20.88 41.86 26.38
CA TRP B 310 20.09 42.21 27.54
C TRP B 310 18.68 42.63 27.15
N THR B 311 18.55 43.44 26.11
CA THR B 311 17.25 44.00 25.82
C THR B 311 16.47 43.21 24.77
N ASN B 312 17.15 42.41 23.94
CA ASN B 312 16.47 41.66 22.90
C ASN B 312 16.07 40.26 23.35
N SER B 313 16.83 39.69 24.29
CA SER B 313 16.51 38.38 24.81
C SER B 313 15.18 38.36 25.54
N MET B 314 14.51 37.22 25.44
CA MET B 314 13.37 36.89 26.29
C MET B 314 13.89 35.91 27.32
N LEU B 315 14.22 36.41 28.51
CA LEU B 315 14.75 35.51 29.53
C LEU B 315 13.73 35.08 30.59
N THR B 316 12.68 35.86 30.84
CA THR B 316 11.62 35.48 31.79
C THR B 316 10.30 35.37 31.02
N GLU B 317 9.57 34.26 31.24
CA GLU B 317 8.38 34.00 30.46
C GLU B 317 7.48 35.23 30.49
N PRO B 318 7.17 35.82 29.34
CA PRO B 318 6.40 37.07 29.37
C PRO B 318 4.96 36.84 29.79
N THR B 319 4.74 36.24 30.97
CA THR B 319 3.41 35.87 31.47
C THR B 319 2.68 34.99 30.46
N ASP B 320 1.35 35.12 30.39
CA ASP B 320 0.55 34.55 29.31
C ASP B 320 -0.22 35.59 28.52
N ASN B 321 0.03 36.89 28.78
CA ASN B 321 -0.54 37.94 27.94
C ASN B 321 -0.32 37.68 26.45
N ARG B 322 0.84 37.13 26.09
CA ARG B 322 1.08 36.61 24.75
C ARG B 322 1.66 35.22 24.89
N LYS B 323 1.62 34.46 23.81
CA LYS B 323 2.09 33.08 23.87
C LYS B 323 3.51 32.97 23.32
N VAL B 324 4.29 32.03 23.89
CA VAL B 324 5.71 31.91 23.58
C VAL B 324 6.17 30.45 23.46
N VAL B 325 7.22 30.22 22.65
CA VAL B 325 7.93 28.93 22.60
C VAL B 325 8.91 28.90 23.76
N CYS B 326 8.58 28.15 24.81
CA CYS B 326 9.39 28.12 26.02
C CYS B 326 10.58 27.17 25.93
N HIS B 327 10.73 26.43 24.85
CA HIS B 327 11.98 25.68 24.71
C HIS B 327 13.14 26.67 24.76
N PRO B 328 14.17 26.41 25.56
CA PRO B 328 15.31 27.34 25.67
C PRO B 328 16.24 27.20 24.47
N THR B 329 16.34 28.26 23.67
CA THR B 329 17.19 28.27 22.49
C THR B 329 18.07 29.51 22.53
N ALA B 330 19.29 29.42 21.99
CA ALA B 330 20.15 30.59 21.92
C ALA B 330 20.31 30.97 20.46
N TRP B 331 19.84 32.17 20.12
CA TRP B 331 19.72 32.59 18.73
C TRP B 331 20.89 33.49 18.32
N ASP B 332 21.64 33.03 17.31
CA ASP B 332 22.60 33.90 16.63
C ASP B 332 21.89 34.55 15.45
N MET B 333 21.21 35.67 15.72
CA MET B 333 20.29 36.31 14.77
C MET B 333 21.00 36.86 13.56
N GLY B 334 22.31 37.04 13.64
CA GLY B 334 23.05 37.66 12.57
C GLY B 334 23.10 39.17 12.71
N LYS B 335 23.97 39.78 11.90
CA LYS B 335 24.20 41.22 12.00
C LYS B 335 24.35 41.63 13.46
N ASN B 336 25.21 40.90 14.17
CA ASN B 336 25.75 41.31 15.46
C ASN B 336 24.73 41.26 16.60
N ASP B 337 23.64 40.51 16.45
CA ASP B 337 22.50 40.50 17.36
C ASP B 337 22.35 39.13 18.01
N TYR B 338 22.69 39.01 19.29
CA TYR B 338 22.64 37.72 19.98
C TYR B 338 21.52 37.70 21.02
N ARG B 339 20.61 36.76 20.88
CA ARG B 339 19.53 36.64 21.85
C ARG B 339 19.44 35.22 22.39
N ILE B 340 18.90 35.10 23.60
CA ILE B 340 18.46 33.84 24.17
C ILE B 340 16.97 33.93 24.45
N LYS B 341 16.22 32.93 24.00
CA LYS B 341 14.83 32.75 24.38
C LYS B 341 14.71 31.64 25.40
N MET B 342 14.15 31.97 26.56
CA MET B 342 14.09 30.98 27.61
C MET B 342 13.00 31.42 28.57
N CYS B 343 12.29 30.43 29.10
CA CYS B 343 11.34 30.66 30.18
C CYS B 343 12.02 30.27 31.50
N THR B 344 13.02 31.10 31.83
CA THR B 344 13.86 30.88 33.03
C THR B 344 13.04 30.95 34.30
N LYS B 345 13.24 29.98 35.21
CA LYS B 345 12.61 30.02 36.54
C LYS B 345 13.80 29.87 37.49
N VAL B 346 13.58 29.75 38.80
CA VAL B 346 14.76 29.49 39.68
C VAL B 346 14.82 27.98 39.93
N THR B 347 15.42 27.23 39.01
CA THR B 347 15.61 25.78 39.21
C THR B 347 17.09 25.53 39.08
N MET B 348 17.67 24.70 39.93
CA MET B 348 19.11 24.37 39.70
C MET B 348 19.21 23.96 38.25
N ASP B 349 18.13 23.44 37.69
CA ASP B 349 18.30 22.97 36.31
C ASP B 349 18.38 24.14 35.34
N ASP B 350 17.48 25.12 35.48
CA ASP B 350 17.53 26.25 34.55
C ASP B 350 18.73 27.15 34.82
N PHE B 351 19.31 27.07 36.01
CA PHE B 351 20.58 27.73 36.29
C PHE B 351 21.68 27.06 35.50
N LEU B 352 21.60 25.74 35.37
CA LEU B 352 22.51 25.04 34.48
C LEU B 352 22.21 25.37 33.01
N THR B 353 20.94 25.36 32.62
CA THR B 353 20.61 25.69 31.22
C THR B 353 20.78 27.17 30.94
N ALA B 354 20.89 27.99 31.97
CA ALA B 354 21.28 29.36 31.69
C ALA B 354 22.76 29.41 31.31
N HIS B 355 23.62 28.61 31.97
CA HIS B 355 25.05 28.53 31.58
C HIS B 355 25.21 27.87 30.20
N HIS B 356 24.50 26.77 29.98
CA HIS B 356 24.59 26.00 28.75
C HIS B 356 24.18 26.85 27.56
N GLU B 357 23.10 27.62 27.69
CA GLU B 357 22.62 28.40 26.55
C GLU B 357 23.51 29.60 26.31
N MET B 358 23.98 30.28 27.36
CA MET B 358 24.97 31.33 27.14
C MET B 358 26.23 30.79 26.50
N GLY B 359 26.61 29.56 26.87
CA GLY B 359 27.69 28.92 26.17
C GLY B 359 27.54 29.03 24.67
N HIS B 360 26.34 28.70 24.16
CA HIS B 360 26.10 28.81 22.72
C HIS B 360 26.43 30.20 22.22
N ILE B 361 26.01 31.22 22.98
CA ILE B 361 26.18 32.62 22.56
C ILE B 361 27.65 32.98 22.44
N GLU B 362 28.46 32.61 23.44
CA GLU B 362 29.88 32.94 23.37
C GLU B 362 30.52 32.32 22.13
N TYR B 363 30.34 31.01 21.95
CA TYR B 363 30.73 30.37 20.69
C TYR B 363 30.26 31.18 19.50
N ASP B 364 29.00 31.61 19.50
CA ASP B 364 28.47 32.44 18.42
C ASP B 364 29.33 33.69 18.21
N MET B 365 29.80 34.30 19.30
CA MET B 365 30.50 35.58 19.29
C MET B 365 31.98 35.43 18.96
N ALA B 366 32.61 34.37 19.44
CA ALA B 366 34.02 34.17 19.11
C ALA B 366 34.23 34.08 17.59
N TYR B 367 33.45 33.21 16.91
CA TYR B 367 33.67 33.02 15.48
C TYR B 367 33.01 34.09 14.61
N SER B 368 32.44 35.14 15.25
CA SER B 368 31.78 36.25 14.54
C SER B 368 32.73 37.00 13.63
N VAL B 369 34.03 36.80 13.85
CA VAL B 369 35.06 37.46 13.08
C VAL B 369 35.23 36.76 11.74
N GLN B 370 34.79 35.50 11.64
CA GLN B 370 34.85 34.71 10.43
C GLN B 370 33.80 35.20 9.42
N PRO B 371 33.94 34.80 8.14
CA PRO B 371 32.98 35.26 7.13
C PRO B 371 31.67 34.51 7.28
N PHE B 372 30.58 35.20 6.91
CA PHE B 372 29.21 34.75 7.11
C PHE B 372 29.03 33.26 6.88
N LEU B 373 29.42 32.75 5.72
CA LEU B 373 29.20 31.34 5.42
C LEU B 373 30.05 30.39 6.26
N LEU B 374 30.98 30.89 7.08
CA LEU B 374 31.78 30.05 7.98
C LEU B 374 31.48 30.34 9.45
N ARG B 375 30.47 31.17 9.70
CA ARG B 375 30.16 31.61 11.07
C ARG B 375 29.27 30.56 11.75
N ASN B 376 29.83 29.36 11.91
CA ASN B 376 29.13 28.23 12.49
C ASN B 376 30.14 27.27 13.05
N GLY B 377 29.63 26.33 13.86
CA GLY B 377 30.52 25.47 14.62
C GLY B 377 31.22 24.46 13.75
N ALA B 378 32.38 24.01 14.23
CA ALA B 378 33.29 23.23 13.39
C ALA B 378 32.64 21.95 12.88
N ASN B 379 31.60 21.46 13.55
CA ASN B 379 30.64 20.51 13.02
C ASN B 379 29.41 20.57 13.92
N GLU B 380 28.38 19.78 13.59
CA GLU B 380 27.16 19.82 14.38
C GLU B 380 27.47 19.52 15.85
N GLY B 381 28.28 18.49 16.10
CA GLY B 381 28.53 18.03 17.46
C GLY B 381 29.17 19.06 18.37
N PHE B 382 29.83 20.07 17.81
CA PHE B 382 30.65 20.96 18.63
C PHE B 382 29.77 21.85 19.48
N HIS B 383 28.76 22.43 18.86
CA HIS B 383 28.07 23.54 19.50
C HIS B 383 27.30 23.06 20.72
N GLU B 384 26.55 21.97 20.57
CA GLU B 384 25.90 21.31 21.68
C GLU B 384 26.87 20.70 22.66
N ALA B 385 28.14 20.57 22.30
CA ALA B 385 29.08 20.14 23.32
C ALA B 385 29.60 21.32 24.11
N VAL B 386 29.94 22.42 23.42
CA VAL B 386 30.50 23.59 24.07
C VAL B 386 29.68 23.98 25.28
N GLY B 387 28.36 24.07 25.07
CA GLY B 387 27.48 24.48 26.15
C GLY B 387 27.39 23.45 27.24
N GLU B 388 27.68 22.20 26.90
CA GLU B 388 27.60 21.20 27.97
C GLU B 388 28.84 21.25 28.85
N ILE B 389 30.04 21.48 28.29
CA ILE B 389 31.19 21.48 29.18
C ILE B 389 31.02 22.53 30.26
N MET B 390 30.21 23.55 29.98
CA MET B 390 29.84 24.62 30.89
C MET B 390 29.05 24.13 32.10
N SER B 391 27.81 23.69 31.87
CA SER B 391 26.96 23.15 32.93
C SER B 391 27.65 22.02 33.71
N LEU B 392 28.57 21.30 33.06
CA LEU B 392 29.43 20.36 33.78
C LEU B 392 30.24 21.05 34.87
N SER B 393 30.84 22.19 34.55
CA SER B 393 31.60 22.93 35.55
C SER B 393 30.65 23.56 36.57
N ALA B 394 29.57 24.17 36.09
CA ALA B 394 28.78 25.06 36.94
C ALA B 394 28.24 24.34 38.16
N ALA B 395 27.72 23.13 37.97
CA ALA B 395 27.01 22.46 39.05
C ALA B 395 27.90 21.62 39.97
N THR B 396 29.23 21.70 39.85
CA THR B 396 30.15 20.95 40.72
C THR B 396 30.38 21.67 42.04
N PRO B 397 30.19 21.01 43.20
CA PRO B 397 29.99 21.74 44.47
C PRO B 397 31.11 22.71 44.83
N GLN B 398 32.26 22.61 44.17
CA GLN B 398 33.21 23.70 44.23
C GLN B 398 32.57 24.99 43.75
N HIS B 399 31.95 24.94 42.57
CA HIS B 399 31.33 26.13 42.00
C HIS B 399 30.11 26.57 42.80
N LEU B 400 29.40 25.63 43.39
CA LEU B 400 28.20 25.98 44.12
C LEU B 400 28.55 26.67 45.44
N LYS B 401 29.42 26.04 46.25
CA LYS B 401 29.98 26.69 47.42
C LYS B 401 30.47 28.07 47.11
N SER B 402 31.01 28.26 45.92
CA SER B 402 31.64 29.54 45.62
C SER B 402 30.60 30.60 45.35
N LEU B 403 29.37 30.19 44.99
CA LEU B 403 28.21 31.08 44.87
C LEU B 403 27.44 31.22 46.19
N ASP B 404 27.99 30.68 47.28
CA ASP B 404 27.34 30.62 48.58
C ASP B 404 25.99 29.91 48.50
N LEU B 405 25.81 29.09 47.46
CA LEU B 405 24.60 28.30 47.22
C LEU B 405 24.67 26.89 47.76
N LEU B 406 25.84 26.50 48.28
CA LEU B 406 25.99 25.28 49.06
C LEU B 406 26.65 25.64 50.37
N GLU B 407 26.31 24.88 51.43
CA GLU B 407 26.81 25.15 52.77
C GLU B 407 28.31 25.39 52.69
N PRO B 408 28.86 26.27 53.53
CA PRO B 408 30.32 26.43 53.55
C PRO B 408 31.07 25.13 53.88
N THR B 409 30.38 24.11 54.44
CA THR B 409 30.94 22.82 54.83
C THR B 409 30.09 21.68 54.27
N PHE B 410 29.90 21.67 52.95
CA PHE B 410 29.22 20.56 52.28
C PHE B 410 30.21 19.42 52.08
N GLN B 411 29.75 18.19 52.32
CA GLN B 411 30.60 17.01 52.31
C GLN B 411 30.37 16.21 51.04
N GLU B 412 31.45 15.67 50.48
CA GLU B 412 31.32 14.93 49.22
C GLU B 412 31.68 13.47 49.40
N ASP B 413 31.05 12.78 50.35
CA ASP B 413 31.25 11.34 50.48
C ASP B 413 30.83 10.62 49.20
N GLU B 414 31.23 9.35 49.07
CA GLU B 414 30.89 8.68 47.82
C GLU B 414 29.38 8.64 47.60
N GLU B 415 28.59 8.54 48.67
CA GLU B 415 27.15 8.36 48.48
C GLU B 415 26.56 9.50 47.68
N THR B 416 27.00 10.72 47.95
CA THR B 416 26.42 11.80 47.16
C THR B 416 27.03 11.82 45.76
N GLU B 417 28.33 11.50 45.62
CA GLU B 417 28.98 11.50 44.30
C GLU B 417 28.54 10.35 43.42
N ILE B 418 27.97 9.32 44.01
CA ILE B 418 27.39 8.23 43.24
C ILE B 418 25.93 8.54 42.87
N ASN B 419 25.13 9.06 43.79
CA ASN B 419 23.82 9.54 43.38
C ASN B 419 23.95 10.61 42.31
N PHE B 420 24.94 11.48 42.42
CA PHE B 420 25.09 12.48 41.39
C PHE B 420 25.46 11.83 40.06
N LEU B 421 26.49 10.97 40.08
CA LEU B 421 26.99 10.40 38.83
C LEU B 421 25.93 9.53 38.17
N LEU B 422 25.29 8.65 38.95
CA LEU B 422 24.15 7.90 38.45
C LEU B 422 23.19 8.81 37.70
N LYS B 423 22.53 9.75 38.39
CA LYS B 423 21.53 10.59 37.73
C LYS B 423 22.05 11.12 36.40
N GLN B 424 23.31 11.58 36.40
CA GLN B 424 23.87 12.11 35.17
C GLN B 424 23.86 11.07 34.08
N ALA B 425 24.26 9.83 34.43
CA ALA B 425 24.44 8.75 33.46
C ALA B 425 23.13 8.33 32.83
N LEU B 426 22.05 8.37 33.61
CA LEU B 426 20.72 8.31 33.04
C LEU B 426 20.59 9.35 31.93
N THR B 427 20.84 10.64 32.27
CA THR B 427 20.74 11.69 31.25
C THR B 427 21.68 11.46 30.06
N ILE B 428 22.96 11.13 30.35
CA ILE B 428 24.05 11.15 29.38
C ILE B 428 24.45 9.76 28.87
N VAL B 429 24.27 8.69 29.64
CA VAL B 429 24.68 7.39 29.12
C VAL B 429 23.48 6.61 28.59
N GLY B 430 22.29 6.85 29.14
CA GLY B 430 21.13 6.14 28.66
C GLY B 430 20.82 6.43 27.22
N THR B 431 21.15 7.64 26.76
CA THR B 431 20.73 8.14 25.45
C THR B 431 21.79 7.95 24.36
N MET B 432 23.03 7.62 24.73
CA MET B 432 24.04 7.25 23.72
C MET B 432 23.64 6.04 22.89
N PRO B 433 23.11 4.96 23.47
CA PRO B 433 22.62 3.86 22.62
C PRO B 433 21.37 4.24 21.85
N PHE B 434 20.40 4.89 22.53
CA PHE B 434 19.16 5.26 21.89
C PHE B 434 19.46 6.06 20.64
N THR B 435 20.49 6.90 20.73
CA THR B 435 20.86 7.81 19.66
C THR B 435 21.66 7.11 18.55
N TYR B 436 22.64 6.27 18.90
CA TYR B 436 23.38 5.57 17.86
C TYR B 436 22.46 4.70 17.00
N MET B 437 21.45 4.10 17.63
CA MET B 437 20.55 3.12 17.00
C MET B 437 19.38 3.76 16.23
N LEU B 438 18.85 4.90 16.70
CA LEU B 438 17.90 5.63 15.86
C LEU B 438 18.54 6.04 14.54
N GLU B 439 19.72 6.69 14.60
CA GLU B 439 20.38 7.21 13.42
C GLU B 439 20.92 6.10 12.51
N LYS B 440 21.39 4.99 13.08
CA LYS B 440 21.66 3.81 12.28
C LYS B 440 20.44 3.43 11.44
N TRP B 441 19.24 3.40 12.04
CA TRP B 441 18.08 2.88 11.33
C TRP B 441 17.62 3.79 10.20
N ARG B 442 17.73 5.11 10.35
CA ARG B 442 17.52 5.98 9.20
C ARG B 442 18.61 5.77 8.15
N TRP B 443 19.86 5.68 8.61
CA TRP B 443 20.98 5.48 7.69
C TRP B 443 20.77 4.25 6.83
N MET B 444 20.28 3.16 7.43
CA MET B 444 20.06 1.96 6.66
C MET B 444 18.75 1.95 5.90
N VAL B 445 17.92 2.97 6.11
CA VAL B 445 16.72 3.13 5.29
C VAL B 445 17.02 4.02 4.09
N PHE B 446 17.76 5.13 4.30
CA PHE B 446 18.14 5.96 3.18
C PHE B 446 19.08 5.19 2.27
N ASN B 447 20.00 4.43 2.89
CA ASN B 447 20.98 3.60 2.20
C ASN B 447 20.30 2.51 1.39
N GLY B 448 19.17 2.00 1.90
CA GLY B 448 18.44 0.92 1.28
C GLY B 448 18.58 -0.40 2.01
N GLU B 449 19.47 -0.49 3.00
CA GLU B 449 19.76 -1.78 3.62
C GLU B 449 18.55 -2.34 4.36
N ILE B 450 17.65 -1.48 4.82
CA ILE B 450 16.41 -1.86 5.45
C ILE B 450 15.28 -1.51 4.49
N THR B 451 14.48 -2.50 4.11
CA THR B 451 13.46 -2.31 3.08
C THR B 451 12.06 -2.07 3.69
N LYS B 452 11.18 -1.43 2.89
CA LYS B 452 9.90 -1.02 3.42
C LYS B 452 9.12 -2.20 3.95
N GLN B 453 9.46 -3.42 3.52
CA GLN B 453 8.73 -4.58 4.06
C GLN B 453 9.20 -4.92 5.45
N GLU B 454 10.40 -4.50 5.81
CA GLU B 454 10.99 -4.84 7.10
C GLU B 454 11.48 -3.57 7.81
N TRP B 455 10.78 -2.46 7.57
CA TRP B 455 11.01 -1.19 8.28
C TRP B 455 10.83 -1.28 9.79
N THR B 456 9.74 -1.89 10.25
CA THR B 456 9.59 -1.91 11.70
C THR B 456 10.02 -3.23 12.29
N LYS B 457 10.02 -4.30 11.49
CA LYS B 457 10.65 -5.52 11.98
C LYS B 457 12.13 -5.26 12.31
N ARG B 458 12.81 -4.55 11.43
CA ARG B 458 14.25 -4.29 11.66
C ARG B 458 14.41 -3.09 12.61
N TRP B 459 13.36 -2.32 12.85
CA TRP B 459 13.46 -1.21 13.83
C TRP B 459 13.58 -1.87 15.19
N TRP B 460 12.52 -2.58 15.56
CA TRP B 460 12.46 -3.21 16.90
C TRP B 460 13.56 -4.27 17.04
N LYS B 461 14.04 -4.86 15.95
CA LYS B 461 15.12 -5.80 16.19
C LYS B 461 16.39 -5.08 16.64
N MET B 462 16.62 -3.84 16.19
CA MET B 462 17.81 -3.11 16.64
C MET B 462 17.57 -2.50 18.00
N LYS B 463 16.36 -2.07 18.26
CA LYS B 463 16.04 -1.65 19.60
C LYS B 463 16.40 -2.74 20.60
N ARG B 464 16.37 -4.00 20.19
CA ARG B 464 16.68 -5.04 21.16
C ARG B 464 18.19 -5.21 21.30
N GLU B 465 18.87 -5.47 20.16
CA GLU B 465 20.28 -5.90 20.17
C GLU B 465 21.19 -4.79 20.64
N ILE B 466 21.03 -3.60 20.06
CA ILE B 466 21.95 -2.51 20.32
C ILE B 466 21.56 -1.84 21.61
N VAL B 467 20.26 -1.86 21.94
CA VAL B 467 19.73 -0.96 22.97
C VAL B 467 19.13 -1.68 24.18
N GLY B 468 18.82 -2.97 24.09
CA GLY B 468 18.38 -3.68 25.29
C GLY B 468 16.99 -3.32 25.75
N VAL B 469 16.05 -3.23 24.82
CA VAL B 469 14.79 -2.51 24.94
C VAL B 469 13.76 -3.16 24.05
N VAL B 470 12.76 -3.79 24.66
CA VAL B 470 11.76 -4.56 23.92
C VAL B 470 10.42 -3.84 23.89
N GLU B 471 9.66 -4.07 22.82
CA GLU B 471 8.37 -3.45 22.69
C GLU B 471 7.34 -4.14 23.60
N PRO B 472 6.37 -3.40 24.15
CA PRO B 472 5.38 -4.02 25.02
C PRO B 472 4.18 -4.60 24.27
N VAL B 473 4.05 -4.26 23.01
CA VAL B 473 2.94 -4.64 22.15
C VAL B 473 3.59 -5.02 20.83
N PRO B 474 3.08 -6.02 20.11
CA PRO B 474 3.62 -6.35 18.79
C PRO B 474 3.19 -5.31 17.77
N HIS B 475 4.16 -4.74 17.07
CA HIS B 475 3.88 -3.77 16.02
C HIS B 475 4.24 -4.33 14.65
N ASP B 476 3.36 -4.07 13.66
CA ASP B 476 3.49 -4.61 12.31
C ASP B 476 4.00 -3.52 11.36
N GLU B 477 3.83 -3.72 10.04
CA GLU B 477 4.29 -2.73 9.09
C GLU B 477 3.31 -1.57 8.87
N THR B 478 2.22 -1.49 9.62
CA THR B 478 1.40 -0.30 9.56
C THR B 478 1.90 0.81 10.46
N TYR B 479 2.87 0.57 11.33
CA TYR B 479 3.38 1.71 12.15
C TYR B 479 4.64 2.32 11.57
N CYS B 480 5.06 3.48 12.05
CA CYS B 480 6.35 4.10 11.67
C CYS B 480 6.90 4.64 12.98
N ASP B 481 7.25 3.74 13.88
CA ASP B 481 7.66 4.13 15.25
C ASP B 481 8.76 5.19 15.28
N PRO B 482 9.71 5.31 14.33
CA PRO B 482 10.70 6.39 14.40
C PRO B 482 10.08 7.76 14.29
N ALA B 483 9.00 7.89 13.52
CA ALA B 483 8.34 9.18 13.35
C ALA B 483 7.37 9.51 14.46
N ALA B 484 7.25 8.66 15.48
CA ALA B 484 6.52 9.03 16.69
C ALA B 484 7.30 10.04 17.50
N LEU B 485 8.55 10.25 17.12
CA LEU B 485 9.51 11.15 17.78
C LEU B 485 9.77 12.39 16.93
N PHE B 486 9.74 13.56 17.57
CA PHE B 486 9.77 14.84 16.86
C PHE B 486 10.92 14.94 15.83
N HIS B 487 12.16 14.73 16.30
CA HIS B 487 13.32 14.86 15.40
C HIS B 487 13.15 14.09 14.09
N VAL B 488 12.47 12.95 14.12
CA VAL B 488 12.41 12.11 12.93
C VAL B 488 11.39 12.65 11.93
N ALA B 489 10.21 13.03 12.44
CA ALA B 489 9.09 13.58 11.70
C ALA B 489 9.32 15.02 11.24
N ASN B 490 10.24 15.74 11.88
CA ASN B 490 10.53 17.11 11.48
C ASN B 490 11.84 17.22 10.72
N ASP B 491 12.34 16.12 10.15
CA ASP B 491 13.50 16.17 9.26
C ASP B 491 14.69 16.86 9.96
N TYR B 492 15.20 16.16 10.97
CA TYR B 492 16.36 16.63 11.71
C TYR B 492 17.33 15.46 11.89
N SER B 493 18.59 15.72 11.54
CA SER B 493 19.66 14.79 11.84
C SER B 493 19.81 14.65 13.34
N PHE B 494 20.21 13.46 13.76
CA PHE B 494 20.20 13.07 15.15
C PHE B 494 21.57 12.73 15.71
N ILE B 495 22.48 12.15 14.92
CA ILE B 495 23.75 11.72 15.48
C ILE B 495 24.43 12.87 16.25
N ARG B 496 24.03 14.13 16.02
CA ARG B 496 24.70 15.24 16.69
C ARG B 496 24.68 15.08 18.20
N TYR B 497 23.68 14.38 18.73
CA TYR B 497 23.61 14.24 20.17
C TYR B 497 24.57 13.19 20.64
N TYR B 498 24.94 12.31 19.72
CA TYR B 498 25.97 11.32 20.00
C TYR B 498 27.35 11.97 19.92
N THR B 499 27.64 12.63 18.81
CA THR B 499 28.96 13.28 18.62
C THR B 499 29.15 14.28 19.77
N ARG B 500 28.11 15.04 20.09
CA ARG B 500 28.19 15.99 21.22
C ARG B 500 28.71 15.29 22.45
N THR B 501 28.01 14.27 22.95
CA THR B 501 28.36 13.59 24.23
C THR B 501 29.78 13.08 24.26
N ILE B 502 30.37 12.75 23.12
CA ILE B 502 31.79 12.37 23.15
C ILE B 502 32.67 13.61 23.21
N TYR B 503 32.40 14.57 22.32
CA TYR B 503 33.15 15.81 22.32
C TYR B 503 33.18 16.45 23.72
N GLN B 504 32.01 16.77 24.28
CA GLN B 504 32.00 17.53 25.51
C GLN B 504 33.01 17.02 26.53
N PHE B 505 33.31 15.72 26.50
CA PHE B 505 34.24 15.15 27.46
C PHE B 505 35.72 15.15 26.99
N GLN B 506 35.95 14.96 25.69
CA GLN B 506 37.24 15.30 25.14
C GLN B 506 37.59 16.75 25.43
N PHE B 507 36.63 17.67 25.25
CA PHE B 507 36.88 19.08 25.57
C PHE B 507 37.22 19.26 27.05
N GLN B 508 36.40 18.67 27.92
CA GLN B 508 36.45 19.00 29.34
C GLN B 508 37.70 18.43 30.03
N GLU B 509 38.24 17.27 29.57
CA GLU B 509 39.55 16.86 30.10
C GLU B 509 40.66 17.78 29.64
N ALA B 510 40.65 18.11 28.35
CA ALA B 510 41.52 19.11 27.77
C ALA B 510 41.61 20.37 28.62
N LEU B 511 40.45 20.88 29.04
CA LEU B 511 40.37 22.10 29.82
C LEU B 511 40.66 21.85 31.31
N CYS B 512 40.40 20.64 31.80
CA CYS B 512 40.79 20.36 33.17
C CYS B 512 42.28 20.06 33.27
N LYS B 513 42.89 19.57 32.19
CA LYS B 513 44.35 19.58 32.10
C LYS B 513 44.86 21.01 32.09
N ALA B 514 44.41 21.82 31.14
CA ALA B 514 44.86 23.21 31.04
C ALA B 514 44.65 23.99 32.33
N ALA B 515 43.74 23.51 33.17
CA ALA B 515 43.46 24.21 34.46
C ALA B 515 44.21 23.49 35.58
N ASN B 516 45.13 22.61 35.22
CA ASN B 516 45.87 21.85 36.24
C ASN B 516 44.85 21.31 37.23
N HIS B 517 43.80 20.64 36.75
CA HIS B 517 42.85 20.01 37.69
C HIS B 517 43.33 18.59 37.93
N THR B 518 43.45 18.26 39.20
CA THR B 518 44.00 16.95 39.52
C THR B 518 42.97 16.14 40.29
N GLY B 519 42.58 15.00 39.72
CA GLY B 519 41.71 14.08 40.41
C GLY B 519 40.51 13.63 39.59
N PRO B 520 39.38 13.41 40.25
CA PRO B 520 38.18 13.06 39.49
C PRO B 520 37.85 14.15 38.47
N LEU B 521 37.58 13.71 37.23
CA LEU B 521 37.17 14.64 36.19
C LEU B 521 35.86 15.31 36.57
N HIS B 522 34.97 14.55 37.20
CA HIS B 522 33.64 15.02 37.52
C HIS B 522 33.65 16.15 38.53
N LYS B 523 34.74 16.28 39.31
CA LYS B 523 34.83 17.37 40.28
C LYS B 523 35.58 18.59 39.72
N CYS B 524 35.63 18.74 38.41
CA CYS B 524 36.46 19.77 37.80
C CYS B 524 35.66 21.05 37.60
N ASP B 525 36.36 22.18 37.80
CA ASP B 525 35.78 23.52 37.58
C ASP B 525 36.81 24.37 36.84
N ILE B 526 36.41 25.04 35.77
CA ILE B 526 37.34 25.81 34.91
C ILE B 526 37.17 27.29 35.17
N THR B 527 36.49 27.65 36.26
CA THR B 527 36.24 29.06 36.60
C THR B 527 37.57 29.70 37.00
N ASN B 528 37.69 31.01 36.85
CA ASN B 528 38.94 31.72 37.22
C ASN B 528 40.11 31.02 36.54
N SER B 529 39.86 30.39 35.39
CA SER B 529 40.89 29.66 34.67
C SER B 529 41.05 30.35 33.33
N THR B 530 42.15 31.07 33.18
CA THR B 530 42.47 31.80 31.96
C THR B 530 43.19 30.94 30.92
N ALA B 531 44.02 29.98 31.36
CA ALA B 531 44.61 29.02 30.43
C ALA B 531 43.51 28.23 29.72
N ALA B 532 42.53 27.73 30.48
CA ALA B 532 41.37 27.08 29.88
C ALA B 532 40.72 27.95 28.82
N GLY B 533 40.37 29.19 29.16
CA GLY B 533 39.63 30.02 28.23
C GLY B 533 40.43 30.39 26.98
N GLY B 534 41.71 30.70 27.15
CA GLY B 534 42.56 30.87 25.98
C GLY B 534 42.48 29.71 25.01
N ASN B 535 42.64 28.48 25.53
CA ASN B 535 42.47 27.33 24.64
C ASN B 535 41.11 27.38 23.97
N LEU B 536 40.05 27.52 24.77
CA LEU B 536 38.68 27.49 24.27
C LEU B 536 38.37 28.65 23.33
N ARG B 537 38.95 29.84 23.53
CA ARG B 537 38.72 30.91 22.56
C ARG B 537 39.37 30.62 21.22
N GLN B 538 40.56 30.00 21.22
CA GLN B 538 41.25 29.73 19.96
C GLN B 538 40.44 28.78 19.08
N LEU B 539 39.99 27.68 19.68
CA LEU B 539 39.04 26.76 19.05
C LEU B 539 37.74 27.47 18.64
N LEU B 540 37.22 28.36 19.50
CA LEU B 540 35.88 28.91 19.22
C LEU B 540 35.89 29.92 18.08
N GLU B 541 36.95 30.72 17.93
CA GLU B 541 36.98 31.65 16.80
C GLU B 541 37.01 30.91 15.48
N LEU B 542 37.60 29.71 15.47
CA LEU B 542 37.74 28.95 14.24
C LEU B 542 36.45 28.92 13.46
N GLY B 543 35.34 28.63 14.14
CA GLY B 543 34.15 28.40 13.36
C GLY B 543 34.37 27.17 12.50
N LYS B 544 33.71 27.14 11.36
CA LYS B 544 33.97 26.07 10.42
C LYS B 544 35.13 26.41 9.46
N SER B 545 36.07 27.26 9.91
CA SER B 545 37.12 27.74 9.00
C SER B 545 38.18 26.68 8.81
N LYS B 546 38.35 25.82 9.80
CA LYS B 546 39.33 24.74 9.73
C LYS B 546 38.63 23.41 9.95
N PRO B 547 39.26 22.31 9.53
CA PRO B 547 38.65 21.00 9.72
C PRO B 547 38.32 20.78 11.19
N TRP B 548 37.18 20.18 11.43
CA TRP B 548 36.86 19.87 12.81
C TRP B 548 37.92 18.99 13.44
N THR B 549 38.66 18.23 12.64
CA THR B 549 39.74 17.44 13.22
C THR B 549 40.84 18.35 13.76
N GLN B 550 41.36 19.28 12.93
CA GLN B 550 42.38 20.23 13.40
C GLN B 550 41.93 20.93 14.66
N ALA B 551 40.73 21.47 14.60
CA ALA B 551 40.12 22.11 15.75
C ALA B 551 40.21 21.20 16.98
N LEU B 552 39.54 20.05 16.94
CA LEU B 552 39.59 19.13 18.08
C LEU B 552 41.02 18.82 18.50
N GLU B 553 41.97 18.73 17.54
CA GLU B 553 43.38 18.48 17.88
C GLU B 553 44.02 19.65 18.61
N SER B 554 43.94 20.86 18.04
CA SER B 554 44.57 22.02 18.64
C SER B 554 44.10 22.23 20.10
N ALA B 555 42.86 21.89 20.42
CA ALA B 555 42.35 22.08 21.77
C ALA B 555 42.53 20.86 22.66
N THR B 556 42.29 19.63 22.16
CA THR B 556 42.42 18.46 23.01
C THR B 556 43.56 17.54 22.63
N GLY B 557 44.30 17.81 21.54
CA GLY B 557 45.38 16.93 21.12
C GLY B 557 44.93 15.84 20.16
N GLU B 558 44.03 14.97 20.59
CA GLU B 558 43.47 13.97 19.69
C GLU B 558 42.70 14.69 18.60
N LYS B 559 42.78 14.18 17.36
CA LYS B 559 42.03 14.74 16.23
C LYS B 559 40.83 13.90 15.78
N TYR B 560 40.49 12.84 16.51
CA TYR B 560 39.30 12.04 16.23
C TYR B 560 38.52 11.86 17.52
N MET B 561 37.31 11.35 17.36
CA MET B 561 36.45 11.05 18.49
C MET B 561 37.10 10.01 19.39
N ASN B 562 37.05 10.24 20.70
CA ASN B 562 37.53 9.25 21.66
C ASN B 562 36.53 9.11 22.78
N ALA B 563 35.95 7.91 22.89
CA ALA B 563 34.96 7.66 23.93
C ALA B 563 35.56 7.64 25.35
N THR B 564 36.88 7.79 25.50
CA THR B 564 37.56 7.48 26.74
C THR B 564 37.64 8.59 27.77
N PRO B 565 37.72 9.87 27.38
CA PRO B 565 37.34 10.93 28.33
C PRO B 565 35.99 10.73 29.01
N LEU B 566 34.97 10.21 28.30
CA LEU B 566 33.68 9.90 28.92
C LEU B 566 33.81 8.75 29.91
N LEU B 567 34.40 7.64 29.49
CA LEU B 567 34.67 6.55 30.41
C LEU B 567 35.49 7.01 31.62
N HIS B 568 36.15 8.16 31.52
CA HIS B 568 36.85 8.70 32.68
C HIS B 568 35.91 9.47 33.59
N TYR B 569 35.04 10.29 33.01
CA TYR B 569 34.05 11.00 33.82
C TYR B 569 33.08 10.05 34.51
N PHE B 570 32.84 8.86 33.98
CA PHE B 570 31.87 7.95 34.59
C PHE B 570 32.57 6.80 35.32
N GLU B 571 33.83 7.01 35.71
CA GLU B 571 34.61 5.90 36.26
C GLU B 571 34.17 5.50 37.65
N PRO B 572 33.91 6.42 38.60
CA PRO B 572 33.42 5.99 39.92
C PRO B 572 32.14 5.20 39.80
N LEU B 573 31.24 5.68 38.95
CA LEU B 573 29.95 4.98 38.76
C LEU B 573 30.21 3.53 38.34
N PHE B 574 30.94 3.31 37.25
CA PHE B 574 31.15 1.93 36.75
C PHE B 574 31.58 1.05 37.91
N ASN B 575 32.72 1.35 38.53
CA ASN B 575 33.25 0.51 39.62
C ASN B 575 32.14 0.20 40.62
N TRP B 576 31.18 1.09 40.78
CA TRP B 576 30.06 0.84 41.66
C TRP B 576 29.10 -0.16 41.03
N LEU B 577 28.89 -0.05 39.72
CA LEU B 577 27.96 -0.89 38.96
C LEU B 577 28.57 -2.25 38.64
N GLN B 578 29.90 -2.35 38.72
CA GLN B 578 30.55 -3.65 38.67
C GLN B 578 30.28 -4.44 39.96
N LYS B 579 30.45 -3.83 41.13
CA LYS B 579 30.12 -4.50 42.42
C LYS B 579 28.60 -4.68 42.62
N ASN B 580 27.79 -3.65 42.36
CA ASN B 580 26.33 -3.71 42.65
C ASN B 580 25.65 -4.71 41.74
N ASN B 581 26.29 -5.08 40.63
CA ASN B 581 25.58 -5.94 39.66
C ASN B 581 26.23 -7.32 39.71
N SER B 582 27.04 -7.57 40.72
CA SER B 582 27.70 -8.90 40.87
C SER B 582 26.60 -9.96 40.79
N GLY B 583 25.51 -9.77 41.52
CA GLY B 583 24.44 -10.77 41.51
C GLY B 583 23.55 -10.74 40.28
N ARG B 584 23.57 -9.64 39.51
CA ARG B 584 22.83 -9.49 38.26
C ARG B 584 23.64 -10.12 37.12
N SER B 585 23.05 -10.06 35.92
CA SER B 585 23.70 -10.60 34.70
C SER B 585 23.76 -9.53 33.63
N ILE B 586 24.83 -8.75 33.59
CA ILE B 586 25.01 -7.77 32.49
C ILE B 586 24.62 -8.48 31.20
N GLY B 587 23.86 -7.80 30.34
CA GLY B 587 23.41 -8.43 29.08
C GLY B 587 21.90 -8.40 28.98
N TRP B 588 21.37 -8.99 27.91
CA TRP B 588 19.92 -9.03 27.71
C TRP B 588 19.58 -10.02 26.60
N ASN B 589 18.60 -10.87 26.85
CA ASN B 589 18.14 -11.82 25.82
C ASN B 589 17.40 -11.03 24.78
N THR B 590 17.63 -11.33 23.51
CA THR B 590 17.02 -10.51 22.46
C THR B 590 15.82 -11.27 21.92
N ASP B 591 15.23 -12.10 22.78
CA ASP B 591 14.09 -12.94 22.33
C ASP B 591 12.86 -12.68 23.20
N TRP B 592 13.03 -12.67 24.53
CA TRP B 592 11.86 -12.53 25.39
C TRP B 592 11.20 -11.17 25.18
N THR B 593 9.87 -11.17 25.23
CA THR B 593 8.97 -10.03 25.07
C THR B 593 7.87 -10.06 26.11
N PRO B 594 7.25 -8.90 26.36
CA PRO B 594 6.13 -8.85 27.31
C PRO B 594 4.91 -9.65 26.85
N TYR B 595 4.87 -10.09 25.59
CA TYR B 595 3.71 -10.80 25.05
C TYR B 595 3.98 -12.27 24.72
N SER B 596 5.22 -12.66 24.47
CA SER B 596 5.51 -14.09 24.57
C SER B 596 5.39 -14.50 26.04
N ASP B 597 4.53 -15.49 26.31
CA ASP B 597 4.11 -15.90 27.66
C ASP B 597 5.17 -15.69 28.77
N ASP C 1 -33.19 -19.69 -33.29
CA ASP C 1 -32.07 -20.42 -32.68
C ASP C 1 -31.07 -20.91 -33.69
N VAL C 2 -29.78 -20.82 -33.37
CA VAL C 2 -28.84 -21.06 -34.43
C VAL C 2 -27.68 -21.87 -33.88
N THR C 3 -27.62 -22.00 -32.56
CA THR C 3 -26.54 -22.77 -31.95
C THR C 3 -26.37 -24.14 -32.59
N GLN C 4 -27.46 -24.84 -32.86
CA GLN C 4 -27.36 -26.21 -33.32
C GLN C 4 -26.84 -26.28 -34.76
N GLU C 5 -27.41 -25.46 -35.64
CA GLU C 5 -26.92 -25.39 -37.01
C GLU C 5 -25.43 -25.03 -37.04
N ALA C 6 -25.02 -24.11 -36.16
CA ALA C 6 -23.62 -23.70 -36.05
C ALA C 6 -22.71 -24.80 -35.50
N GLN C 7 -23.23 -25.72 -34.68
CA GLN C 7 -22.41 -26.81 -34.19
C GLN C 7 -22.23 -27.87 -35.26
N THR C 8 -23.24 -28.05 -36.12
CA THR C 8 -23.08 -28.92 -37.28
C THR C 8 -22.04 -28.34 -38.24
N PHE C 9 -22.16 -27.05 -38.56
CA PHE C 9 -21.20 -26.40 -39.43
C PHE C 9 -19.78 -26.50 -38.89
N LEU C 10 -19.60 -26.30 -37.58
CA LEU C 10 -18.27 -26.43 -37.00
C LEU C 10 -17.71 -27.81 -37.25
N ALA C 11 -18.37 -28.85 -36.73
CA ALA C 11 -17.85 -30.22 -36.82
C ALA C 11 -17.48 -30.60 -38.26
N GLU C 12 -18.26 -30.12 -39.24
CA GLU C 12 -17.91 -30.34 -40.64
C GLU C 12 -16.74 -29.47 -41.07
N PHE C 13 -16.54 -28.32 -40.40
CA PHE C 13 -15.37 -27.48 -40.72
C PHE C 13 -14.10 -27.99 -40.04
N ASN C 14 -14.21 -28.45 -38.80
CA ASN C 14 -13.03 -28.83 -38.03
C ASN C 14 -12.34 -30.03 -38.62
N VAL C 15 -13.10 -31.06 -39.00
CA VAL C 15 -12.49 -32.23 -39.62
C VAL C 15 -11.63 -31.80 -40.80
N ARG C 16 -12.29 -31.21 -41.81
CA ARG C 16 -11.58 -30.86 -43.05
C ARG C 16 -10.46 -29.84 -42.83
N ALA C 17 -10.54 -28.99 -41.79
CA ALA C 17 -9.55 -27.92 -41.59
C ALA C 17 -8.32 -28.39 -40.83
N GLU C 18 -8.51 -29.21 -39.81
CA GLU C 18 -7.40 -29.94 -39.20
C GLU C 18 -6.65 -30.70 -40.27
N ASP C 19 -7.40 -31.24 -41.22
CA ASP C 19 -6.82 -32.06 -42.27
C ASP C 19 -5.94 -31.24 -43.21
N ILE C 20 -6.46 -30.11 -43.68
CA ILE C 20 -5.74 -29.25 -44.63
C ILE C 20 -4.60 -28.50 -43.95
N SER C 21 -4.82 -27.94 -42.74
CA SER C 21 -3.73 -27.15 -42.18
C SER C 21 -2.57 -28.05 -41.76
N TYR C 22 -2.86 -29.29 -41.37
CA TYR C 22 -1.75 -30.21 -41.16
C TYR C 22 -0.89 -30.26 -42.43
N GLU C 23 -1.53 -30.44 -43.60
CA GLU C 23 -0.78 -30.41 -44.86
C GLU C 23 -0.03 -29.10 -44.99
N ASN C 24 -0.61 -28.01 -44.48
CA ASN C 24 0.01 -26.70 -44.63
C ASN C 24 1.22 -26.56 -43.71
N SER C 25 1.11 -27.07 -42.48
CA SER C 25 2.27 -27.07 -41.61
C SER C 25 3.34 -28.03 -42.12
N LEU C 26 2.93 -29.13 -42.77
CA LEU C 26 3.89 -30.08 -43.33
C LEU C 26 4.70 -29.45 -44.44
N ALA C 27 4.01 -29.03 -45.50
CA ALA C 27 4.65 -28.35 -46.61
C ALA C 27 5.67 -27.33 -46.13
N SER C 28 5.31 -26.52 -45.14
CA SER C 28 6.18 -25.43 -44.75
C SER C 28 7.23 -25.83 -43.73
N TRP C 29 7.00 -26.90 -42.99
CA TRP C 29 8.11 -27.50 -42.27
C TRP C 29 9.15 -28.01 -43.25
N ASN C 30 8.68 -28.77 -44.25
CA ASN C 30 9.56 -29.26 -45.30
C ASN C 30 10.29 -28.10 -45.98
N TYR C 31 9.71 -26.91 -45.99
CA TYR C 31 10.41 -25.77 -46.58
C TYR C 31 11.51 -25.25 -45.67
N ASN C 32 11.19 -24.95 -44.41
CA ASN C 32 12.21 -24.37 -43.54
C ASN C 32 13.27 -25.39 -43.09
N THR C 33 13.10 -26.70 -43.38
CA THR C 33 14.18 -27.67 -43.16
C THR C 33 14.87 -28.08 -44.45
N ASN C 34 14.45 -27.54 -45.58
CA ASN C 34 15.01 -27.95 -46.87
C ASN C 34 14.52 -26.92 -47.88
N ILE C 35 15.41 -25.98 -48.22
CA ILE C 35 15.03 -24.83 -49.01
C ILE C 35 15.50 -25.01 -50.45
N THR C 36 14.74 -25.76 -51.21
CA THR C 36 14.89 -25.86 -52.65
C THR C 36 13.81 -25.01 -53.33
N GLU C 37 13.59 -25.23 -54.63
CA GLU C 37 12.47 -24.61 -55.31
C GLU C 37 11.24 -25.50 -55.31
N GLU C 38 11.42 -26.82 -55.38
CA GLU C 38 10.27 -27.71 -55.25
C GLU C 38 9.59 -27.52 -53.92
N THR C 39 10.38 -27.33 -52.87
CA THR C 39 9.80 -27.09 -51.55
C THR C 39 9.10 -25.74 -51.48
N ALA C 40 9.56 -24.76 -52.26
CA ALA C 40 8.80 -23.50 -52.35
C ALA C 40 7.48 -23.72 -53.06
N ARG C 41 7.50 -24.40 -54.20
CA ARG C 41 6.28 -24.76 -54.89
C ARG C 41 5.27 -25.36 -53.91
N LYS C 42 5.63 -26.49 -53.29
CA LYS C 42 4.68 -27.21 -52.45
C LYS C 42 4.24 -26.38 -51.26
N MET C 43 5.12 -25.52 -50.73
CA MET C 43 4.72 -24.67 -49.59
C MET C 43 3.67 -23.65 -50.01
N SER C 44 3.73 -23.18 -51.26
CA SER C 44 2.74 -22.24 -51.78
C SER C 44 1.39 -22.92 -52.05
N GLU C 45 1.42 -23.98 -52.87
CA GLU C 45 0.26 -24.84 -53.06
C GLU C 45 -0.48 -25.11 -51.76
N ALA C 46 0.24 -25.57 -50.73
CA ALA C 46 -0.39 -25.85 -49.44
C ALA C 46 -0.96 -24.60 -48.81
N GLY C 47 -0.22 -23.49 -48.86
CA GLY C 47 -0.74 -22.25 -48.30
C GLY C 47 -2.00 -21.80 -49.01
N ALA C 48 -2.05 -21.98 -50.33
CA ALA C 48 -3.20 -21.54 -51.11
C ALA C 48 -4.41 -22.44 -50.94
N LYS C 49 -4.19 -23.76 -50.81
CA LYS C 49 -5.30 -24.64 -50.44
C LYS C 49 -5.91 -24.17 -49.14
N TRP C 50 -5.09 -23.88 -48.14
CA TRP C 50 -5.60 -23.34 -46.90
C TRP C 50 -6.34 -22.04 -47.14
N ALA C 51 -5.69 -21.10 -47.82
CA ALA C 51 -6.31 -19.81 -48.08
C ALA C 51 -7.70 -19.98 -48.68
N ALA C 52 -7.84 -20.91 -49.62
CA ALA C 52 -9.11 -21.18 -50.25
C ALA C 52 -10.13 -21.68 -49.22
N PHE C 53 -9.76 -22.72 -48.48
CA PHE C 53 -10.58 -23.22 -47.38
C PHE C 53 -10.96 -22.12 -46.38
N TYR C 54 -10.12 -21.11 -46.19
CA TYR C 54 -10.52 -20.09 -45.23
C TYR C 54 -11.41 -19.02 -45.83
N GLU C 55 -11.10 -18.47 -47.01
CA GLU C 55 -12.12 -17.69 -47.71
C GLU C 55 -13.43 -18.45 -47.69
N GLU C 56 -13.36 -19.70 -48.09
CA GLU C 56 -14.55 -20.50 -48.37
C GLU C 56 -15.33 -20.76 -47.08
N ALA C 57 -14.66 -20.85 -45.93
CA ALA C 57 -15.32 -21.18 -44.68
C ALA C 57 -15.69 -19.96 -43.85
N SER C 58 -15.01 -18.84 -44.03
CA SER C 58 -15.42 -17.69 -43.26
C SER C 58 -16.65 -17.05 -43.88
N ARG C 59 -16.81 -17.24 -45.20
CA ARG C 59 -18.06 -16.89 -45.86
C ARG C 59 -19.21 -17.71 -45.29
N ASN C 60 -19.06 -19.03 -45.30
CA ASN C 60 -20.10 -19.93 -44.79
C ASN C 60 -20.49 -19.59 -43.37
N ALA C 61 -19.60 -18.98 -42.60
CA ALA C 61 -19.85 -18.62 -41.21
C ALA C 61 -20.34 -17.18 -41.02
N SER C 62 -20.09 -16.31 -41.99
CA SER C 62 -20.60 -14.95 -41.90
C SER C 62 -22.10 -14.92 -41.60
N ARG C 63 -22.85 -15.90 -42.12
CA ARG C 63 -24.30 -16.00 -41.89
C ARG C 63 -24.59 -16.80 -40.61
N PHE C 64 -24.20 -16.23 -39.49
CA PHE C 64 -24.38 -16.88 -38.20
C PHE C 64 -24.42 -15.77 -37.15
N SER C 65 -25.63 -15.43 -36.72
CA SER C 65 -25.82 -14.39 -35.71
C SER C 65 -25.17 -14.87 -34.42
N LEU C 66 -24.13 -14.17 -33.97
CA LEU C 66 -23.42 -14.63 -32.79
C LEU C 66 -24.30 -14.56 -31.55
N ALA C 67 -25.16 -13.52 -31.47
CA ALA C 67 -26.07 -13.41 -30.32
C ALA C 67 -27.05 -14.57 -30.25
N ASN C 68 -27.33 -15.23 -31.37
CA ASN C 68 -28.20 -16.39 -31.31
C ASN C 68 -27.44 -17.70 -30.97
N ILE C 69 -26.26 -17.66 -30.35
CA ILE C 69 -25.51 -18.86 -30.00
C ILE C 69 -25.40 -18.96 -28.47
N GLN C 70 -25.83 -20.10 -27.91
CA GLN C 70 -25.99 -20.20 -26.46
C GLN C 70 -24.69 -20.48 -25.74
N ASP C 71 -23.85 -21.37 -26.28
CA ASP C 71 -22.57 -21.68 -25.67
C ASP C 71 -21.59 -20.56 -25.92
N ALA C 72 -20.94 -20.08 -24.86
CA ALA C 72 -19.79 -19.20 -25.03
C ALA C 72 -18.73 -19.88 -25.89
N VAL C 73 -18.48 -21.16 -25.60
CA VAL C 73 -17.48 -21.91 -26.36
C VAL C 73 -17.90 -22.00 -27.82
N THR C 74 -19.06 -22.55 -28.09
CA THR C 74 -19.38 -22.72 -29.51
C THR C 74 -19.61 -21.39 -30.21
N ARG C 75 -19.74 -20.29 -29.47
CA ARG C 75 -19.78 -18.98 -30.10
C ARG C 75 -18.39 -18.47 -30.40
N LEU C 76 -17.47 -18.58 -29.44
CA LEU C 76 -16.11 -18.10 -29.63
C LEU C 76 -15.47 -18.70 -30.89
N GLN C 77 -15.66 -20.00 -31.12
CA GLN C 77 -15.14 -20.60 -32.35
C GLN C 77 -15.72 -19.94 -33.59
N ILE C 78 -17.05 -19.76 -33.61
CA ILE C 78 -17.71 -19.22 -34.79
C ILE C 78 -17.33 -17.76 -35.01
N GLN C 79 -17.10 -17.05 -33.92
CA GLN C 79 -16.57 -15.69 -34.00
C GLN C 79 -15.22 -15.65 -34.70
N SER C 80 -14.23 -16.34 -34.14
CA SER C 80 -12.91 -16.38 -34.76
C SER C 80 -13.04 -16.66 -36.24
N LEU C 81 -13.67 -17.79 -36.57
CA LEU C 81 -13.86 -18.22 -37.93
C LEU C 81 -14.50 -17.15 -38.80
N GLN C 82 -15.24 -16.21 -38.18
CA GLN C 82 -15.98 -15.24 -38.99
C GLN C 82 -15.11 -14.12 -39.55
N ASP C 83 -13.84 -14.04 -39.17
CA ASP C 83 -12.93 -13.04 -39.73
C ASP C 83 -12.39 -13.52 -41.07
N ARG C 84 -12.88 -12.94 -42.18
CA ARG C 84 -12.30 -13.22 -43.49
C ARG C 84 -10.83 -12.85 -43.51
N GLY C 85 -10.38 -12.05 -42.55
CA GLY C 85 -9.04 -11.51 -42.56
C GLY C 85 -8.81 -10.65 -43.79
N SER C 86 -7.67 -10.89 -44.45
CA SER C 86 -7.38 -10.16 -45.68
C SER C 86 -8.08 -10.77 -46.88
N SER C 87 -8.77 -11.89 -46.67
CA SER C 87 -9.53 -12.47 -47.76
C SER C 87 -10.67 -11.59 -48.23
N VAL C 88 -11.13 -10.61 -47.42
CA VAL C 88 -12.26 -9.77 -47.83
C VAL C 88 -12.00 -9.13 -49.19
N LEU C 89 -10.82 -8.54 -49.33
CA LEU C 89 -10.50 -7.72 -50.54
C LEU C 89 -10.58 -8.48 -51.86
N SER C 90 -10.54 -7.72 -52.97
CA SER C 90 -10.74 -8.28 -54.31
C SER C 90 -9.75 -9.38 -54.64
N PRO C 91 -9.95 -10.10 -55.75
CA PRO C 91 -8.96 -11.05 -56.19
C PRO C 91 -7.73 -10.24 -56.63
N GLU C 92 -7.91 -9.01 -57.13
CA GLU C 92 -6.82 -8.18 -57.63
C GLU C 92 -6.05 -7.54 -56.49
N LYS C 93 -6.76 -7.07 -55.46
CA LYS C 93 -6.12 -6.39 -54.34
C LYS C 93 -5.57 -7.38 -53.31
N TYR C 94 -6.07 -8.62 -53.29
CA TYR C 94 -5.43 -9.65 -52.48
C TYR C 94 -4.10 -10.10 -53.09
N SER C 95 -4.07 -10.39 -54.38
CA SER C 95 -2.76 -10.70 -54.95
C SER C 95 -1.83 -9.49 -54.84
N ARG C 96 -2.34 -8.27 -55.03
CA ARG C 96 -1.49 -7.09 -54.84
C ARG C 96 -0.78 -7.13 -53.49
N LEU C 97 -1.56 -7.19 -52.40
CA LEU C 97 -1.00 -7.24 -51.05
C LEU C 97 0.02 -8.36 -50.90
N ASN C 98 -0.34 -9.57 -51.33
CA ASN C 98 0.59 -10.69 -51.20
C ASN C 98 1.90 -10.41 -51.93
N SER C 99 1.84 -9.90 -53.16
CA SER C 99 3.09 -9.62 -53.86
C SER C 99 3.82 -8.45 -53.23
N VAL C 100 3.09 -7.42 -52.78
CA VAL C 100 3.74 -6.34 -52.01
C VAL C 100 4.42 -6.92 -50.77
N MET C 101 3.80 -7.92 -50.15
CA MET C 101 4.35 -8.47 -48.92
C MET C 101 5.59 -9.31 -49.15
N ASN C 102 5.63 -10.08 -50.24
CA ASN C 102 6.77 -10.96 -50.52
C ASN C 102 8.01 -10.17 -50.86
N SER C 103 7.86 -9.17 -51.72
CA SER C 103 9.00 -8.37 -52.13
C SER C 103 9.54 -7.53 -50.98
N MET C 104 8.69 -7.12 -50.02
CA MET C 104 9.23 -6.60 -48.75
C MET C 104 10.05 -7.68 -48.06
N SER C 105 9.48 -8.88 -47.92
CA SER C 105 10.12 -9.93 -47.13
C SER C 105 11.42 -10.37 -47.78
N THR C 106 11.46 -10.37 -49.12
CA THR C 106 12.68 -10.78 -49.79
C THR C 106 13.77 -9.68 -49.77
N ILE C 107 13.37 -8.41 -49.91
CA ILE C 107 14.34 -7.33 -49.73
C ILE C 107 15.04 -7.50 -48.37
N TYR C 108 14.24 -7.71 -47.32
CA TYR C 108 14.79 -7.90 -45.98
C TYR C 108 15.83 -9.02 -45.95
N SER C 109 15.52 -10.18 -46.56
CA SER C 109 16.38 -11.35 -46.36
C SER C 109 17.70 -11.20 -47.10
N THR C 110 17.65 -10.61 -48.29
CA THR C 110 18.77 -10.54 -49.22
C THR C 110 19.56 -9.24 -49.15
N GLY C 111 19.22 -8.35 -48.22
CA GLY C 111 19.79 -7.01 -48.25
C GLY C 111 21.25 -7.03 -47.88
N VAL C 112 22.03 -6.20 -48.58
CA VAL C 112 23.45 -6.05 -48.31
C VAL C 112 23.79 -4.58 -48.27
N VAL C 113 24.80 -4.25 -47.47
CA VAL C 113 25.58 -3.01 -47.57
C VAL C 113 27.04 -3.37 -47.84
N CYS C 114 27.67 -2.60 -48.72
CA CYS C 114 29.00 -2.91 -49.20
C CYS C 114 30.03 -1.96 -48.60
N LYS C 115 31.28 -2.42 -48.52
CA LYS C 115 32.33 -1.51 -48.09
C LYS C 115 32.65 -0.53 -49.23
N ALA C 116 33.61 0.37 -49.00
CA ALA C 116 33.81 1.46 -49.94
C ALA C 116 35.25 1.58 -50.42
N THR C 117 36.10 0.59 -50.17
CA THR C 117 37.53 0.73 -50.38
C THR C 117 38.07 -0.19 -51.48
N GLU C 118 38.12 -1.52 -51.30
CA GLU C 118 39.05 -2.26 -52.17
C GLU C 118 38.35 -3.10 -53.25
N PRO C 119 37.89 -4.33 -53.03
CA PRO C 119 36.98 -4.94 -54.01
C PRO C 119 35.50 -4.67 -53.74
N PHE C 120 35.22 -3.74 -52.81
CA PHE C 120 33.87 -3.26 -52.52
C PHE C 120 32.94 -4.38 -52.02
N ASP C 121 33.49 -5.27 -51.19
CA ASP C 121 32.77 -6.45 -50.74
C ASP C 121 31.54 -6.06 -49.92
N CYS C 122 30.48 -6.84 -50.06
CA CYS C 122 29.16 -6.54 -49.49
C CYS C 122 28.81 -7.47 -48.35
N LEU C 123 28.00 -6.99 -47.43
CA LEU C 123 27.81 -7.67 -46.18
C LEU C 123 26.32 -7.94 -45.97
N VAL C 124 26.01 -9.02 -45.27
CA VAL C 124 24.59 -9.43 -45.03
C VAL C 124 24.25 -9.28 -43.54
N LEU C 125 23.03 -9.57 -43.13
CA LEU C 125 22.67 -9.38 -41.71
C LEU C 125 23.06 -10.58 -40.85
N GLU C 126 22.58 -11.76 -41.17
CA GLU C 126 22.77 -12.92 -40.25
C GLU C 126 24.23 -13.12 -39.83
N PRO C 127 25.18 -13.43 -40.74
CA PRO C 127 26.57 -13.62 -40.38
C PRO C 127 27.41 -12.46 -40.91
N GLY C 128 26.91 -11.25 -40.76
CA GLY C 128 27.59 -10.06 -41.26
C GLY C 128 27.36 -8.86 -40.40
N LEU C 129 26.45 -7.98 -40.81
CA LEU C 129 26.26 -6.70 -40.09
C LEU C 129 25.90 -6.93 -38.63
N ASP C 130 25.21 -8.01 -38.36
CA ASP C 130 24.74 -8.25 -36.97
C ASP C 130 25.95 -8.29 -36.06
N ASP C 131 27.01 -8.97 -36.48
CA ASP C 131 28.23 -9.10 -35.69
C ASP C 131 28.86 -7.74 -35.45
N ILE C 132 29.00 -6.92 -36.51
CA ILE C 132 29.50 -5.56 -36.32
C ILE C 132 28.65 -4.84 -35.29
N MET C 133 27.33 -4.97 -35.41
CA MET C 133 26.42 -4.33 -34.47
C MET C 133 26.49 -4.95 -33.08
N ALA C 134 26.92 -6.19 -32.98
CA ALA C 134 26.96 -6.87 -31.71
C ALA C 134 28.36 -7.01 -31.09
N ASN C 135 29.44 -6.65 -31.81
CA ASN C 135 30.79 -6.68 -31.21
C ASN C 135 31.51 -5.36 -31.33
N SER C 136 31.16 -4.56 -32.32
CA SER C 136 32.04 -3.45 -32.64
C SER C 136 31.92 -2.36 -31.60
N ILE C 137 33.02 -1.63 -31.41
CA ILE C 137 32.99 -0.36 -30.71
C ILE C 137 33.55 0.77 -31.56
N ASP C 138 34.02 0.49 -32.79
CA ASP C 138 34.45 1.54 -33.72
C ASP C 138 33.25 2.32 -34.25
N TYR C 139 33.05 3.53 -33.72
CA TYR C 139 31.86 4.33 -34.01
C TYR C 139 31.55 4.33 -35.50
N HIS C 140 32.52 4.74 -36.31
CA HIS C 140 32.22 4.90 -37.73
C HIS C 140 32.12 3.60 -38.49
N GLU C 141 32.50 2.46 -37.88
CA GLU C 141 32.11 1.17 -38.46
C GLU C 141 30.66 0.82 -38.13
N ARG C 142 30.24 1.02 -36.87
CA ARG C 142 28.85 0.81 -36.54
C ARG C 142 27.98 1.74 -37.38
N LEU C 143 28.46 2.96 -37.62
CA LEU C 143 27.63 3.88 -38.39
C LEU C 143 27.42 3.35 -39.81
N TRP C 144 28.49 2.80 -40.40
CA TRP C 144 28.38 2.13 -41.69
C TRP C 144 27.25 1.08 -41.72
N ALA C 145 27.22 0.15 -40.77
CA ALA C 145 26.22 -0.92 -40.86
C ALA C 145 24.82 -0.39 -40.60
N TRP C 146 24.65 0.45 -39.57
CA TRP C 146 23.33 0.99 -39.25
C TRP C 146 22.80 1.89 -40.37
N GLU C 147 23.65 2.74 -40.96
CA GLU C 147 23.24 3.70 -41.98
C GLU C 147 23.14 3.08 -43.38
N GLY C 148 23.87 2.01 -43.63
CA GLY C 148 23.70 1.32 -44.89
C GLY C 148 22.54 0.37 -44.91
N TRP C 149 22.09 -0.05 -43.72
CA TRP C 149 20.88 -0.85 -43.63
C TRP C 149 19.62 -0.01 -43.82
N ARG C 150 19.74 1.29 -43.77
CA ARG C 150 18.54 2.09 -43.90
C ARG C 150 18.48 2.87 -45.20
N ALA C 151 19.60 3.01 -45.95
CA ALA C 151 19.52 3.63 -47.26
C ALA C 151 19.55 2.64 -48.42
N ASP C 152 19.93 1.38 -48.18
CA ASP C 152 19.73 0.33 -49.17
C ASP C 152 18.42 -0.41 -48.99
N VAL C 153 18.30 -1.12 -47.87
CA VAL C 153 17.08 -1.95 -47.62
C VAL C 153 15.91 -1.04 -47.25
N GLY C 154 16.12 -0.20 -46.23
CA GLY C 154 15.05 0.68 -45.73
C GLY C 154 14.35 1.43 -46.84
N ARG C 155 15.11 2.00 -47.75
CA ARG C 155 14.52 2.81 -48.85
C ARG C 155 13.91 1.86 -49.87
N MET C 156 14.46 0.65 -50.06
CA MET C 156 13.79 -0.32 -50.90
C MET C 156 12.45 -0.76 -50.32
N MET C 157 12.10 -0.33 -49.11
CA MET C 157 10.78 -0.70 -48.60
C MET C 157 9.74 0.38 -48.87
N ARG C 158 10.09 1.68 -48.67
CA ARG C 158 9.17 2.82 -48.47
C ARG C 158 7.92 2.73 -49.36
N PRO C 159 8.08 2.65 -50.68
CA PRO C 159 6.87 2.59 -51.53
C PRO C 159 6.05 1.36 -51.25
N LEU C 160 6.73 0.24 -51.01
CA LEU C 160 6.03 -0.99 -50.68
C LEU C 160 5.33 -0.85 -49.35
N TYR C 161 5.92 -0.11 -48.40
CA TYR C 161 5.26 0.06 -47.11
C TYR C 161 4.02 0.95 -47.21
N GLU C 162 4.10 2.06 -47.95
CA GLU C 162 2.92 2.89 -48.17
C GLU C 162 1.79 2.13 -48.86
N GLU C 163 2.13 1.32 -49.86
CA GLU C 163 1.14 0.50 -50.54
C GLU C 163 0.52 -0.47 -49.57
N TYR C 164 1.36 -1.11 -48.78
CA TYR C 164 0.91 -2.17 -47.89
C TYR C 164 -0.04 -1.63 -46.83
N VAL C 165 0.20 -0.40 -46.32
CA VAL C 165 -0.69 0.13 -45.30
C VAL C 165 -2.03 0.50 -45.90
N GLU C 166 -2.04 1.07 -47.10
CA GLU C 166 -3.33 1.36 -47.72
C GLU C 166 -4.11 0.08 -47.98
N LEU C 167 -3.42 -0.99 -48.40
CA LEU C 167 -4.12 -2.25 -48.66
C LEU C 167 -4.54 -2.93 -47.37
N LYS C 168 -3.63 -3.00 -46.41
CA LYS C 168 -4.00 -3.66 -45.17
C LYS C 168 -5.10 -2.89 -44.47
N ASN C 169 -5.29 -1.61 -44.80
CA ASN C 169 -6.28 -0.83 -44.07
C ASN C 169 -7.66 -1.00 -44.68
N GLU C 170 -7.77 -1.17 -46.01
CA GLU C 170 -9.05 -1.53 -46.61
C GLU C 170 -9.60 -2.80 -45.98
N ALA C 171 -8.81 -3.88 -46.04
CA ALA C 171 -9.16 -5.11 -45.35
C ALA C 171 -9.76 -4.83 -43.97
N ALA C 172 -9.02 -4.09 -43.14
CA ALA C 172 -9.49 -3.68 -41.82
C ALA C 172 -10.91 -3.20 -41.86
N ARG C 173 -11.17 -2.13 -42.65
CA ARG C 173 -12.50 -1.51 -42.65
C ARG C 173 -13.56 -2.48 -43.14
N LEU C 174 -13.26 -3.21 -44.22
CA LEU C 174 -14.20 -4.20 -44.74
C LEU C 174 -14.55 -5.28 -43.71
N ASN C 175 -13.67 -5.53 -42.73
CA ASN C 175 -13.94 -6.48 -41.66
C ASN C 175 -14.46 -5.80 -40.40
N ASN C 176 -14.92 -4.56 -40.52
CA ASN C 176 -15.45 -3.82 -39.39
C ASN C 176 -14.38 -3.51 -38.37
N TYR C 177 -13.32 -2.86 -38.80
CA TYR C 177 -12.24 -2.38 -37.95
C TYR C 177 -11.86 -1.02 -38.49
N SER C 178 -11.36 -0.15 -37.61
CA SER C 178 -11.27 1.24 -38.05
C SER C 178 -9.96 1.53 -38.79
N ASP C 179 -8.87 0.92 -38.37
CA ASP C 179 -7.70 0.81 -39.22
C ASP C 179 -7.15 -0.60 -39.04
N TYR C 180 -5.97 -0.85 -39.60
CA TYR C 180 -5.33 -2.17 -39.39
C TYR C 180 -4.81 -2.29 -37.97
N GLY C 181 -4.38 -1.18 -37.35
CA GLY C 181 -4.00 -1.26 -35.95
C GLY C 181 -5.09 -1.83 -35.07
N ASP C 182 -6.34 -1.45 -35.36
CA ASP C 182 -7.46 -2.03 -34.65
C ASP C 182 -7.59 -3.53 -34.87
N TYR C 183 -7.68 -3.95 -36.13
CA TYR C 183 -7.70 -5.37 -36.45
C TYR C 183 -6.72 -6.11 -35.54
N TRP C 184 -5.49 -5.59 -35.45
CA TRP C 184 -4.48 -6.26 -34.66
C TRP C 184 -4.88 -6.27 -33.20
N ARG C 185 -5.28 -5.10 -32.67
CA ARG C 185 -5.54 -4.93 -31.24
C ARG C 185 -6.65 -5.87 -30.80
N ALA C 186 -7.32 -6.49 -31.77
CA ALA C 186 -8.36 -7.45 -31.47
C ALA C 186 -7.91 -8.54 -30.50
N ASN C 187 -6.67 -9.07 -30.63
CA ASN C 187 -6.32 -10.26 -29.85
C ASN C 187 -6.65 -10.12 -28.39
N TYR C 188 -6.51 -8.91 -27.84
CA TYR C 188 -6.75 -8.69 -26.43
C TYR C 188 -8.22 -8.45 -26.12
N GLU C 189 -9.05 -8.29 -27.14
CA GLU C 189 -10.48 -8.10 -26.92
C GLU C 189 -11.09 -9.40 -26.45
N THR C 190 -11.49 -9.39 -25.18
CA THR C 190 -12.28 -10.49 -24.62
C THR C 190 -13.54 -9.75 -24.20
N ASP C 191 -14.71 -10.23 -24.57
CA ASP C 191 -15.96 -9.57 -24.12
C ASP C 191 -17.13 -10.54 -24.10
N TYR C 192 -16.86 -11.85 -24.05
CA TYR C 192 -17.99 -12.81 -23.93
C TYR C 192 -18.44 -12.88 -22.46
N PRO C 193 -17.64 -13.38 -21.50
CA PRO C 193 -18.05 -13.34 -20.10
C PRO C 193 -18.10 -11.88 -19.67
N GLU C 194 -19.27 -11.41 -19.26
CA GLU C 194 -19.44 -10.01 -18.89
C GLU C 194 -18.71 -9.60 -17.62
N GLU C 195 -18.29 -10.52 -16.76
CA GLU C 195 -17.46 -10.07 -15.66
C GLU C 195 -16.02 -9.81 -16.10
N TYR C 196 -15.65 -10.24 -17.33
CA TYR C 196 -14.27 -10.42 -17.78
C TYR C 196 -14.15 -9.90 -19.21
N LYS C 197 -14.30 -8.59 -19.40
CA LYS C 197 -14.31 -8.03 -20.72
C LYS C 197 -13.06 -7.21 -20.96
N TYR C 198 -12.82 -6.85 -22.22
CA TYR C 198 -11.72 -5.96 -22.56
C TYR C 198 -11.84 -5.45 -23.99
N SER C 199 -11.51 -4.18 -24.19
CA SER C 199 -11.70 -3.51 -25.46
C SER C 199 -10.36 -3.02 -25.99
N ARG C 200 -10.35 -2.84 -27.31
CA ARG C 200 -9.12 -2.57 -28.06
C ARG C 200 -8.58 -1.18 -27.75
N ASP C 201 -9.45 -0.30 -27.23
CA ASP C 201 -8.99 0.96 -26.67
C ASP C 201 -8.27 0.74 -25.36
N GLN C 202 -8.77 -0.20 -24.55
CA GLN C 202 -8.21 -0.40 -23.22
C GLN C 202 -6.78 -0.86 -23.29
N LEU C 203 -6.47 -1.68 -24.29
CA LEU C 203 -5.09 -2.03 -24.55
C LEU C 203 -4.25 -0.75 -24.58
N VAL C 204 -4.53 0.15 -25.53
CA VAL C 204 -3.75 1.37 -25.70
C VAL C 204 -3.57 2.11 -24.38
N GLN C 205 -4.63 2.33 -23.65
CA GLN C 205 -4.49 3.02 -22.37
C GLN C 205 -3.54 2.25 -21.46
N ASP C 206 -3.75 0.93 -21.32
CA ASP C 206 -3.05 0.19 -20.29
C ASP C 206 -1.59 -0.06 -20.64
N VAL C 207 -1.28 -0.24 -21.93
CA VAL C 207 0.11 -0.23 -22.38
C VAL C 207 0.79 1.08 -21.96
N GLU C 208 0.08 2.21 -22.13
CA GLU C 208 0.61 3.50 -21.72
C GLU C 208 0.64 3.64 -20.20
N LYS C 209 -0.37 3.10 -19.50
CA LYS C 209 -0.40 3.19 -18.04
C LYS C 209 0.76 2.42 -17.40
N THR C 210 1.03 1.20 -17.88
CA THR C 210 2.16 0.42 -17.39
C THR C 210 3.51 1.00 -17.86
N PHE C 211 3.60 1.49 -19.10
CA PHE C 211 4.87 2.03 -19.52
C PHE C 211 5.34 3.15 -18.61
N GLU C 212 4.40 3.96 -18.11
CA GLU C 212 4.73 5.00 -17.14
C GLU C 212 5.21 4.39 -15.84
N GLN C 213 4.64 3.24 -15.45
CA GLN C 213 5.11 2.56 -14.25
C GLN C 213 6.58 2.17 -14.35
N ILE C 214 7.08 1.98 -15.59
CA ILE C 214 8.41 1.45 -15.85
C ILE C 214 9.41 2.55 -16.19
N LYS C 215 8.93 3.67 -16.75
CA LYS C 215 9.79 4.79 -17.13
C LYS C 215 10.86 5.11 -16.09
N PRO C 216 10.57 5.20 -14.78
CA PRO C 216 11.65 5.60 -13.86
C PRO C 216 12.76 4.59 -13.87
N LEU C 217 12.38 3.31 -13.97
CA LEU C 217 13.31 2.20 -14.03
C LEU C 217 14.15 2.22 -15.31
N TYR C 218 13.47 2.22 -16.46
CA TYR C 218 14.20 2.33 -17.72
C TYR C 218 15.04 3.60 -17.79
N GLN C 219 14.63 4.65 -17.07
CA GLN C 219 15.41 5.86 -17.11
C GLN C 219 16.77 5.67 -16.46
N HIS C 220 16.80 4.98 -15.31
CA HIS C 220 18.06 4.82 -14.61
C HIS C 220 18.95 3.81 -15.33
N LEU C 221 18.34 2.82 -15.98
CA LEU C 221 19.07 1.92 -16.85
C LEU C 221 19.59 2.62 -18.10
N HIS C 222 18.77 3.48 -18.71
CA HIS C 222 19.25 4.37 -19.76
C HIS C 222 20.39 5.25 -19.28
N ALA C 223 20.25 5.85 -18.09
CA ALA C 223 21.21 6.84 -17.60
C ALA C 223 22.54 6.23 -17.17
N TYR C 224 22.53 4.92 -16.87
CA TYR C 224 23.73 4.17 -16.53
C TYR C 224 24.50 3.72 -17.78
N VAL C 225 23.78 3.17 -18.77
CA VAL C 225 24.42 2.79 -20.03
C VAL C 225 25.14 4.00 -20.66
N ARG C 226 24.45 5.15 -20.71
CA ARG C 226 25.00 6.36 -21.33
C ARG C 226 26.32 6.77 -20.70
N HIS C 227 26.40 6.69 -19.37
CA HIS C 227 27.65 7.02 -18.71
C HIS C 227 28.72 6.03 -19.11
N ARG C 228 28.36 4.74 -19.16
CA ARG C 228 29.28 3.71 -19.67
C ARG C 228 29.70 4.01 -21.10
N LEU C 229 28.73 4.29 -21.97
CA LEU C 229 29.11 4.45 -23.37
C LEU C 229 29.88 5.73 -23.61
N GLU C 230 29.82 6.70 -22.70
CA GLU C 230 30.82 7.77 -22.72
C GLU C 230 32.19 7.22 -22.46
N GLN C 231 32.31 6.46 -21.37
CA GLN C 231 33.58 5.93 -20.94
C GLN C 231 34.38 5.36 -22.11
N VAL C 232 33.68 4.65 -23.03
CA VAL C 232 34.27 4.12 -24.27
C VAL C 232 34.40 5.17 -25.36
N TYR C 233 33.27 5.65 -25.89
CA TYR C 233 33.30 6.55 -27.03
C TYR C 233 33.72 7.98 -26.70
N GLY C 234 33.83 8.35 -25.43
CA GLY C 234 34.28 9.68 -25.07
C GLY C 234 33.14 10.67 -24.93
N SER C 235 33.50 11.94 -24.74
CA SER C 235 32.50 12.93 -24.37
C SER C 235 31.87 13.62 -25.57
N GLU C 236 32.56 13.66 -26.71
CA GLU C 236 32.06 14.43 -27.84
C GLU C 236 31.00 13.67 -28.63
N LEU C 237 31.01 12.33 -28.57
CA LEU C 237 30.07 11.53 -29.35
C LEU C 237 28.88 11.03 -28.54
N ILE C 238 28.99 10.95 -27.22
CA ILE C 238 27.90 10.51 -26.35
C ILE C 238 27.60 11.64 -25.35
N ASN C 239 26.55 12.41 -25.63
CA ASN C 239 26.16 13.54 -24.79
C ASN C 239 25.68 13.04 -23.43
N PRO C 240 26.31 13.45 -22.33
CA PRO C 240 25.86 13.01 -21.00
C PRO C 240 24.40 13.29 -20.72
N THR C 241 23.89 14.42 -21.20
CA THR C 241 22.50 14.81 -21.00
C THR C 241 21.69 14.74 -22.28
N GLY C 242 21.59 13.57 -22.90
CA GLY C 242 21.01 13.50 -24.24
C GLY C 242 20.83 12.06 -24.66
N CYS C 243 20.12 11.89 -25.77
CA CYS C 243 19.79 10.53 -26.20
C CYS C 243 21.03 9.82 -26.69
N LEU C 244 21.13 8.54 -26.37
CA LEU C 244 22.13 7.68 -27.00
C LEU C 244 21.98 7.70 -28.52
N PRO C 245 23.07 7.70 -29.26
CA PRO C 245 22.97 7.47 -30.70
C PRO C 245 22.50 6.05 -30.95
N ALA C 246 21.87 5.85 -32.12
CA ALA C 246 21.06 4.65 -32.36
C ALA C 246 21.86 3.42 -32.79
N HIS C 247 23.08 3.60 -33.31
CA HIS C 247 23.91 2.51 -33.82
C HIS C 247 24.86 1.97 -32.77
N LEU C 248 24.63 2.32 -31.50
CA LEU C 248 25.51 1.98 -30.41
C LEU C 248 24.80 1.15 -29.33
N LEU C 249 23.77 0.38 -29.69
CA LEU C 249 22.87 -0.16 -28.67
C LEU C 249 22.79 -1.68 -28.66
N GLY C 250 23.64 -2.37 -29.43
CA GLY C 250 23.67 -3.81 -29.25
C GLY C 250 23.29 -4.64 -30.46
N ASP C 251 22.26 -4.23 -31.20
CA ASP C 251 21.96 -4.90 -32.45
C ASP C 251 21.49 -3.81 -33.41
N MET C 252 20.99 -4.20 -34.58
CA MET C 252 20.82 -3.21 -35.65
C MET C 252 19.78 -2.16 -35.32
N TRP C 253 18.91 -2.42 -34.35
CA TRP C 253 17.86 -1.46 -33.97
C TRP C 253 17.97 -0.97 -32.54
N GLY C 254 18.68 -1.70 -31.67
CA GLY C 254 18.47 -1.57 -30.25
C GLY C 254 17.20 -2.25 -29.79
N ARG C 255 16.72 -3.28 -30.49
CA ARG C 255 15.63 -4.06 -29.95
C ARG C 255 16.00 -4.63 -28.61
N PHE C 256 17.26 -5.03 -28.45
CA PHE C 256 17.78 -5.51 -27.18
C PHE C 256 19.15 -4.89 -26.94
N TRP C 257 19.41 -4.49 -25.70
CA TRP C 257 20.66 -3.87 -25.33
C TRP C 257 21.66 -4.90 -24.85
N THR C 258 21.36 -6.19 -25.07
CA THR C 258 22.03 -7.23 -24.29
C THR C 258 23.52 -7.17 -24.51
N ASN C 259 23.93 -7.03 -25.77
CA ASN C 259 25.35 -7.10 -26.14
C ASN C 259 26.17 -5.90 -25.67
N LEU C 260 25.60 -4.97 -24.89
CA LEU C 260 26.36 -3.92 -24.23
C LEU C 260 26.85 -4.33 -22.85
N TYR C 261 26.45 -5.51 -22.37
CA TYR C 261 26.84 -5.93 -21.02
C TYR C 261 28.33 -5.86 -20.82
N ASN C 262 29.09 -6.28 -21.83
CA ASN C 262 30.54 -6.16 -21.76
C ASN C 262 30.94 -4.72 -21.49
N LEU C 263 30.19 -3.77 -22.04
CA LEU C 263 30.51 -2.38 -21.81
C LEU C 263 29.94 -1.79 -20.50
N THR C 264 28.85 -2.36 -19.93
CA THR C 264 28.21 -1.77 -18.74
C THR C 264 28.18 -2.73 -17.55
N VAL C 265 29.13 -3.65 -17.47
CA VAL C 265 29.18 -4.65 -16.41
C VAL C 265 29.36 -3.99 -15.04
N PRO C 266 28.39 -4.09 -14.12
CA PRO C 266 28.52 -3.35 -12.84
C PRO C 266 29.78 -3.65 -12.04
N TYR C 267 30.15 -4.93 -11.87
CA TYR C 267 31.34 -5.31 -11.11
C TYR C 267 32.18 -6.28 -11.92
N PRO C 268 33.10 -5.75 -12.72
CA PRO C 268 33.73 -6.56 -13.78
C PRO C 268 34.87 -7.44 -13.31
N GLU C 269 35.16 -7.51 -12.01
CA GLU C 269 36.20 -8.38 -11.48
C GLU C 269 35.63 -9.58 -10.75
N LYS C 270 34.33 -9.89 -10.96
CA LYS C 270 33.68 -11.05 -10.39
C LYS C 270 33.64 -12.17 -11.41
N PRO C 271 33.48 -13.43 -10.98
CA PRO C 271 33.40 -14.53 -11.96
C PRO C 271 32.09 -14.52 -12.74
N ASN C 272 32.21 -14.57 -14.06
CA ASN C 272 31.07 -14.44 -14.97
C ASN C 272 30.15 -15.64 -14.86
N ILE C 273 28.88 -15.43 -15.23
CA ILE C 273 27.87 -16.49 -15.13
C ILE C 273 27.46 -16.97 -16.51
N ASP C 274 28.36 -16.87 -17.48
CA ASP C 274 28.14 -17.55 -18.76
C ASP C 274 28.49 -19.02 -18.58
N VAL C 275 27.49 -19.89 -18.65
CA VAL C 275 27.71 -21.33 -18.45
C VAL C 275 28.20 -22.04 -19.70
N THR C 276 28.38 -21.30 -20.81
CA THR C 276 28.87 -21.85 -22.07
C THR C 276 30.15 -22.68 -21.91
N SER C 277 31.07 -22.20 -21.07
CA SER C 277 32.31 -22.91 -20.81
C SER C 277 32.05 -24.23 -20.11
N ALA C 278 31.36 -24.17 -18.96
CA ALA C 278 31.09 -25.38 -18.17
C ALA C 278 30.48 -26.49 -19.02
N MET C 279 29.54 -26.15 -19.90
CA MET C 279 28.97 -27.15 -20.80
C MET C 279 30.05 -27.67 -21.75
N ALA C 280 30.92 -26.77 -22.23
CA ALA C 280 32.01 -27.17 -23.11
C ALA C 280 32.86 -28.24 -22.47
N GLN C 281 33.29 -28.01 -21.21
CA GLN C 281 34.05 -28.99 -20.44
C GLN C 281 33.27 -30.30 -20.29
N LYS C 282 32.06 -30.22 -19.73
CA LYS C 282 31.22 -31.39 -19.49
C LYS C 282 30.81 -32.12 -20.77
N ASN C 283 31.06 -31.53 -21.95
CA ASN C 283 30.77 -32.13 -23.26
C ASN C 283 29.27 -32.36 -23.45
N TRP C 284 28.58 -31.23 -23.54
CA TRP C 284 27.14 -31.20 -23.76
C TRP C 284 26.87 -31.08 -25.27
N ASP C 285 25.91 -31.84 -25.77
CA ASP C 285 25.23 -31.48 -27.00
C ASP C 285 23.83 -30.90 -26.69
N ALA C 286 23.09 -30.58 -27.76
CA ALA C 286 21.76 -30.01 -27.63
C ALA C 286 20.77 -31.00 -27.05
N MET C 287 20.98 -32.29 -27.32
CA MET C 287 20.09 -33.27 -26.72
C MET C 287 20.19 -33.23 -25.20
N LYS C 288 21.36 -32.93 -24.64
CA LYS C 288 21.44 -32.76 -23.19
C LYS C 288 20.68 -31.51 -22.76
N ILE C 289 20.85 -30.41 -23.49
CA ILE C 289 20.07 -29.20 -23.24
C ILE C 289 18.60 -29.53 -23.29
N PHE C 290 18.15 -30.12 -24.40
CA PHE C 290 16.72 -30.35 -24.52
C PHE C 290 16.20 -31.35 -23.49
N LYS C 291 17.00 -32.32 -23.06
CA LYS C 291 16.58 -33.24 -22.02
C LYS C 291 16.61 -32.61 -20.63
N THR C 292 17.53 -31.67 -20.38
CA THR C 292 17.46 -30.99 -19.09
C THR C 292 16.25 -30.06 -19.07
N ALA C 293 15.97 -29.39 -20.19
CA ALA C 293 14.76 -28.57 -20.26
C ALA C 293 13.52 -29.41 -20.01
N GLU C 294 13.36 -30.48 -20.81
CA GLU C 294 12.30 -31.46 -20.61
C GLU C 294 12.13 -31.81 -19.13
N ALA C 295 13.22 -32.28 -18.52
CA ALA C 295 13.20 -32.66 -17.11
C ALA C 295 12.77 -31.52 -16.20
N PHE C 296 13.15 -30.28 -16.53
CA PHE C 296 12.63 -29.13 -15.80
C PHE C 296 11.13 -29.10 -15.83
N PHE C 297 10.53 -29.15 -17.02
CA PHE C 297 9.09 -29.25 -17.13
C PHE C 297 8.59 -30.48 -16.39
N ALA C 298 9.18 -31.64 -16.68
CA ALA C 298 8.90 -32.84 -15.89
C ALA C 298 8.91 -32.55 -14.40
N SER C 299 9.91 -31.81 -13.94
CA SER C 299 10.05 -31.57 -12.52
C SER C 299 8.89 -30.75 -11.96
N ILE C 300 8.33 -29.83 -12.76
CA ILE C 300 7.22 -29.04 -12.22
C ILE C 300 5.91 -29.80 -12.26
N GLY C 301 5.81 -30.85 -13.10
CA GLY C 301 4.58 -31.57 -13.33
C GLY C 301 4.16 -31.62 -14.77
N LEU C 302 4.83 -30.87 -15.65
CA LEU C 302 4.44 -30.73 -17.04
C LEU C 302 5.06 -31.87 -17.86
N TYR C 303 4.56 -32.05 -19.06
CA TYR C 303 4.88 -33.30 -19.78
C TYR C 303 6.28 -33.41 -20.35
N ASN C 304 6.66 -34.66 -20.61
CA ASN C 304 7.95 -34.89 -21.28
C ASN C 304 7.60 -34.77 -22.75
N MET C 305 8.53 -35.10 -23.64
CA MET C 305 8.28 -34.84 -25.07
C MET C 305 7.81 -36.08 -25.82
N THR C 306 6.93 -35.89 -26.78
CA THR C 306 6.31 -36.97 -27.56
C THR C 306 7.36 -37.62 -28.47
N GLU C 307 7.12 -38.88 -28.87
CA GLU C 307 8.03 -39.45 -29.87
C GLU C 307 8.09 -38.54 -31.08
N GLY C 308 6.92 -38.18 -31.60
CA GLY C 308 6.87 -37.29 -32.74
C GLY C 308 7.74 -36.06 -32.57
N PHE C 309 7.92 -35.61 -31.33
CA PHE C 309 8.76 -34.43 -31.11
C PHE C 309 10.21 -34.77 -31.40
N TRP C 310 10.74 -35.81 -30.75
CA TRP C 310 12.16 -36.10 -30.83
C TRP C 310 12.58 -36.51 -32.24
N THR C 311 11.79 -37.34 -32.91
CA THR C 311 12.23 -37.84 -34.20
C THR C 311 11.98 -36.87 -35.32
N ASN C 312 11.02 -35.96 -35.14
CA ASN C 312 10.69 -34.98 -36.19
C ASN C 312 11.48 -33.68 -36.03
N SER C 313 11.63 -33.19 -34.78
CA SER C 313 12.20 -31.85 -34.56
C SER C 313 13.65 -31.80 -34.99
N MET C 314 13.95 -30.74 -35.75
CA MET C 314 15.30 -30.30 -36.06
C MET C 314 15.75 -29.38 -34.93
N LEU C 315 16.56 -29.94 -34.04
CA LEU C 315 17.22 -29.18 -33.00
C LEU C 315 18.66 -28.80 -33.36
N THR C 316 19.27 -29.41 -34.40
CA THR C 316 20.65 -29.16 -34.80
C THR C 316 20.69 -28.69 -36.23
N GLU C 317 21.56 -27.73 -36.54
CA GLU C 317 21.71 -27.34 -37.94
C GLU C 317 22.15 -28.52 -38.78
N PRO C 318 21.45 -28.84 -39.87
CA PRO C 318 21.80 -30.01 -40.68
C PRO C 318 23.22 -29.93 -41.17
N THR C 319 24.03 -30.92 -40.79
CA THR C 319 25.41 -31.05 -41.29
C THR C 319 25.31 -31.70 -42.67
N ASP C 320 25.97 -31.14 -43.68
CA ASP C 320 25.84 -31.68 -45.06
C ASP C 320 24.39 -31.92 -45.42
N ASN C 321 23.51 -30.96 -45.19
CA ASN C 321 22.14 -31.21 -45.68
C ASN C 321 21.41 -29.91 -45.97
N ARG C 322 21.59 -29.35 -47.15
CA ARG C 322 20.76 -28.18 -47.62
C ARG C 322 20.81 -26.87 -46.82
N LYS C 323 19.77 -26.03 -47.00
CA LYS C 323 19.66 -24.70 -46.32
C LYS C 323 18.60 -24.76 -45.21
N VAL C 324 18.65 -23.83 -44.26
CA VAL C 324 17.66 -23.94 -43.17
C VAL C 324 17.34 -22.58 -42.56
N VAL C 325 16.08 -22.45 -42.14
CA VAL C 325 15.66 -21.36 -41.27
C VAL C 325 16.12 -21.67 -39.85
N CYS C 326 17.11 -20.92 -39.35
CA CYS C 326 17.66 -21.24 -38.02
C CYS C 326 16.80 -20.73 -36.87
N HIS C 327 16.25 -19.51 -36.96
CA HIS C 327 15.52 -18.83 -35.88
C HIS C 327 14.65 -19.82 -35.09
N PRO C 328 14.86 -19.91 -33.76
CA PRO C 328 14.11 -20.88 -32.96
C PRO C 328 12.63 -20.58 -33.07
N THR C 329 11.87 -21.61 -33.46
CA THR C 329 10.41 -21.58 -33.45
C THR C 329 9.94 -22.94 -32.94
N ALA C 330 8.67 -23.04 -32.58
CA ALA C 330 8.11 -24.25 -31.97
C ALA C 330 6.78 -24.56 -32.64
N TRP C 331 6.74 -25.66 -33.37
CA TRP C 331 5.64 -25.93 -34.29
C TRP C 331 4.59 -26.81 -33.66
N ASP C 332 3.38 -26.27 -33.57
CA ASP C 332 2.15 -27.00 -33.31
C ASP C 332 1.58 -27.41 -34.66
N MET C 333 2.19 -28.46 -35.21
CA MET C 333 1.95 -28.82 -36.61
C MET C 333 0.48 -29.11 -36.89
N GLY C 334 -0.20 -29.74 -35.94
CA GLY C 334 -1.50 -30.35 -36.12
C GLY C 334 -1.46 -31.83 -35.80
N LYS C 335 -2.64 -32.40 -35.67
CA LYS C 335 -2.79 -33.86 -35.56
C LYS C 335 -1.86 -34.45 -34.49
N ASN C 336 -1.65 -33.70 -33.40
CA ASN C 336 -0.81 -34.13 -32.28
C ASN C 336 0.67 -34.26 -32.68
N ASP C 337 1.12 -33.34 -33.54
CA ASP C 337 2.50 -33.23 -34.00
C ASP C 337 3.06 -31.98 -33.34
N TYR C 338 4.00 -32.17 -32.42
CA TYR C 338 4.76 -31.06 -31.84
C TYR C 338 6.23 -31.17 -32.26
N ARG C 339 6.82 -30.05 -32.64
CA ARG C 339 8.23 -30.01 -33.00
C ARG C 339 8.81 -28.66 -32.61
N ILE C 340 10.15 -28.57 -32.72
CA ILE C 340 10.91 -27.34 -32.56
C ILE C 340 11.88 -27.28 -33.72
N LYS C 341 11.97 -26.10 -34.36
CA LYS C 341 12.99 -25.74 -35.33
C LYS C 341 14.09 -24.89 -34.72
N MET C 342 15.34 -25.36 -34.82
CA MET C 342 16.37 -24.56 -34.18
C MET C 342 17.76 -25.05 -34.58
N CYS C 343 18.74 -24.15 -34.56
CA CYS C 343 20.08 -24.52 -34.96
C CYS C 343 21.01 -24.53 -33.76
N THR C 344 20.60 -25.18 -32.68
CA THR C 344 21.21 -24.93 -31.39
C THR C 344 22.74 -25.14 -31.39
N LYS C 345 23.42 -24.45 -30.47
CA LYS C 345 24.85 -24.57 -30.23
C LYS C 345 25.06 -25.02 -28.77
N VAL C 346 26.27 -24.98 -28.22
CA VAL C 346 26.43 -25.42 -26.83
C VAL C 346 26.35 -24.24 -25.88
N THR C 347 25.72 -23.16 -26.32
CA THR C 347 25.81 -21.89 -25.60
C THR C 347 24.58 -21.63 -24.74
N MET C 348 24.82 -20.93 -23.61
CA MET C 348 23.76 -20.71 -22.62
C MET C 348 22.52 -20.05 -23.21
N ASP C 349 22.70 -19.02 -24.03
CA ASP C 349 21.57 -18.39 -24.71
C ASP C 349 20.63 -19.41 -25.35
N ASP C 350 21.18 -20.35 -26.13
CA ASP C 350 20.33 -21.43 -26.65
C ASP C 350 19.78 -22.30 -25.53
N PHE C 351 20.56 -22.56 -24.49
CA PHE C 351 20.06 -23.34 -23.36
C PHE C 351 18.78 -22.72 -22.82
N LEU C 352 18.77 -21.40 -22.63
CA LEU C 352 17.56 -20.75 -22.15
C LEU C 352 16.48 -20.78 -23.23
N THR C 353 16.86 -20.45 -24.47
CA THR C 353 15.98 -20.58 -25.61
C THR C 353 15.34 -21.96 -25.66
N ALA C 354 16.07 -22.99 -25.24
CA ALA C 354 15.49 -24.33 -25.29
C ALA C 354 14.39 -24.49 -24.25
N HIS C 355 14.47 -23.70 -23.16
CA HIS C 355 13.39 -23.75 -22.18
C HIS C 355 12.18 -22.94 -22.67
N HIS C 356 12.44 -21.80 -23.32
CA HIS C 356 11.40 -20.90 -23.79
C HIS C 356 10.77 -21.37 -25.08
N GLU C 357 11.42 -22.24 -25.83
CA GLU C 357 10.77 -22.79 -27.00
C GLU C 357 10.22 -24.18 -26.77
N MET C 358 10.69 -24.90 -25.76
CA MET C 358 9.92 -26.05 -25.26
C MET C 358 8.69 -25.61 -24.48
N GLY C 359 8.61 -24.34 -24.10
CA GLY C 359 7.45 -23.84 -23.39
C GLY C 359 6.25 -23.66 -24.29
N HIS C 360 6.44 -23.07 -25.47
CA HIS C 360 5.37 -23.11 -26.46
C HIS C 360 4.92 -24.54 -26.72
N ILE C 361 5.84 -25.50 -26.70
CA ILE C 361 5.42 -26.87 -26.94
C ILE C 361 4.61 -27.37 -25.76
N GLU C 362 4.99 -26.98 -24.55
CA GLU C 362 4.19 -27.41 -23.41
C GLU C 362 2.79 -26.81 -23.51
N TYR C 363 2.72 -25.50 -23.75
CA TYR C 363 1.44 -24.86 -24.00
C TYR C 363 0.64 -25.62 -25.07
N ASP C 364 1.24 -25.88 -26.22
CA ASP C 364 0.55 -26.63 -27.27
C ASP C 364 -0.02 -27.96 -26.76
N MET C 365 0.86 -28.85 -26.30
CA MET C 365 0.46 -30.21 -25.85
C MET C 365 -0.66 -30.11 -24.82
N ALA C 366 -0.70 -29.01 -24.09
CA ALA C 366 -1.70 -28.85 -23.03
C ALA C 366 -3.05 -28.57 -23.67
N TYR C 367 -3.18 -27.42 -24.33
CA TYR C 367 -4.49 -27.06 -24.91
C TYR C 367 -4.86 -28.03 -26.03
N SER C 368 -3.99 -28.99 -26.35
CA SER C 368 -4.43 -30.01 -27.31
C SER C 368 -5.88 -30.42 -27.10
N VAL C 369 -6.27 -30.60 -25.84
CA VAL C 369 -7.61 -31.04 -25.49
C VAL C 369 -8.69 -30.01 -25.81
N GLN C 370 -8.30 -28.83 -26.25
CA GLN C 370 -9.29 -27.86 -26.68
C GLN C 370 -9.73 -28.14 -28.10
N PRO C 371 -10.86 -27.51 -28.52
CA PRO C 371 -11.26 -27.56 -29.90
C PRO C 371 -10.22 -26.88 -30.80
N PHE C 372 -10.16 -27.25 -32.08
CA PHE C 372 -9.14 -26.71 -33.01
C PHE C 372 -9.13 -25.20 -32.95
N LEU C 373 -10.27 -24.58 -33.22
CA LEU C 373 -10.33 -23.10 -33.32
C LEU C 373 -10.12 -22.47 -31.96
N LEU C 374 -9.81 -23.27 -30.96
CA LEU C 374 -9.54 -22.66 -29.64
C LEU C 374 -8.19 -23.13 -29.08
N ARG C 375 -7.24 -23.42 -29.97
CA ARG C 375 -5.99 -24.02 -29.56
C ARG C 375 -4.86 -23.00 -29.58
N ASN C 376 -5.04 -21.86 -28.91
CA ASN C 376 -4.04 -20.83 -28.91
C ASN C 376 -3.96 -20.22 -27.52
N GLY C 377 -2.81 -19.61 -27.22
CA GLY C 377 -2.70 -18.77 -26.04
C GLY C 377 -3.82 -17.75 -26.00
N ALA C 378 -4.23 -17.36 -24.80
CA ALA C 378 -5.39 -16.48 -24.67
C ALA C 378 -5.17 -15.09 -25.27
N ASN C 379 -3.93 -14.73 -25.59
CA ASN C 379 -3.63 -13.60 -26.46
C ASN C 379 -2.16 -13.69 -26.83
N GLU C 380 -1.71 -12.76 -27.68
CA GLU C 380 -0.36 -12.82 -28.26
C GLU C 380 0.67 -13.10 -27.18
N GLY C 381 0.73 -12.17 -26.22
CA GLY C 381 1.78 -12.21 -25.21
C GLY C 381 1.76 -13.44 -24.33
N PHE C 382 0.58 -13.97 -24.02
CA PHE C 382 0.51 -15.14 -23.15
C PHE C 382 1.51 -16.20 -23.58
N HIS C 383 1.63 -16.42 -24.89
CA HIS C 383 2.36 -17.58 -25.36
C HIS C 383 3.85 -17.35 -25.14
N GLU C 384 4.38 -16.25 -25.71
CA GLU C 384 5.74 -15.84 -25.37
C GLU C 384 5.92 -15.71 -23.86
N ALA C 385 4.90 -15.25 -23.13
CA ALA C 385 5.05 -15.06 -21.69
C ALA C 385 5.28 -16.38 -20.97
N VAL C 386 4.59 -17.45 -21.39
CA VAL C 386 4.82 -18.74 -20.72
C VAL C 386 6.28 -19.15 -20.87
N GLY C 387 6.80 -19.10 -22.09
CA GLY C 387 8.19 -19.49 -22.30
C GLY C 387 9.17 -18.68 -21.48
N GLU C 388 8.90 -17.38 -21.34
CA GLU C 388 9.84 -16.47 -20.68
C GLU C 388 9.83 -16.63 -19.17
N ILE C 389 8.79 -17.25 -18.60
CA ILE C 389 8.87 -17.62 -17.20
C ILE C 389 9.60 -18.95 -17.03
N MET C 390 9.69 -19.72 -18.12
CA MET C 390 10.54 -20.91 -18.09
C MET C 390 12.01 -20.52 -18.10
N SER C 391 12.37 -19.52 -18.90
CA SER C 391 13.75 -19.04 -18.89
C SER C 391 14.11 -18.32 -17.58
N LEU C 392 13.14 -17.68 -16.92
CA LEU C 392 13.44 -17.03 -15.65
C LEU C 392 13.99 -18.02 -14.64
N SER C 393 13.21 -19.03 -14.30
CA SER C 393 13.67 -20.01 -13.32
C SER C 393 14.90 -20.75 -13.84
N ALA C 394 14.98 -20.94 -15.15
CA ALA C 394 16.15 -21.61 -15.70
C ALA C 394 17.40 -20.78 -15.50
N ALA C 395 17.26 -19.46 -15.51
CA ALA C 395 18.40 -18.57 -15.60
C ALA C 395 18.98 -18.16 -14.25
N THR C 396 18.35 -18.54 -13.14
CA THR C 396 18.85 -18.13 -11.85
C THR C 396 20.16 -18.86 -11.55
N PRO C 397 21.20 -18.15 -11.08
CA PRO C 397 22.46 -18.81 -10.72
C PRO C 397 22.27 -19.99 -9.77
N GLN C 398 21.14 -20.01 -9.04
CA GLN C 398 20.82 -21.15 -8.18
C GLN C 398 20.43 -22.37 -8.98
N HIS C 399 19.49 -22.22 -9.93
CA HIS C 399 19.16 -23.30 -10.85
C HIS C 399 20.35 -23.70 -11.70
N LEU C 400 21.28 -22.77 -11.91
CA LEU C 400 22.47 -23.08 -12.68
C LEU C 400 23.45 -23.93 -11.87
N LYS C 401 23.68 -23.54 -10.62
CA LYS C 401 24.53 -24.33 -9.75
C LYS C 401 24.00 -25.75 -9.59
N SER C 402 22.67 -25.90 -9.46
CA SER C 402 22.07 -27.22 -9.27
C SER C 402 22.44 -28.19 -10.40
N LEU C 403 22.52 -27.71 -11.64
CA LEU C 403 22.87 -28.56 -12.76
C LEU C 403 24.36 -28.76 -12.87
N ASP C 404 25.12 -28.29 -11.89
CA ASP C 404 26.57 -28.28 -11.89
C ASP C 404 27.16 -27.39 -12.98
N LEU C 405 26.32 -26.51 -13.51
CA LEU C 405 26.78 -25.50 -14.45
C LEU C 405 27.57 -24.41 -13.73
N LEU C 406 27.36 -24.27 -12.42
CA LEU C 406 28.08 -23.35 -11.54
C LEU C 406 28.81 -24.15 -10.46
N GLU C 407 29.97 -23.65 -10.05
CA GLU C 407 30.77 -24.34 -9.06
C GLU C 407 29.98 -24.49 -7.77
N PRO C 408 30.12 -25.60 -7.03
CA PRO C 408 29.45 -25.68 -5.71
C PRO C 408 29.87 -24.55 -4.80
N THR C 409 31.10 -24.05 -5.00
CA THR C 409 31.61 -22.87 -4.29
C THR C 409 31.42 -21.62 -5.16
N PHE C 410 30.15 -21.26 -5.38
CA PHE C 410 29.78 -20.04 -6.11
C PHE C 410 29.21 -19.05 -5.10
N GLN C 411 30.06 -18.11 -4.66
CA GLN C 411 29.62 -17.09 -3.73
C GLN C 411 28.55 -16.26 -4.42
N GLU C 412 27.30 -16.48 -4.02
CA GLU C 412 26.18 -15.76 -4.58
C GLU C 412 26.04 -14.41 -3.88
N ASP C 413 27.13 -13.63 -3.87
CA ASP C 413 27.09 -12.32 -3.23
C ASP C 413 26.20 -11.38 -4.02
N GLU C 414 25.83 -10.26 -3.38
CA GLU C 414 24.99 -9.27 -4.03
C GLU C 414 25.69 -8.59 -5.21
N GLU C 415 26.99 -8.82 -5.39
CA GLU C 415 27.63 -8.24 -6.55
C GLU C 415 27.36 -9.03 -7.82
N THR C 416 27.37 -10.37 -7.77
CA THR C 416 26.95 -11.16 -8.94
C THR C 416 25.43 -11.07 -9.16
N GLU C 417 24.65 -10.89 -8.08
CA GLU C 417 23.21 -10.66 -8.19
C GLU C 417 22.89 -9.36 -8.95
N ILE C 418 23.57 -8.27 -8.59
CA ILE C 418 23.42 -7.01 -9.32
C ILE C 418 24.08 -7.10 -10.69
N ASN C 419 25.16 -7.89 -10.83
CA ASN C 419 25.68 -8.21 -12.15
C ASN C 419 24.66 -8.99 -12.98
N PHE C 420 24.08 -10.04 -12.41
CA PHE C 420 23.06 -10.81 -13.12
C PHE C 420 21.81 -9.95 -13.42
N LEU C 421 21.34 -9.19 -12.43
CA LEU C 421 20.14 -8.37 -12.66
C LEU C 421 20.35 -7.34 -13.76
N LEU C 422 21.56 -6.80 -13.90
CA LEU C 422 21.81 -5.80 -14.93
C LEU C 422 21.71 -6.41 -16.33
N LYS C 423 22.21 -7.64 -16.51
CA LYS C 423 22.13 -8.24 -17.84
C LYS C 423 20.68 -8.52 -18.21
N GLN C 424 19.88 -8.92 -17.22
CA GLN C 424 18.45 -9.11 -17.41
C GLN C 424 17.80 -7.83 -17.90
N ALA C 425 18.01 -6.74 -17.15
CA ALA C 425 17.54 -5.42 -17.56
C ALA C 425 17.96 -5.08 -18.99
N LEU C 426 19.25 -5.29 -19.34
CA LEU C 426 19.73 -4.97 -20.69
C LEU C 426 18.95 -5.72 -21.78
N THR C 427 18.39 -6.88 -21.47
CA THR C 427 17.60 -7.59 -22.46
C THR C 427 16.14 -7.21 -22.35
N ILE C 428 15.67 -7.01 -21.11
CA ILE C 428 14.24 -6.92 -20.79
C ILE C 428 13.78 -5.47 -20.68
N VAL C 429 14.35 -4.73 -19.74
CA VAL C 429 13.93 -3.35 -19.62
C VAL C 429 14.34 -2.55 -20.85
N GLY C 430 15.37 -2.96 -21.55
CA GLY C 430 15.80 -2.16 -22.67
C GLY C 430 14.76 -2.13 -23.76
N THR C 431 13.97 -3.19 -23.85
CA THR C 431 13.23 -3.47 -25.07
C THR C 431 11.82 -2.93 -25.04
N MET C 432 11.31 -2.61 -23.83
CA MET C 432 9.93 -2.18 -23.65
C MET C 432 9.66 -0.81 -24.22
N PRO C 433 10.47 0.21 -23.98
CA PRO C 433 10.32 1.43 -24.79
C PRO C 433 10.46 1.11 -26.27
N PHE C 434 11.49 0.33 -26.65
CA PHE C 434 11.66 -0.07 -28.04
C PHE C 434 10.37 -0.53 -28.68
N THR C 435 9.75 -1.52 -28.04
CA THR C 435 8.48 -2.12 -28.55
C THR C 435 7.31 -1.13 -28.49
N TYR C 436 7.10 -0.50 -27.34
CA TYR C 436 5.93 0.40 -27.21
C TYR C 436 6.04 1.44 -28.33
N MET C 437 7.03 2.34 -28.25
CA MET C 437 7.13 3.42 -29.27
C MET C 437 6.92 2.83 -30.65
N LEU C 438 7.51 1.68 -30.96
CA LEU C 438 7.39 1.17 -32.34
C LEU C 438 5.95 0.85 -32.65
N GLU C 439 5.33 0.06 -31.78
CA GLU C 439 3.93 -0.26 -32.01
C GLU C 439 3.08 1.02 -32.00
N LYS C 440 3.38 1.93 -31.08
CA LYS C 440 2.71 3.23 -31.05
C LYS C 440 2.84 4.00 -32.37
N TRP C 441 4.00 3.89 -33.02
CA TRP C 441 4.13 4.55 -34.32
C TRP C 441 3.46 3.76 -35.45
N ARG C 442 3.38 2.44 -35.33
CA ARG C 442 2.57 1.67 -36.27
C ARG C 442 1.10 2.00 -36.12
N TRP C 443 0.58 1.91 -34.89
CA TRP C 443 -0.82 2.19 -34.67
C TRP C 443 -1.20 3.57 -35.19
N MET C 444 -0.35 4.58 -34.92
CA MET C 444 -0.70 5.92 -35.37
C MET C 444 -0.54 6.13 -36.85
N VAL C 445 0.33 5.36 -37.50
CA VAL C 445 0.40 5.44 -38.96
C VAL C 445 -0.88 4.88 -39.59
N PHE C 446 -1.45 3.81 -39.00
CA PHE C 446 -2.67 3.23 -39.55
C PHE C 446 -3.88 4.12 -39.24
N ASN C 447 -3.93 4.65 -38.01
CA ASN C 447 -4.88 5.69 -37.63
C ASN C 447 -5.05 6.70 -38.72
N GLY C 448 -3.93 7.26 -39.16
CA GLY C 448 -3.92 8.49 -39.87
C GLY C 448 -3.42 9.62 -39.02
N GLU C 449 -3.12 9.37 -37.73
CA GLU C 449 -2.58 10.45 -36.92
C GLU C 449 -1.20 10.88 -37.42
N ILE C 450 -0.51 9.97 -38.14
CA ILE C 450 0.83 10.19 -38.70
C ILE C 450 0.68 10.01 -40.20
N THR C 451 0.60 11.12 -40.92
CA THR C 451 0.40 11.09 -42.36
C THR C 451 1.63 10.51 -43.06
N LYS C 452 1.50 10.18 -44.34
CA LYS C 452 2.64 9.69 -45.10
C LYS C 452 3.81 10.68 -45.07
N GLN C 453 3.58 11.95 -45.36
CA GLN C 453 4.67 12.94 -45.34
C GLN C 453 5.35 13.07 -43.99
N GLU C 454 4.85 12.45 -42.92
CA GLU C 454 5.52 12.60 -41.65
C GLU C 454 5.99 11.28 -41.08
N TRP C 455 5.97 10.23 -41.87
CA TRP C 455 6.33 8.89 -41.40
C TRP C 455 7.64 8.91 -40.61
N THR C 456 8.73 9.25 -41.29
CA THR C 456 10.06 9.34 -40.68
C THR C 456 10.20 10.53 -39.74
N LYS C 457 9.67 11.68 -40.14
CA LYS C 457 9.67 12.87 -39.29
C LYS C 457 9.11 12.55 -37.91
N ARG C 458 7.97 11.84 -37.86
CA ARG C 458 7.40 11.46 -36.58
C ARG C 458 8.17 10.33 -35.90
N TRP C 459 8.56 9.30 -36.66
CA TRP C 459 9.31 8.17 -36.13
C TRP C 459 10.48 8.60 -35.21
N TRP C 460 11.27 9.58 -35.67
CA TRP C 460 12.44 9.95 -34.87
C TRP C 460 12.06 10.90 -33.75
N LYS C 461 10.98 11.67 -33.91
CA LYS C 461 10.47 12.42 -32.76
C LYS C 461 9.98 11.48 -31.68
N MET C 462 9.60 10.27 -32.03
CA MET C 462 9.16 9.34 -31.00
C MET C 462 10.34 8.60 -30.39
N LYS C 463 11.35 8.29 -31.21
CA LYS C 463 12.59 7.76 -30.66
C LYS C 463 13.15 8.72 -29.61
N ARG C 464 13.33 9.98 -29.99
CA ARG C 464 13.76 10.99 -29.02
C ARG C 464 12.79 11.16 -27.84
N GLU C 465 11.48 10.89 -28.03
CA GLU C 465 10.52 11.11 -26.94
C GLU C 465 10.50 9.94 -25.96
N ILE C 466 10.16 8.76 -26.45
CA ILE C 466 9.83 7.63 -25.59
C ILE C 466 11.02 6.73 -25.24
N VAL C 467 12.04 6.63 -26.11
CA VAL C 467 13.12 5.64 -25.97
C VAL C 467 14.49 6.26 -25.70
N GLY C 468 14.64 7.58 -25.84
CA GLY C 468 15.90 8.22 -25.50
C GLY C 468 17.01 7.86 -26.45
N VAL C 469 16.67 7.64 -27.72
CA VAL C 469 17.62 7.25 -28.75
C VAL C 469 17.48 8.20 -29.92
N VAL C 470 18.61 8.72 -30.41
CA VAL C 470 18.60 9.69 -31.49
C VAL C 470 19.27 9.09 -32.71
N GLU C 471 18.96 9.62 -33.92
CA GLU C 471 19.56 9.13 -35.16
C GLU C 471 20.87 9.86 -35.46
N PRO C 472 21.97 9.11 -35.71
CA PRO C 472 23.29 9.75 -35.96
C PRO C 472 23.38 10.48 -37.29
N VAL C 473 22.45 10.21 -38.19
CA VAL C 473 22.44 10.82 -39.50
C VAL C 473 21.01 11.30 -39.74
N PRO C 474 20.77 12.52 -40.24
CA PRO C 474 19.40 12.89 -40.61
C PRO C 474 18.83 11.98 -41.69
N HIS C 475 17.50 11.79 -41.66
CA HIS C 475 16.73 10.95 -42.60
C HIS C 475 15.57 11.77 -43.14
N ASP C 476 14.77 11.19 -44.01
CA ASP C 476 13.69 11.99 -44.58
C ASP C 476 12.60 11.04 -45.04
N GLU C 477 11.79 11.52 -45.96
CA GLU C 477 10.61 10.78 -46.36
C GLU C 477 10.89 9.84 -47.53
N THR C 478 12.14 9.74 -47.91
CA THR C 478 12.57 8.69 -48.82
C THR C 478 13.05 7.46 -48.04
N TYR C 479 13.18 7.57 -46.72
CA TYR C 479 13.45 6.43 -45.87
C TYR C 479 12.15 5.83 -45.36
N CYS C 480 12.26 4.61 -44.84
CA CYS C 480 11.24 3.89 -44.09
C CYS C 480 12.05 3.03 -43.13
N ASP C 481 12.67 3.71 -42.16
CA ASP C 481 13.55 3.03 -41.21
C ASP C 481 12.87 1.93 -40.40
N PRO C 482 11.61 2.12 -39.95
CA PRO C 482 10.91 1.07 -39.23
C PRO C 482 10.86 -0.28 -39.96
N ALA C 483 10.77 -0.28 -41.29
CA ALA C 483 10.70 -1.51 -42.10
C ALA C 483 12.07 -2.16 -42.22
N ALA C 484 13.01 -1.71 -41.41
CA ALA C 484 14.34 -2.35 -41.39
C ALA C 484 14.27 -3.42 -40.31
N LEU C 485 13.13 -3.48 -39.64
CA LEU C 485 12.98 -4.57 -38.69
C LEU C 485 12.32 -5.75 -39.40
N PHE C 486 12.57 -6.95 -38.88
CA PHE C 486 12.04 -8.14 -39.51
C PHE C 486 10.52 -8.18 -39.38
N HIS C 487 10.00 -7.80 -38.21
CA HIS C 487 8.57 -7.87 -37.93
C HIS C 487 7.79 -6.78 -38.65
N VAL C 488 8.48 -5.73 -39.09
CA VAL C 488 7.84 -4.68 -39.85
C VAL C 488 7.80 -5.04 -41.35
N ALA C 489 8.87 -5.67 -41.85
CA ALA C 489 8.88 -6.14 -43.24
C ALA C 489 8.01 -7.37 -43.44
N ASN C 490 7.78 -8.15 -42.38
CA ASN C 490 7.03 -9.40 -42.47
C ASN C 490 5.63 -9.33 -41.81
N ASP C 491 5.09 -8.12 -41.58
CA ASP C 491 3.71 -7.93 -41.10
C ASP C 491 3.48 -8.81 -39.88
N TYR C 492 4.26 -8.55 -38.84
CA TYR C 492 4.07 -9.19 -37.55
C TYR C 492 3.78 -8.13 -36.52
N SER C 493 2.79 -8.38 -35.69
CA SER C 493 2.57 -7.50 -34.57
C SER C 493 3.80 -7.46 -33.67
N PHE C 494 3.82 -6.50 -32.76
CA PHE C 494 4.97 -6.30 -31.89
C PHE C 494 4.60 -6.06 -30.42
N ILE C 495 3.44 -5.49 -30.12
CA ILE C 495 3.00 -5.16 -28.77
C ILE C 495 3.03 -6.42 -27.92
N ARG C 496 3.11 -7.58 -28.59
CA ARG C 496 3.19 -8.87 -27.90
C ARG C 496 4.38 -8.88 -26.96
N TYR C 497 5.53 -8.43 -27.45
CA TYR C 497 6.71 -8.53 -26.62
C TYR C 497 6.54 -7.67 -25.37
N TYR C 498 6.02 -6.45 -25.55
CA TYR C 498 5.70 -5.60 -24.41
C TYR C 498 4.69 -6.28 -23.49
N THR C 499 3.61 -6.86 -24.05
CA THR C 499 2.65 -7.53 -23.16
C THR C 499 3.24 -8.82 -22.57
N ARG C 500 3.95 -9.62 -23.36
CA ARG C 500 4.59 -10.82 -22.82
C ARG C 500 5.42 -10.47 -21.59
N THR C 501 6.31 -9.49 -21.74
CA THR C 501 7.23 -9.13 -20.68
C THR C 501 6.49 -8.62 -19.45
N ILE C 502 5.26 -8.16 -19.59
CA ILE C 502 4.52 -7.77 -18.41
C ILE C 502 3.87 -8.98 -17.75
N TYR C 503 3.31 -9.88 -18.56
CA TYR C 503 2.68 -11.08 -18.04
C TYR C 503 3.67 -11.95 -17.31
N GLN C 504 4.87 -12.11 -17.86
CA GLN C 504 5.75 -13.13 -17.32
C GLN C 504 6.03 -12.89 -15.85
N PHE C 505 5.90 -11.65 -15.41
CA PHE C 505 6.22 -11.36 -14.02
C PHE C 505 4.99 -11.45 -13.11
N GLN C 506 3.80 -11.10 -13.58
CA GLN C 506 2.61 -11.53 -12.86
C GLN C 506 2.59 -13.05 -12.68
N PHE C 507 2.99 -13.76 -13.73
CA PHE C 507 3.12 -15.22 -13.67
C PHE C 507 4.15 -15.66 -12.65
N GLN C 508 5.39 -15.22 -12.84
CA GLN C 508 6.47 -15.65 -11.96
C GLN C 508 6.15 -15.39 -10.50
N GLU C 509 5.56 -14.23 -10.18
CA GLU C 509 5.22 -13.94 -8.79
C GLU C 509 4.15 -14.88 -8.26
N ALA C 510 3.14 -15.17 -9.08
CA ALA C 510 2.04 -16.03 -8.65
C ALA C 510 2.52 -17.45 -8.41
N LEU C 511 3.50 -17.91 -9.20
CA LEU C 511 3.99 -19.29 -9.16
C LEU C 511 5.03 -19.48 -8.06
N CYS C 512 5.84 -18.45 -7.79
CA CYS C 512 6.70 -18.40 -6.62
C CYS C 512 5.91 -18.23 -5.32
N LYS C 513 4.71 -17.65 -5.39
CA LYS C 513 3.75 -17.77 -4.29
C LYS C 513 3.51 -19.25 -4.00
N ALA C 514 2.99 -19.95 -5.00
CA ALA C 514 2.71 -21.38 -4.87
C ALA C 514 3.96 -22.20 -4.58
N ALA C 515 5.12 -21.69 -4.92
CA ALA C 515 6.33 -22.49 -4.80
C ALA C 515 6.94 -22.43 -3.40
N ASN C 516 6.38 -21.66 -2.47
CA ASN C 516 6.99 -21.47 -1.15
C ASN C 516 8.45 -21.02 -1.28
N HIS C 517 8.64 -19.92 -1.99
CA HIS C 517 9.93 -19.26 -2.01
C HIS C 517 9.70 -17.79 -1.69
N THR C 518 10.38 -17.31 -0.65
CA THR C 518 10.40 -15.92 -0.25
C THR C 518 11.75 -15.29 -0.57
N GLY C 519 11.78 -13.96 -0.69
CA GLY C 519 13.00 -13.24 -0.98
C GLY C 519 12.89 -12.45 -2.27
N PRO C 520 13.99 -11.83 -2.70
CA PRO C 520 13.99 -11.15 -4.00
C PRO C 520 13.44 -12.06 -5.07
N LEU C 521 12.60 -11.50 -5.92
CA LEU C 521 12.00 -12.38 -6.90
C LEU C 521 13.03 -12.88 -7.89
N HIS C 522 14.15 -12.15 -8.08
CA HIS C 522 15.16 -12.59 -9.04
C HIS C 522 15.71 -13.97 -8.68
N LYS C 523 15.60 -14.41 -7.43
CA LYS C 523 16.20 -15.65 -6.99
C LYS C 523 15.20 -16.81 -6.95
N CYS C 524 14.06 -16.72 -7.64
CA CYS C 524 13.07 -17.78 -7.60
C CYS C 524 13.23 -18.70 -8.80
N ASP C 525 13.52 -19.97 -8.51
CA ASP C 525 13.34 -21.13 -9.39
C ASP C 525 12.11 -21.91 -8.91
N ILE C 526 11.42 -22.55 -9.85
CA ILE C 526 10.20 -23.26 -9.48
C ILE C 526 10.33 -24.77 -9.75
N THR C 527 11.56 -25.25 -9.99
CA THR C 527 11.74 -26.69 -10.24
C THR C 527 11.32 -27.47 -8.99
N ASN C 528 10.93 -28.73 -9.23
CA ASN C 528 10.44 -29.64 -8.20
C ASN C 528 9.28 -29.04 -7.39
N SER C 529 8.45 -28.23 -8.02
CA SER C 529 7.28 -27.66 -7.36
C SER C 529 6.06 -28.09 -8.14
N THR C 530 5.70 -29.37 -7.98
CA THR C 530 4.50 -29.92 -8.57
C THR C 530 3.32 -28.97 -8.38
N ALA C 531 3.29 -28.32 -7.22
CA ALA C 531 2.29 -27.30 -6.90
C ALA C 531 2.34 -26.14 -7.90
N ALA C 532 3.50 -25.47 -8.00
CA ALA C 532 3.65 -24.40 -8.98
C ALA C 532 3.24 -24.89 -10.36
N GLY C 533 3.68 -26.07 -10.74
CA GLY C 533 3.38 -26.58 -12.07
C GLY C 533 1.94 -26.94 -12.29
N GLY C 534 1.25 -27.40 -11.24
CA GLY C 534 -0.17 -27.67 -11.37
C GLY C 534 -0.98 -26.42 -11.65
N ASN C 535 -0.68 -25.32 -10.96
CA ASN C 535 -1.32 -24.05 -11.29
C ASN C 535 -1.03 -23.68 -12.75
N LEU C 536 0.20 -23.90 -13.18
CA LEU C 536 0.55 -23.65 -14.57
C LEU C 536 -0.19 -24.58 -15.53
N ARG C 537 -0.51 -25.81 -15.10
CA ARG C 537 -1.30 -26.69 -15.96
C ARG C 537 -2.70 -26.15 -16.20
N GLN C 538 -3.36 -25.70 -15.14
CA GLN C 538 -4.76 -25.31 -15.27
C GLN C 538 -4.90 -24.00 -16.06
N LEU C 539 -3.90 -23.12 -16.00
CA LEU C 539 -3.79 -22.03 -16.97
C LEU C 539 -3.72 -22.66 -18.35
N LEU C 540 -2.64 -23.42 -18.58
CA LEU C 540 -2.25 -23.79 -19.93
C LEU C 540 -3.33 -24.60 -20.63
N GLU C 541 -4.03 -25.46 -19.88
CA GLU C 541 -5.04 -26.33 -20.46
C GLU C 541 -6.22 -25.55 -21.07
N LEU C 542 -6.30 -24.24 -20.85
CA LEU C 542 -7.45 -23.47 -21.31
C LEU C 542 -7.36 -23.15 -22.80
N GLY C 543 -6.18 -22.78 -23.28
CA GLY C 543 -6.10 -22.25 -24.63
C GLY C 543 -6.82 -20.93 -24.70
N LYS C 544 -7.97 -20.90 -25.38
CA LYS C 544 -8.72 -19.68 -25.63
C LYS C 544 -10.16 -19.86 -25.23
N SER C 545 -10.48 -20.94 -24.52
CA SER C 545 -11.87 -21.20 -24.14
C SER C 545 -12.43 -20.05 -23.33
N LYS C 546 -11.68 -19.57 -22.37
CA LYS C 546 -12.09 -18.51 -21.49
C LYS C 546 -11.31 -17.24 -21.80
N PRO C 547 -11.78 -16.08 -21.35
CA PRO C 547 -11.09 -14.82 -21.65
C PRO C 547 -9.74 -14.69 -20.93
N TRP C 548 -8.84 -13.91 -21.54
CA TRP C 548 -7.52 -13.76 -20.94
C TRP C 548 -7.62 -13.04 -19.62
N THR C 549 -8.43 -11.99 -19.57
CA THR C 549 -8.61 -11.28 -18.31
C THR C 549 -8.92 -12.30 -17.24
N GLN C 550 -9.75 -13.28 -17.57
CA GLN C 550 -10.09 -14.31 -16.59
C GLN C 550 -8.96 -15.31 -16.38
N ALA C 551 -8.22 -15.67 -17.45
CA ALA C 551 -7.04 -16.50 -17.24
C ALA C 551 -6.09 -15.84 -16.25
N LEU C 552 -5.80 -14.55 -16.43
CA LEU C 552 -4.80 -13.90 -15.58
C LEU C 552 -5.24 -13.93 -14.12
N GLU C 553 -6.54 -13.74 -13.88
CA GLU C 553 -7.08 -13.81 -12.52
C GLU C 553 -6.85 -15.18 -11.90
N SER C 554 -7.21 -16.24 -12.61
CA SER C 554 -7.16 -17.58 -12.05
C SER C 554 -5.72 -18.05 -11.82
N ALA C 555 -4.73 -17.35 -12.39
CA ALA C 555 -3.34 -17.75 -12.27
C ALA C 555 -2.52 -16.77 -11.42
N THR C 556 -2.76 -15.47 -11.54
CA THR C 556 -2.05 -14.46 -10.76
C THR C 556 -2.89 -13.77 -9.69
N GLY C 557 -4.21 -13.87 -9.75
CA GLY C 557 -5.09 -13.09 -8.94
C GLY C 557 -5.67 -11.85 -9.62
N GLU C 558 -5.03 -11.33 -10.65
CA GLU C 558 -5.40 -10.04 -11.22
C GLU C 558 -5.96 -10.25 -12.62
N LYS C 559 -6.78 -9.29 -13.10
CA LYS C 559 -7.33 -9.40 -14.45
C LYS C 559 -6.61 -8.57 -15.50
N TYR C 560 -5.85 -7.55 -15.10
CA TYR C 560 -5.29 -6.63 -16.07
C TYR C 560 -3.76 -6.63 -15.99
N MET C 561 -3.15 -6.23 -17.10
CA MET C 561 -1.69 -6.09 -17.16
C MET C 561 -1.20 -5.22 -16.01
N ASN C 562 -0.12 -5.66 -15.37
CA ASN C 562 0.39 -5.03 -14.16
C ASN C 562 1.91 -5.00 -14.18
N ALA C 563 2.48 -3.78 -14.26
CA ALA C 563 3.94 -3.65 -14.29
C ALA C 563 4.60 -3.98 -12.95
N THR C 564 3.79 -4.22 -11.90
CA THR C 564 4.33 -4.27 -10.54
C THR C 564 5.23 -5.48 -10.29
N PRO C 565 4.81 -6.72 -10.55
CA PRO C 565 5.75 -7.81 -10.31
C PRO C 565 7.03 -7.62 -11.08
N LEU C 566 6.96 -6.98 -12.26
CA LEU C 566 8.20 -6.67 -12.97
C LEU C 566 8.98 -5.62 -12.21
N LEU C 567 8.30 -4.76 -11.45
CA LEU C 567 9.00 -3.77 -10.65
C LEU C 567 9.69 -4.44 -9.47
N HIS C 568 9.00 -5.39 -8.83
CA HIS C 568 9.60 -6.14 -7.72
C HIS C 568 10.85 -6.90 -8.19
N TYR C 569 10.74 -7.61 -9.31
CA TYR C 569 11.86 -8.40 -9.84
C TYR C 569 13.14 -7.59 -9.91
N PHE C 570 13.10 -6.47 -10.60
CA PHE C 570 14.26 -5.62 -10.83
C PHE C 570 14.52 -4.62 -9.72
N GLU C 571 13.61 -4.53 -8.73
CA GLU C 571 13.74 -3.59 -7.60
C GLU C 571 15.16 -3.46 -7.07
N PRO C 572 15.89 -4.52 -6.76
CA PRO C 572 17.30 -4.31 -6.38
C PRO C 572 18.10 -3.56 -7.43
N LEU C 573 18.01 -3.90 -8.70
CA LEU C 573 18.84 -3.10 -9.63
C LEU C 573 18.39 -1.66 -9.54
N PHE C 574 17.08 -1.47 -9.46
CA PHE C 574 16.56 -0.09 -9.50
C PHE C 574 17.07 0.75 -8.32
N ASN C 575 17.41 0.15 -7.17
CA ASN C 575 17.94 0.98 -6.07
C ASN C 575 19.41 1.20 -6.34
N TRP C 576 20.07 0.17 -6.87
CA TRP C 576 21.48 0.28 -7.20
C TRP C 576 21.69 1.30 -8.30
N LEU C 577 20.78 1.33 -9.27
CA LEU C 577 20.93 2.30 -10.35
C LEU C 577 20.78 3.71 -9.83
N GLN C 578 20.07 3.89 -8.73
CA GLN C 578 19.91 5.25 -8.24
C GLN C 578 21.18 5.73 -7.56
N LYS C 579 21.83 4.83 -6.79
CA LYS C 579 23.07 5.19 -6.10
C LYS C 579 24.22 5.44 -7.05
N ASN C 580 24.35 4.55 -8.03
CA ASN C 580 25.49 4.62 -8.95
C ASN C 580 25.11 5.55 -10.08
N ASN C 581 24.15 6.44 -9.87
CA ASN C 581 23.71 7.41 -10.89
C ASN C 581 23.59 8.71 -10.14
N SER C 582 24.63 9.09 -9.43
CA SER C 582 24.50 10.25 -8.52
C SER C 582 24.81 11.57 -9.23
N GLY C 583 26.07 11.84 -9.51
CA GLY C 583 26.35 13.14 -10.06
C GLY C 583 25.95 13.12 -11.52
N ARG C 584 24.83 12.43 -11.77
CA ARG C 584 24.38 12.24 -13.16
C ARG C 584 22.97 12.78 -13.36
N SER C 585 22.36 12.41 -14.48
CA SER C 585 21.00 12.90 -14.82
C SER C 585 20.07 11.72 -15.04
N ILE C 586 18.78 11.91 -14.80
CA ILE C 586 17.78 10.82 -15.03
C ILE C 586 16.87 11.31 -16.15
N GLY C 587 17.33 11.22 -17.41
CA GLY C 587 16.55 11.71 -18.55
C GLY C 587 17.39 11.96 -19.80
N TRP C 588 16.90 12.75 -20.74
CA TRP C 588 17.57 13.04 -22.00
C TRP C 588 17.03 14.33 -22.62
N ASN C 589 17.94 15.11 -23.21
CA ASN C 589 17.57 16.25 -24.05
C ASN C 589 17.19 15.76 -25.45
N THR C 590 15.96 16.07 -25.89
CA THR C 590 15.53 15.63 -27.21
C THR C 590 16.15 16.46 -28.34
N ASP C 591 16.66 17.66 -28.03
CA ASP C 591 17.11 18.58 -29.07
C ASP C 591 18.45 18.17 -29.67
N TRP C 592 19.38 17.69 -28.84
CA TRP C 592 20.73 17.41 -29.31
C TRP C 592 20.78 16.11 -30.13
N THR C 593 21.48 16.18 -31.24
CA THR C 593 21.80 15.05 -32.11
C THR C 593 23.26 15.15 -32.49
N PRO C 594 23.89 14.03 -32.88
CA PRO C 594 25.34 14.04 -33.15
C PRO C 594 25.73 14.82 -34.39
N TYR C 595 24.76 15.30 -35.14
CA TYR C 595 24.98 16.13 -36.31
C TYR C 595 24.47 17.56 -36.15
N SER C 596 23.63 17.84 -35.15
CA SER C 596 23.17 19.21 -34.89
C SER C 596 23.87 19.75 -33.63
#